data_2DB6
#
_entry.id   2DB6
#
_cell.length_a   1.000
_cell.length_b   1.000
_cell.length_c   1.000
_cell.angle_alpha   90.00
_cell.angle_beta   90.00
_cell.angle_gamma   90.00
#
_symmetry.space_group_name_H-M   'P 1'
#
loop_
_entity.id
_entity.type
_entity.pdbx_description
1 polymer 'SH3 and cysteine rich domain 3'
2 non-polymer 'ZINC ION'
#
_entity_poly.entity_id   1
_entity_poly.type   'polypeptide(L)'
_entity_poly.pdbx_seq_one_letter_code
;GSSGSSGEPPKLVNDKPHKFKDHFFKKPKFCDVCARMIVLNNKFGLRCKNCKTNIHEHCQSYVEMQRCSGPSSG
;
_entity_poly.pdbx_strand_id   A
#
loop_
_chem_comp.id
_chem_comp.type
_chem_comp.name
_chem_comp.formula
ZN non-polymer 'ZINC ION' 'Zn 2'
#
# COMPACT_ATOMS: atom_id res chain seq x y z
N GLY A 1 0.85 -29.17 -14.29
CA GLY A 1 0.82 -28.58 -12.97
C GLY A 1 0.46 -29.59 -11.90
N SER A 2 -0.45 -29.21 -11.01
CA SER A 2 -0.89 -30.08 -9.93
C SER A 2 0.31 -30.60 -9.13
N SER A 3 1.26 -29.72 -8.87
CA SER A 3 2.46 -30.08 -8.12
C SER A 3 2.80 -29.02 -7.08
N GLY A 4 3.46 -29.44 -6.01
CA GLY A 4 3.84 -28.52 -4.95
C GLY A 4 3.02 -28.72 -3.69
N SER A 5 3.14 -29.90 -3.09
CA SER A 5 2.41 -30.21 -1.87
C SER A 5 2.73 -29.22 -0.76
N SER A 6 3.99 -29.23 -0.33
CA SER A 6 4.44 -28.33 0.73
C SER A 6 5.89 -27.94 0.53
N GLY A 7 6.37 -27.02 1.38
CA GLY A 7 7.75 -26.58 1.28
C GLY A 7 7.87 -25.06 1.26
N GLU A 8 7.26 -24.41 2.25
CA GLU A 8 7.30 -22.96 2.34
C GLU A 8 7.19 -22.51 3.80
N PRO A 9 7.72 -21.31 4.09
CA PRO A 9 7.69 -20.74 5.44
C PRO A 9 6.28 -20.32 5.86
N PRO A 10 6.12 -19.99 7.15
CA PRO A 10 4.83 -19.57 7.71
C PRO A 10 4.40 -18.20 7.20
N LYS A 11 3.27 -18.16 6.51
CA LYS A 11 2.74 -16.90 5.99
C LYS A 11 2.12 -16.06 7.08
N LEU A 12 2.94 -15.23 7.72
CA LEU A 12 2.46 -14.36 8.79
C LEU A 12 2.85 -12.91 8.55
N VAL A 13 2.06 -12.22 7.72
CA VAL A 13 2.32 -10.83 7.41
C VAL A 13 1.09 -9.96 7.63
N ASN A 14 0.01 -10.28 6.91
CA ASN A 14 -1.24 -9.53 7.03
C ASN A 14 -2.33 -10.18 6.19
N ASP A 15 -3.58 -9.93 6.57
CA ASP A 15 -4.73 -10.48 5.86
C ASP A 15 -4.82 -9.89 4.45
N LYS A 16 -5.11 -8.60 4.38
CA LYS A 16 -5.23 -7.91 3.09
C LYS A 16 -4.37 -6.65 3.06
N PRO A 17 -3.05 -6.85 2.93
CA PRO A 17 -2.09 -5.75 2.88
C PRO A 17 -2.19 -4.95 1.60
N HIS A 18 -2.13 -3.62 1.73
CA HIS A 18 -2.23 -2.74 0.57
C HIS A 18 -1.21 -3.14 -0.50
N LYS A 19 -1.55 -2.87 -1.76
CA LYS A 19 -0.67 -3.19 -2.87
C LYS A 19 -0.42 -1.97 -3.75
N PHE A 20 0.55 -1.15 -3.35
CA PHE A 20 0.88 0.06 -4.10
C PHE A 20 1.94 -0.24 -5.15
N LYS A 21 2.13 0.70 -6.07
CA LYS A 21 3.12 0.54 -7.13
C LYS A 21 3.74 1.88 -7.50
N ASP A 22 5.04 1.86 -7.81
CA ASP A 22 5.76 3.07 -8.17
C ASP A 22 5.10 3.76 -9.35
N HIS A 23 4.38 4.84 -9.08
CA HIS A 23 3.70 5.59 -10.13
C HIS A 23 3.79 7.10 -9.86
N PHE A 24 3.63 7.89 -10.91
CA PHE A 24 3.69 9.34 -10.80
C PHE A 24 2.29 9.95 -10.83
N PHE A 25 1.95 10.70 -9.79
CA PHE A 25 0.63 11.34 -9.71
C PHE A 25 0.63 12.67 -10.47
N LYS A 26 -0.09 12.69 -11.58
CA LYS A 26 -0.18 13.89 -12.40
C LYS A 26 -0.47 15.12 -11.54
N LYS A 27 -1.25 14.93 -10.49
CA LYS A 27 -1.60 16.01 -9.58
C LYS A 27 -1.12 15.71 -8.16
N PRO A 28 -0.87 16.77 -7.38
CA PRO A 28 -0.41 16.65 -5.99
C PRO A 28 -1.48 16.09 -5.07
N LYS A 29 -1.37 14.82 -4.72
CA LYS A 29 -2.33 14.16 -3.85
C LYS A 29 -1.93 14.32 -2.39
N PHE A 30 -2.82 13.93 -1.48
CA PHE A 30 -2.55 14.03 -0.05
C PHE A 30 -2.45 12.64 0.58
N CYS A 31 -1.49 12.47 1.47
CA CYS A 31 -1.28 11.20 2.15
C CYS A 31 -2.41 10.91 3.12
N ASP A 32 -2.54 9.65 3.52
CA ASP A 32 -3.58 9.23 4.46
C ASP A 32 -3.00 8.96 5.83
N VAL A 33 -1.68 8.78 5.88
CA VAL A 33 -0.99 8.51 7.14
C VAL A 33 -0.36 9.77 7.71
N CYS A 34 0.48 10.43 6.91
CA CYS A 34 1.14 11.65 7.34
C CYS A 34 0.26 12.86 7.08
N ALA A 35 -0.47 12.83 5.97
CA ALA A 35 -1.36 13.93 5.61
C ALA A 35 -0.57 15.13 5.08
N ARG A 36 0.40 14.85 4.21
CA ARG A 36 1.23 15.90 3.64
C ARG A 36 1.23 15.81 2.11
N MET A 37 0.91 16.93 1.46
CA MET A 37 0.88 16.98 0.00
C MET A 37 2.08 16.27 -0.59
N ILE A 38 1.82 15.25 -1.41
CA ILE A 38 2.89 14.49 -2.04
C ILE A 38 3.38 15.19 -3.32
N VAL A 39 4.35 16.07 -3.15
CA VAL A 39 4.90 16.79 -4.30
C VAL A 39 6.39 16.48 -4.48
N LEU A 40 7.04 16.08 -3.39
CA LEU A 40 8.46 15.74 -3.43
C LEU A 40 8.73 14.66 -4.47
N ASN A 41 9.99 14.54 -4.89
CA ASN A 41 10.38 13.55 -5.88
C ASN A 41 9.49 13.63 -7.11
N ASN A 42 9.16 14.85 -7.52
CA ASN A 42 8.32 15.06 -8.69
C ASN A 42 7.01 14.30 -8.56
N LYS A 43 6.41 14.35 -7.37
CA LYS A 43 5.15 13.68 -7.11
C LYS A 43 5.30 12.16 -7.28
N PHE A 44 6.37 11.61 -6.73
CA PHE A 44 6.63 10.18 -6.82
C PHE A 44 6.39 9.50 -5.48
N GLY A 45 5.31 8.72 -5.40
CA GLY A 45 4.98 8.03 -4.17
C GLY A 45 4.52 6.61 -4.41
N LEU A 46 3.43 6.21 -3.75
CA LEU A 46 2.89 4.87 -3.90
C LEU A 46 1.37 4.91 -4.03
N ARG A 47 0.87 4.36 -5.14
CA ARG A 47 -0.57 4.32 -5.39
C ARG A 47 -1.10 2.89 -5.30
N CYS A 48 -2.13 2.71 -4.46
CA CYS A 48 -2.74 1.39 -4.29
C CYS A 48 -3.66 1.06 -5.45
N LYS A 49 -3.56 -0.16 -5.95
CA LYS A 49 -4.39 -0.60 -7.06
C LYS A 49 -5.70 -1.18 -6.56
N ASN A 50 -6.01 -0.92 -5.29
CA ASN A 50 -7.24 -1.42 -4.68
C ASN A 50 -8.09 -0.26 -4.16
N CYS A 51 -7.54 0.49 -3.20
CA CYS A 51 -8.26 1.62 -2.62
C CYS A 51 -7.92 2.91 -3.36
N LYS A 52 -6.86 2.87 -4.15
CA LYS A 52 -6.43 4.02 -4.93
C LYS A 52 -6.01 5.16 -4.00
N THR A 53 -5.15 4.84 -3.03
CA THR A 53 -4.67 5.83 -2.08
C THR A 53 -3.26 6.29 -2.43
N ASN A 54 -2.80 7.36 -1.79
CA ASN A 54 -1.47 7.89 -2.03
C ASN A 54 -0.68 8.01 -0.73
N ILE A 55 0.52 7.46 -0.72
CA ILE A 55 1.37 7.50 0.46
C ILE A 55 2.84 7.57 0.07
N HIS A 56 3.63 8.28 0.86
CA HIS A 56 5.07 8.42 0.61
C HIS A 56 5.77 7.08 0.76
N GLU A 57 6.96 6.96 0.19
CA GLU A 57 7.74 5.74 0.26
C GLU A 57 7.94 5.30 1.71
N HIS A 58 7.70 6.22 2.63
CA HIS A 58 7.84 5.93 4.06
C HIS A 58 6.48 5.78 4.73
N CYS A 59 5.47 6.41 4.15
CA CYS A 59 4.11 6.35 4.69
C CYS A 59 3.48 5.00 4.38
N GLN A 60 4.25 4.11 3.78
CA GLN A 60 3.76 2.77 3.43
C GLN A 60 4.05 1.78 4.54
N SER A 61 5.23 1.88 5.13
CA SER A 61 5.63 0.98 6.22
C SER A 61 4.56 0.91 7.29
N TYR A 62 3.96 2.06 7.58
CA TYR A 62 2.90 2.14 8.60
C TYR A 62 1.65 1.42 8.14
N VAL A 63 1.47 1.32 6.82
CA VAL A 63 0.31 0.67 6.24
C VAL A 63 0.72 -0.56 5.42
N GLU A 64 1.78 -1.23 5.87
CA GLU A 64 2.28 -2.41 5.17
C GLU A 64 1.41 -3.63 5.49
N MET A 65 0.93 -3.71 6.72
CA MET A 65 0.10 -4.82 7.15
C MET A 65 -1.29 -4.34 7.55
N GLN A 66 -1.78 -3.32 6.85
CA GLN A 66 -3.09 -2.76 7.13
C GLN A 66 -4.11 -3.22 6.10
N ARG A 67 -5.21 -3.80 6.58
CA ARG A 67 -6.27 -4.29 5.70
C ARG A 67 -6.71 -3.20 4.72
N CYS A 68 -6.59 -3.50 3.43
CA CYS A 68 -6.96 -2.54 2.39
C CYS A 68 -8.48 -2.36 2.35
N SER A 69 -8.94 -1.13 2.50
CA SER A 69 -10.37 -0.83 2.48
C SER A 69 -10.61 0.64 2.15
N GLY A 70 -11.06 0.89 0.91
CA GLY A 70 -11.31 2.25 0.48
C GLY A 70 -12.66 2.39 -0.19
N PRO A 71 -13.37 3.49 0.11
CA PRO A 71 -14.69 3.77 -0.45
C PRO A 71 -14.62 4.11 -1.95
N SER A 72 -15.79 4.20 -2.57
CA SER A 72 -15.86 4.51 -4.00
C SER A 72 -16.76 5.73 -4.25
N SER A 73 -16.20 6.92 -4.06
CA SER A 73 -16.95 8.15 -4.27
C SER A 73 -16.40 8.94 -5.45
N GLY A 74 -17.08 8.84 -6.58
CA GLY A 74 -16.65 9.55 -7.77
C GLY A 74 -16.06 8.62 -8.81
ZN ZN B . -5.22 -0.19 -0.55
ZN ZN C . 3.23 10.89 3.36
N GLY A 1 18.28 -40.41 1.46
CA GLY A 1 18.28 -39.43 2.53
C GLY A 1 17.12 -39.61 3.50
N SER A 2 16.87 -38.60 4.31
CA SER A 2 15.78 -38.65 5.28
C SER A 2 15.22 -37.27 5.56
N SER A 3 13.97 -37.21 6.00
CA SER A 3 13.32 -35.94 6.31
C SER A 3 12.03 -36.17 7.10
N GLY A 4 11.64 -35.15 7.87
CA GLY A 4 10.44 -35.27 8.66
C GLY A 4 9.85 -33.91 9.01
N SER A 5 9.20 -33.27 8.03
CA SER A 5 8.60 -31.96 8.24
C SER A 5 7.08 -32.04 8.12
N SER A 6 6.41 -30.99 8.56
CA SER A 6 4.95 -30.92 8.50
C SER A 6 4.48 -29.59 7.94
N GLY A 7 3.26 -29.57 7.43
CA GLY A 7 2.71 -28.34 6.86
C GLY A 7 2.22 -27.38 7.93
N GLU A 8 3.03 -27.20 8.97
CA GLU A 8 2.67 -26.31 10.06
C GLU A 8 2.39 -24.91 9.53
N PRO A 9 1.21 -24.37 9.88
CA PRO A 9 0.79 -23.03 9.46
C PRO A 9 1.59 -21.94 10.14
N PRO A 10 2.12 -21.00 9.34
CA PRO A 10 2.91 -19.87 9.84
C PRO A 10 2.07 -18.87 10.61
N LYS A 11 2.70 -17.79 11.06
CA LYS A 11 2.00 -16.75 11.81
C LYS A 11 1.56 -15.62 10.88
N LEU A 12 0.32 -15.18 11.06
CA LEU A 12 -0.23 -14.10 10.25
C LEU A 12 -1.57 -13.62 10.81
N VAL A 13 -1.72 -12.30 10.92
CA VAL A 13 -2.95 -11.72 11.44
C VAL A 13 -3.69 -10.96 10.35
N ASN A 14 -2.98 -10.09 9.65
CA ASN A 14 -3.57 -9.29 8.57
C ASN A 14 -4.29 -10.19 7.58
N ASP A 15 -5.18 -9.59 6.78
CA ASP A 15 -5.93 -10.33 5.78
C ASP A 15 -5.50 -9.94 4.37
N LYS A 16 -5.88 -8.74 3.95
CA LYS A 16 -5.53 -8.23 2.63
C LYS A 16 -4.68 -6.97 2.73
N PRO A 17 -3.35 -7.14 2.67
CA PRO A 17 -2.40 -6.03 2.75
C PRO A 17 -2.44 -5.14 1.51
N HIS A 18 -2.37 -3.83 1.72
CA HIS A 18 -2.40 -2.87 0.62
C HIS A 18 -1.35 -3.22 -0.42
N LYS A 19 -1.68 -2.99 -1.69
CA LYS A 19 -0.76 -3.28 -2.78
C LYS A 19 -0.48 -2.02 -3.61
N PHE A 20 0.54 -1.28 -3.21
CA PHE A 20 0.91 -0.05 -3.90
C PHE A 20 1.98 -0.33 -4.95
N LYS A 21 2.26 0.68 -5.78
CA LYS A 21 3.26 0.54 -6.83
C LYS A 21 3.85 1.91 -7.20
N ASP A 22 5.16 1.94 -7.43
CA ASP A 22 5.83 3.17 -7.80
C ASP A 22 5.21 3.79 -9.04
N HIS A 23 4.37 4.81 -8.83
CA HIS A 23 3.71 5.49 -9.94
C HIS A 23 3.62 7.00 -9.68
N PHE A 24 3.90 7.78 -10.71
CA PHE A 24 3.85 9.24 -10.60
C PHE A 24 2.44 9.76 -10.81
N PHE A 25 1.97 10.57 -9.87
CA PHE A 25 0.62 11.14 -9.94
C PHE A 25 0.63 12.44 -10.73
N LYS A 26 -0.13 12.46 -11.82
CA LYS A 26 -0.22 13.64 -12.67
C LYS A 26 -0.52 14.89 -11.85
N LYS A 27 -1.29 14.70 -10.78
CA LYS A 27 -1.65 15.81 -9.90
C LYS A 27 -1.18 15.55 -8.47
N PRO A 28 -0.99 16.63 -7.70
CA PRO A 28 -0.53 16.54 -6.31
C PRO A 28 -1.61 15.95 -5.39
N LYS A 29 -1.29 14.84 -4.75
CA LYS A 29 -2.22 14.18 -3.84
C LYS A 29 -1.73 14.26 -2.40
N PHE A 30 -2.65 14.21 -1.45
CA PHE A 30 -2.31 14.26 -0.03
C PHE A 30 -2.25 12.86 0.57
N CYS A 31 -1.23 12.61 1.38
CA CYS A 31 -1.08 11.31 2.02
C CYS A 31 -2.22 11.03 2.99
N ASP A 32 -2.32 9.78 3.43
CA ASP A 32 -3.37 9.38 4.36
C ASP A 32 -2.79 9.09 5.74
N VAL A 33 -1.48 8.89 5.80
CA VAL A 33 -0.80 8.60 7.06
C VAL A 33 -0.13 9.85 7.63
N CYS A 34 0.70 10.49 6.82
CA CYS A 34 1.40 11.70 7.24
C CYS A 34 0.55 12.93 7.00
N ALA A 35 -0.34 12.86 6.01
CA ALA A 35 -1.23 13.96 5.67
C ALA A 35 -0.43 15.14 5.11
N ARG A 36 0.53 14.83 4.24
CA ARG A 36 1.36 15.86 3.63
C ARG A 36 1.35 15.73 2.11
N MET A 37 1.04 16.84 1.43
CA MET A 37 0.99 16.85 -0.02
C MET A 37 2.25 16.23 -0.61
N ILE A 38 2.08 15.27 -1.52
CA ILE A 38 3.19 14.60 -2.16
C ILE A 38 3.62 15.33 -3.42
N VAL A 39 4.65 16.16 -3.30
CA VAL A 39 5.17 16.93 -4.44
C VAL A 39 6.68 16.88 -4.49
N LEU A 40 7.31 16.80 -3.32
CA LEU A 40 8.76 16.74 -3.24
C LEU A 40 9.35 15.81 -4.29
N ASN A 41 8.85 14.57 -4.32
CA ASN A 41 9.31 13.59 -5.28
C ASN A 41 8.54 13.68 -6.59
N ASN A 42 8.56 14.87 -7.19
CA ASN A 42 7.84 15.10 -8.44
C ASN A 42 6.49 14.40 -8.45
N LYS A 43 5.82 14.43 -7.29
CA LYS A 43 4.51 13.80 -7.16
C LYS A 43 4.61 12.30 -7.38
N PHE A 44 5.52 11.66 -6.67
CA PHE A 44 5.72 10.22 -6.78
C PHE A 44 5.80 9.57 -5.40
N GLY A 45 5.25 8.36 -5.29
CA GLY A 45 5.26 7.66 -4.02
C GLY A 45 4.78 6.23 -4.15
N LEU A 46 3.57 5.97 -3.67
CA LEU A 46 2.99 4.62 -3.74
C LEU A 46 1.47 4.69 -3.81
N ARG A 47 0.91 4.20 -4.92
CA ARG A 47 -0.53 4.20 -5.11
C ARG A 47 -1.09 2.78 -5.04
N CYS A 48 -2.08 2.59 -4.16
CA CYS A 48 -2.70 1.27 -3.99
C CYS A 48 -3.58 0.94 -5.19
N LYS A 49 -3.42 -0.27 -5.70
CA LYS A 49 -4.21 -0.73 -6.85
C LYS A 49 -5.55 -1.29 -6.41
N ASN A 50 -5.96 -0.92 -5.19
CA ASN A 50 -7.23 -1.39 -4.65
C ASN A 50 -8.06 -0.22 -4.11
N CYS A 51 -7.49 0.52 -3.17
CA CYS A 51 -8.17 1.67 -2.58
C CYS A 51 -7.75 2.96 -3.27
N LYS A 52 -6.62 2.91 -3.96
CA LYS A 52 -6.11 4.09 -4.67
C LYS A 52 -5.73 5.19 -3.69
N THR A 53 -4.87 4.85 -2.73
CA THR A 53 -4.43 5.82 -1.74
C THR A 53 -2.99 6.27 -2.01
N ASN A 54 -2.72 7.54 -1.71
CA ASN A 54 -1.38 8.09 -1.93
C ASN A 54 -0.59 8.10 -0.62
N ILE A 55 0.65 7.60 -0.69
CA ILE A 55 1.51 7.56 0.48
C ILE A 55 2.99 7.57 0.07
N HIS A 56 3.81 8.28 0.84
CA HIS A 56 5.23 8.37 0.56
C HIS A 56 5.90 7.01 0.73
N GLU A 57 7.10 6.87 0.16
CA GLU A 57 7.85 5.62 0.24
C GLU A 57 8.05 5.21 1.69
N HIS A 58 7.77 6.13 2.61
CA HIS A 58 7.91 5.86 4.04
C HIS A 58 6.55 5.76 4.73
N CYS A 59 5.54 6.36 4.10
CA CYS A 59 4.19 6.35 4.64
C CYS A 59 3.51 5.01 4.38
N GLN A 60 4.25 4.08 3.79
CA GLN A 60 3.72 2.76 3.48
C GLN A 60 4.04 1.76 4.58
N SER A 61 5.19 1.94 5.21
CA SER A 61 5.63 1.06 6.28
C SER A 61 4.53 0.91 7.34
N TYR A 62 3.72 1.94 7.48
CA TYR A 62 2.63 1.93 8.46
C TYR A 62 1.38 1.28 7.87
N VAL A 63 1.29 1.29 6.54
CA VAL A 63 0.14 0.71 5.85
C VAL A 63 0.58 -0.38 4.88
N GLU A 64 1.60 -1.14 5.28
CA GLU A 64 2.11 -2.23 4.47
C GLU A 64 1.33 -3.52 4.70
N MET A 65 0.73 -3.62 5.88
CA MET A 65 -0.05 -4.81 6.24
C MET A 65 -1.41 -4.41 6.80
N GLN A 66 -1.95 -3.31 6.30
CA GLN A 66 -3.25 -2.82 6.75
C GLN A 66 -4.37 -3.32 5.85
N ARG A 67 -5.46 -3.78 6.45
CA ARG A 67 -6.60 -4.29 5.70
C ARG A 67 -7.12 -3.23 4.73
N CYS A 68 -6.99 -3.51 3.43
CA CYS A 68 -7.45 -2.59 2.40
C CYS A 68 -8.94 -2.76 2.14
N SER A 69 -9.74 -1.86 2.69
CA SER A 69 -11.19 -1.92 2.52
C SER A 69 -11.56 -2.09 1.05
N GLY A 70 -11.13 -1.14 0.23
CA GLY A 70 -11.42 -1.20 -1.20
C GLY A 70 -12.92 -1.20 -1.48
N PRO A 71 -13.54 -0.02 -1.30
CA PRO A 71 -14.98 0.15 -1.54
C PRO A 71 -15.34 0.07 -3.02
N SER A 72 -14.34 -0.20 -3.85
CA SER A 72 -14.54 -0.30 -5.29
C SER A 72 -14.83 -1.74 -5.71
N SER A 73 -13.92 -2.64 -5.35
CA SER A 73 -14.07 -4.05 -5.67
C SER A 73 -15.11 -4.71 -4.78
N GLY A 74 -15.78 -5.74 -5.31
CA GLY A 74 -16.79 -6.44 -4.54
C GLY A 74 -17.86 -7.05 -5.42
ZN ZN B . -5.27 -0.17 -0.31
ZN ZN C . 3.44 10.90 3.25
N GLY A 1 23.95 -35.27 0.59
CA GLY A 1 23.20 -34.30 -0.19
C GLY A 1 21.93 -33.87 0.50
N SER A 2 21.59 -32.59 0.37
CA SER A 2 20.38 -32.05 0.99
C SER A 2 20.01 -30.71 0.38
N SER A 3 18.76 -30.31 0.54
CA SER A 3 18.28 -29.04 0.01
C SER A 3 18.05 -28.03 1.13
N GLY A 4 17.19 -28.38 2.07
CA GLY A 4 16.90 -27.49 3.18
C GLY A 4 15.84 -26.46 2.84
N SER A 5 14.82 -26.35 3.69
CA SER A 5 13.75 -25.40 3.48
C SER A 5 12.83 -25.33 4.69
N SER A 6 12.47 -24.12 5.09
CA SER A 6 11.60 -23.91 6.25
C SER A 6 11.15 -22.46 6.33
N GLY A 7 10.15 -22.21 7.17
CA GLY A 7 9.63 -20.85 7.33
C GLY A 7 8.35 -20.82 8.14
N GLU A 8 7.91 -19.61 8.49
CA GLU A 8 6.69 -19.44 9.26
C GLU A 8 6.32 -17.97 9.38
N PRO A 9 5.05 -17.65 9.09
CA PRO A 9 4.55 -16.27 9.17
C PRO A 9 4.45 -15.76 10.60
N PRO A 10 4.90 -14.51 10.82
CA PRO A 10 4.87 -13.88 12.14
C PRO A 10 3.46 -13.57 12.60
N LYS A 11 3.30 -13.32 13.90
CA LYS A 11 1.99 -13.01 14.47
C LYS A 11 1.47 -11.68 13.93
N LEU A 12 0.85 -11.72 12.76
CA LEU A 12 0.30 -10.52 12.14
C LEU A 12 -1.18 -10.71 11.80
N VAL A 13 -2.01 -9.83 12.34
CA VAL A 13 -3.46 -9.90 12.09
C VAL A 13 -3.81 -9.23 10.77
N ASN A 14 -3.04 -9.55 9.73
CA ASN A 14 -3.28 -8.97 8.41
C ASN A 14 -3.59 -10.07 7.40
N ASP A 15 -4.64 -9.85 6.59
CA ASP A 15 -5.04 -10.81 5.59
C ASP A 15 -4.66 -10.33 4.19
N LYS A 16 -5.13 -9.14 3.83
CA LYS A 16 -4.84 -8.56 2.53
C LYS A 16 -4.15 -7.20 2.67
N PRO A 17 -2.82 -7.21 2.73
CA PRO A 17 -2.02 -5.98 2.86
C PRO A 17 -2.06 -5.12 1.60
N HIS A 18 -2.21 -3.82 1.78
CA HIS A 18 -2.27 -2.89 0.66
C HIS A 18 -1.20 -3.23 -0.38
N LYS A 19 -1.55 -3.08 -1.66
CA LYS A 19 -0.62 -3.37 -2.75
C LYS A 19 -0.37 -2.13 -3.59
N PHE A 20 0.61 -1.33 -3.18
CA PHE A 20 0.95 -0.10 -3.89
C PHE A 20 2.01 -0.39 -4.96
N LYS A 21 2.13 0.53 -5.91
CA LYS A 21 3.09 0.39 -7.00
C LYS A 21 3.71 1.73 -7.36
N ASP A 22 4.98 1.71 -7.78
CA ASP A 22 5.69 2.92 -8.16
C ASP A 22 4.96 3.64 -9.29
N HIS A 23 4.24 4.70 -8.96
CA HIS A 23 3.50 5.48 -9.95
C HIS A 23 3.59 6.97 -9.65
N PHE A 24 3.44 7.79 -10.68
CA PHE A 24 3.50 9.23 -10.53
C PHE A 24 2.10 9.84 -10.57
N PHE A 25 1.87 10.85 -9.73
CA PHE A 25 0.59 11.53 -9.67
C PHE A 25 0.65 12.90 -10.32
N LYS A 26 0.26 12.96 -11.59
CA LYS A 26 0.27 14.22 -12.32
C LYS A 26 -0.07 15.40 -11.41
N LYS A 27 -1.02 15.18 -10.51
CA LYS A 27 -1.44 16.21 -9.57
C LYS A 27 -0.99 15.89 -8.15
N PRO A 28 -0.79 16.93 -7.33
CA PRO A 28 -0.36 16.78 -5.94
C PRO A 28 -1.43 16.16 -5.06
N LYS A 29 -1.24 14.90 -4.69
CA LYS A 29 -2.19 14.19 -3.84
C LYS A 29 -1.81 14.30 -2.38
N PHE A 30 -2.76 14.01 -1.50
CA PHE A 30 -2.53 14.08 -0.06
C PHE A 30 -2.42 12.68 0.55
N CYS A 31 -1.42 12.50 1.41
CA CYS A 31 -1.20 11.21 2.06
C CYS A 31 -2.33 10.90 3.05
N ASP A 32 -2.48 9.63 3.37
CA ASP A 32 -3.51 9.20 4.31
C ASP A 32 -2.93 8.95 5.70
N VAL A 33 -1.61 8.82 5.76
CA VAL A 33 -0.92 8.58 7.02
C VAL A 33 -0.32 9.87 7.58
N CYS A 34 0.51 10.51 6.77
CA CYS A 34 1.17 11.75 7.17
C CYS A 34 0.30 12.96 6.84
N ALA A 35 -0.61 12.79 5.88
CA ALA A 35 -1.51 13.85 5.46
C ALA A 35 -0.73 15.07 5.00
N ARG A 36 0.28 14.85 4.18
CA ARG A 36 1.12 15.93 3.66
C ARG A 36 1.22 15.86 2.14
N MET A 37 0.85 16.95 1.47
CA MET A 37 0.90 17.01 0.02
C MET A 37 2.17 16.37 -0.50
N ILE A 38 2.02 15.33 -1.31
CA ILE A 38 3.17 14.63 -1.88
C ILE A 38 3.78 15.42 -3.03
N VAL A 39 4.72 16.31 -2.69
CA VAL A 39 5.38 17.12 -3.69
C VAL A 39 6.89 17.16 -3.47
N LEU A 40 7.51 15.99 -3.45
CA LEU A 40 8.95 15.88 -3.24
C LEU A 40 9.68 15.67 -4.56
N ASN A 41 9.37 14.55 -5.22
CA ASN A 41 10.00 14.23 -6.50
C ASN A 41 8.95 13.84 -7.54
N ASN A 42 8.68 14.76 -8.47
CA ASN A 42 7.70 14.51 -9.52
C ASN A 42 6.43 13.90 -8.94
N LYS A 43 5.97 14.43 -7.81
CA LYS A 43 4.76 13.94 -7.16
C LYS A 43 4.68 12.41 -7.26
N PHE A 44 5.76 11.73 -6.89
CA PHE A 44 5.81 10.28 -6.94
C PHE A 44 5.76 9.69 -5.54
N GLY A 45 5.32 8.44 -5.44
CA GLY A 45 5.22 7.77 -4.15
C GLY A 45 4.76 6.34 -4.27
N LEU A 46 3.55 6.07 -3.83
CA LEU A 46 2.99 4.72 -3.89
C LEU A 46 1.46 4.76 -3.96
N ARG A 47 0.92 4.19 -5.04
CA ARG A 47 -0.53 4.16 -5.22
C ARG A 47 -1.06 2.74 -5.10
N CYS A 48 -2.06 2.56 -4.24
CA CYS A 48 -2.66 1.25 -4.02
C CYS A 48 -3.58 0.87 -5.19
N LYS A 49 -3.35 -0.29 -5.76
CA LYS A 49 -4.15 -0.77 -6.89
C LYS A 49 -5.46 -1.37 -6.39
N ASN A 50 -5.81 -1.06 -5.15
CA ASN A 50 -7.05 -1.57 -4.56
C ASN A 50 -7.94 -0.42 -4.10
N CYS A 51 -7.38 0.45 -3.26
CA CYS A 51 -8.13 1.59 -2.74
C CYS A 51 -7.68 2.89 -3.41
N LYS A 52 -6.53 2.83 -4.08
CA LYS A 52 -5.99 4.00 -4.77
C LYS A 52 -5.63 5.09 -3.77
N THR A 53 -4.83 4.74 -2.77
CA THR A 53 -4.40 5.68 -1.76
C THR A 53 -2.98 6.14 -2.00
N ASN A 54 -2.73 7.43 -1.82
CA ASN A 54 -1.40 8.00 -2.01
C ASN A 54 -0.62 8.03 -0.69
N ILE A 55 0.62 7.55 -0.73
CA ILE A 55 1.45 7.53 0.46
C ILE A 55 2.94 7.55 0.07
N HIS A 56 3.74 8.27 0.85
CA HIS A 56 5.16 8.37 0.60
C HIS A 56 5.84 7.01 0.78
N GLU A 57 7.02 6.87 0.18
CA GLU A 57 7.77 5.61 0.27
C GLU A 57 7.94 5.19 1.72
N HIS A 58 7.69 6.12 2.64
CA HIS A 58 7.82 5.84 4.07
C HIS A 58 6.44 5.72 4.73
N CYS A 59 5.45 6.36 4.12
CA CYS A 59 4.08 6.34 4.64
C CYS A 59 3.42 4.99 4.35
N GLN A 60 4.19 4.07 3.77
CA GLN A 60 3.67 2.75 3.43
C GLN A 60 3.92 1.77 4.57
N SER A 61 5.09 1.88 5.21
CA SER A 61 5.44 1.00 6.32
C SER A 61 4.30 0.91 7.33
N TYR A 62 3.65 2.04 7.59
CA TYR A 62 2.55 2.09 8.53
C TYR A 62 1.31 1.38 7.97
N VAL A 63 1.15 1.44 6.65
CA VAL A 63 0.02 0.80 5.98
C VAL A 63 0.49 -0.37 5.12
N GLU A 64 1.51 -1.07 5.58
CA GLU A 64 2.04 -2.21 4.84
C GLU A 64 1.23 -3.47 5.13
N MET A 65 0.80 -3.61 6.37
CA MET A 65 0.00 -4.77 6.78
C MET A 65 -1.38 -4.35 7.23
N GLN A 66 -1.88 -3.26 6.66
CA GLN A 66 -3.20 -2.75 7.01
C GLN A 66 -4.25 -3.21 5.99
N ARG A 67 -5.23 -3.97 6.47
CA ARG A 67 -6.28 -4.48 5.60
C ARG A 67 -6.76 -3.40 4.64
N CYS A 68 -6.90 -3.77 3.37
CA CYS A 68 -7.36 -2.83 2.35
C CYS A 68 -8.85 -2.98 2.09
N SER A 69 -9.63 -2.04 2.61
CA SER A 69 -11.09 -2.07 2.43
C SER A 69 -11.47 -1.88 0.97
N GLY A 70 -11.14 -0.72 0.42
CA GLY A 70 -11.45 -0.45 -0.97
C GLY A 70 -12.79 0.27 -1.14
N PRO A 71 -12.82 1.27 -2.03
CA PRO A 71 -14.03 2.05 -2.30
C PRO A 71 -15.09 1.25 -3.02
N SER A 72 -16.09 0.80 -2.28
CA SER A 72 -17.17 0.00 -2.86
C SER A 72 -18.48 0.81 -2.91
N SER A 73 -19.20 0.67 -4.01
CA SER A 73 -20.46 1.40 -4.18
C SER A 73 -20.26 2.89 -3.99
N GLY A 74 -19.16 3.42 -4.53
CA GLY A 74 -18.87 4.83 -4.42
C GLY A 74 -17.53 5.09 -3.76
ZN ZN B . -5.21 -0.22 -0.30
ZN ZN C . 3.32 10.88 3.26
N GLY A 1 15.62 -41.32 1.47
CA GLY A 1 16.36 -40.20 2.00
C GLY A 1 15.44 -39.14 2.61
N SER A 2 15.75 -37.87 2.34
CA SER A 2 14.95 -36.77 2.86
C SER A 2 14.23 -36.04 1.74
N SER A 3 13.00 -36.46 1.45
CA SER A 3 12.20 -35.85 0.39
C SER A 3 11.00 -35.11 0.99
N GLY A 4 10.65 -33.99 0.36
CA GLY A 4 9.52 -33.21 0.83
C GLY A 4 9.70 -31.73 0.57
N SER A 5 9.10 -30.90 1.43
CA SER A 5 9.19 -29.45 1.29
C SER A 5 9.24 -28.77 2.66
N SER A 6 10.08 -27.75 2.76
CA SER A 6 10.24 -27.02 4.01
C SER A 6 10.25 -25.51 3.76
N GLY A 7 9.82 -24.75 4.77
CA GLY A 7 9.79 -23.30 4.64
C GLY A 7 8.43 -22.72 5.00
N GLU A 8 8.40 -21.88 6.02
CA GLU A 8 7.16 -21.26 6.46
C GLU A 8 7.29 -19.73 6.45
N PRO A 9 6.35 -19.08 5.76
CA PRO A 9 6.33 -17.60 5.65
C PRO A 9 5.96 -16.94 6.98
N PRO A 10 6.14 -15.60 7.03
CA PRO A 10 5.83 -14.83 8.23
C PRO A 10 4.33 -14.73 8.49
N LYS A 11 3.97 -14.51 9.75
CA LYS A 11 2.57 -14.39 10.14
C LYS A 11 2.01 -13.01 9.78
N LEU A 12 0.85 -13.00 9.14
CA LEU A 12 0.20 -11.74 8.75
C LEU A 12 -1.21 -11.65 9.32
N VAL A 13 -1.41 -10.72 10.26
CA VAL A 13 -2.71 -10.53 10.88
C VAL A 13 -3.74 -10.10 9.85
N ASN A 14 -3.46 -9.00 9.15
CA ASN A 14 -4.37 -8.48 8.13
C ASN A 14 -4.69 -9.55 7.09
N ASP A 15 -5.76 -9.33 6.34
CA ASP A 15 -6.18 -10.27 5.30
C ASP A 15 -5.53 -9.93 3.97
N LYS A 16 -5.74 -8.70 3.50
CA LYS A 16 -5.18 -8.25 2.24
C LYS A 16 -4.37 -6.98 2.42
N PRO A 17 -3.04 -7.10 2.38
CA PRO A 17 -2.14 -5.96 2.54
C PRO A 17 -2.19 -5.01 1.36
N HIS A 18 -2.30 -3.71 1.64
CA HIS A 18 -2.34 -2.70 0.59
C HIS A 18 -1.25 -2.93 -0.45
N LYS A 19 -1.65 -3.00 -1.72
CA LYS A 19 -0.71 -3.22 -2.80
C LYS A 19 -0.44 -1.92 -3.56
N PHE A 20 0.70 -1.31 -3.28
CA PHE A 20 1.08 -0.06 -3.93
C PHE A 20 2.03 -0.32 -5.11
N LYS A 21 2.26 0.70 -5.92
CA LYS A 21 3.13 0.59 -7.07
C LYS A 21 3.69 1.95 -7.48
N ASP A 22 4.96 1.98 -7.85
CA ASP A 22 5.61 3.22 -8.26
C ASP A 22 4.83 3.89 -9.39
N HIS A 23 4.09 4.94 -9.05
CA HIS A 23 3.30 5.67 -10.03
C HIS A 23 3.42 7.18 -9.82
N PHE A 24 3.53 7.92 -10.92
CA PHE A 24 3.66 9.37 -10.86
C PHE A 24 2.28 10.03 -10.86
N PHE A 25 1.91 10.63 -9.73
CA PHE A 25 0.61 11.30 -9.61
C PHE A 25 0.61 12.59 -10.41
N LYS A 26 -0.25 12.65 -11.43
CA LYS A 26 -0.36 13.83 -12.28
C LYS A 26 -0.51 15.09 -11.43
N LYS A 27 -1.21 14.96 -10.30
CA LYS A 27 -1.42 16.09 -9.40
C LYS A 27 -0.98 15.74 -7.98
N PRO A 28 -0.62 16.77 -7.21
CA PRO A 28 -0.17 16.60 -5.82
C PRO A 28 -1.31 16.18 -4.90
N LYS A 29 -1.33 14.89 -4.54
CA LYS A 29 -2.36 14.36 -3.66
C LYS A 29 -1.93 14.46 -2.19
N PHE A 30 -2.87 14.21 -1.29
CA PHE A 30 -2.58 14.26 0.14
C PHE A 30 -2.53 12.87 0.74
N CYS A 31 -1.43 12.57 1.44
CA CYS A 31 -1.25 11.27 2.06
C CYS A 31 -2.42 10.94 2.98
N ASP A 32 -2.52 9.67 3.37
CA ASP A 32 -3.59 9.22 4.25
C ASP A 32 -3.06 8.93 5.66
N VAL A 33 -1.74 8.82 5.76
CA VAL A 33 -1.11 8.55 7.05
C VAL A 33 -0.50 9.81 7.64
N CYS A 34 0.39 10.44 6.90
CA CYS A 34 1.04 11.67 7.37
C CYS A 34 0.16 12.88 7.11
N ALA A 35 -0.59 12.84 6.01
CA ALA A 35 -1.49 13.93 5.65
C ALA A 35 -0.70 15.13 5.12
N ARG A 36 0.30 14.85 4.30
CA ARG A 36 1.13 15.91 3.72
C ARG A 36 1.16 15.81 2.20
N MET A 37 0.79 16.90 1.54
CA MET A 37 0.77 16.94 0.08
C MET A 37 2.05 16.32 -0.49
N ILE A 38 1.88 15.24 -1.26
CA ILE A 38 3.02 14.56 -1.86
C ILE A 38 3.58 15.37 -3.03
N VAL A 39 4.53 16.24 -2.73
CA VAL A 39 5.15 17.08 -3.75
C VAL A 39 6.66 16.85 -3.79
N LEU A 40 7.07 15.61 -4.01
CA LEU A 40 8.49 15.26 -4.07
C LEU A 40 8.93 15.08 -5.52
N ASN A 41 10.20 14.73 -5.69
CA ASN A 41 10.76 14.53 -7.03
C ASN A 41 9.72 13.94 -7.97
N ASN A 42 9.10 14.80 -8.78
CA ASN A 42 8.08 14.36 -9.73
C ASN A 42 6.94 13.66 -9.00
N LYS A 43 6.44 14.28 -7.94
CA LYS A 43 5.34 13.71 -7.17
C LYS A 43 5.46 12.20 -7.08
N PHE A 44 6.68 11.71 -6.89
CA PHE A 44 6.94 10.28 -6.79
C PHE A 44 6.47 9.74 -5.45
N GLY A 45 5.57 8.75 -5.49
CA GLY A 45 5.05 8.16 -4.28
C GLY A 45 4.57 6.74 -4.48
N LEU A 46 3.61 6.32 -3.66
CA LEU A 46 3.07 4.97 -3.76
C LEU A 46 1.54 5.00 -3.85
N ARG A 47 1.00 4.35 -4.87
CA ARG A 47 -0.45 4.30 -5.07
C ARG A 47 -0.95 2.86 -5.02
N CYS A 48 -1.95 2.61 -4.18
CA CYS A 48 -2.52 1.29 -4.05
C CYS A 48 -3.13 0.81 -5.36
N LYS A 49 -3.64 -0.41 -5.37
CA LYS A 49 -4.26 -0.98 -6.56
C LYS A 49 -5.73 -1.26 -6.33
N ASN A 50 -6.14 -1.30 -5.06
CA ASN A 50 -7.53 -1.57 -4.71
C ASN A 50 -8.22 -0.29 -4.25
N CYS A 51 -7.59 0.42 -3.31
CA CYS A 51 -8.15 1.66 -2.78
C CYS A 51 -7.44 2.87 -3.38
N LYS A 52 -6.44 2.61 -4.21
CA LYS A 52 -5.68 3.68 -4.86
C LYS A 52 -5.38 4.80 -3.87
N THR A 53 -4.75 4.44 -2.75
CA THR A 53 -4.40 5.42 -1.73
C THR A 53 -3.03 6.03 -1.99
N ASN A 54 -2.86 7.28 -1.60
CA ASN A 54 -1.60 7.98 -1.78
C ASN A 54 -0.80 8.03 -0.49
N ILE A 55 0.45 7.57 -0.55
CA ILE A 55 1.33 7.56 0.62
C ILE A 55 2.79 7.61 0.21
N HIS A 56 3.60 8.30 1.00
CA HIS A 56 5.03 8.42 0.72
C HIS A 56 5.71 7.06 0.84
N GLU A 57 6.95 6.99 0.34
CA GLU A 57 7.71 5.74 0.37
C GLU A 57 7.92 5.28 1.81
N HIS A 58 7.60 6.14 2.77
CA HIS A 58 7.76 5.83 4.17
C HIS A 58 6.40 5.73 4.87
N CYS A 59 5.40 6.38 4.28
CA CYS A 59 4.05 6.38 4.84
C CYS A 59 3.38 5.02 4.62
N GLN A 60 4.12 4.10 4.02
CA GLN A 60 3.60 2.76 3.75
C GLN A 60 3.96 1.79 4.86
N SER A 61 5.12 2.02 5.48
CA SER A 61 5.58 1.17 6.57
C SER A 61 4.52 1.01 7.64
N TYR A 62 3.59 1.97 7.68
CA TYR A 62 2.51 1.93 8.67
C TYR A 62 1.27 1.27 8.09
N VAL A 63 1.16 1.28 6.76
CA VAL A 63 0.01 0.67 6.08
C VAL A 63 0.46 -0.40 5.10
N GLU A 64 1.61 -1.01 5.38
CA GLU A 64 2.16 -2.05 4.52
C GLU A 64 1.46 -3.39 4.76
N MET A 65 0.87 -3.52 5.95
CA MET A 65 0.16 -4.76 6.31
C MET A 65 -1.21 -4.44 6.90
N GLN A 66 -1.85 -3.41 6.35
CA GLN A 66 -3.17 -3.01 6.82
C GLN A 66 -4.27 -3.53 5.89
N ARG A 67 -5.43 -3.85 6.47
CA ARG A 67 -6.55 -4.35 5.69
C ARG A 67 -7.07 -3.29 4.73
N CYS A 68 -6.91 -3.55 3.43
CA CYS A 68 -7.37 -2.62 2.41
C CYS A 68 -8.88 -2.71 2.21
N SER A 69 -9.57 -1.59 2.38
CA SER A 69 -11.02 -1.55 2.22
C SER A 69 -11.43 -0.43 1.28
N GLY A 70 -11.40 -0.70 -0.02
CA GLY A 70 -11.77 0.31 -1.00
C GLY A 70 -12.76 -0.22 -2.02
N PRO A 71 -12.94 0.53 -3.12
CA PRO A 71 -13.86 0.15 -4.19
C PRO A 71 -13.37 -1.06 -4.98
N SER A 72 -13.79 -2.24 -4.56
CA SER A 72 -13.38 -3.47 -5.23
C SER A 72 -14.38 -4.60 -4.95
N SER A 73 -14.71 -5.36 -5.98
CA SER A 73 -15.65 -6.46 -5.86
C SER A 73 -14.96 -7.70 -5.28
N GLY A 74 -15.44 -8.15 -4.12
CA GLY A 74 -14.87 -9.32 -3.49
C GLY A 74 -15.86 -10.45 -3.36
ZN ZN B . -5.24 -0.15 -0.36
ZN ZN C . 3.21 10.91 3.44
N GLY A 1 17.82 -40.49 -7.95
CA GLY A 1 17.97 -39.35 -7.06
C GLY A 1 16.72 -39.09 -6.24
N SER A 2 16.90 -38.90 -4.94
CA SER A 2 15.78 -38.65 -4.04
C SER A 2 15.68 -37.16 -3.69
N SER A 3 14.48 -36.71 -3.36
CA SER A 3 14.25 -35.32 -3.01
C SER A 3 12.91 -35.14 -2.31
N GLY A 4 12.80 -34.10 -1.50
CA GLY A 4 11.57 -33.83 -0.79
C GLY A 4 11.12 -32.39 -0.91
N SER A 5 9.88 -32.12 -0.49
CA SER A 5 9.33 -30.78 -0.56
C SER A 5 9.40 -30.09 0.80
N SER A 6 9.87 -28.85 0.80
CA SER A 6 9.99 -28.08 2.03
C SER A 6 10.30 -26.61 1.72
N GLY A 7 9.56 -25.70 2.36
CA GLY A 7 9.77 -24.29 2.15
C GLY A 7 9.02 -23.44 3.15
N GLU A 8 9.70 -23.06 4.23
CA GLU A 8 9.10 -22.23 5.27
C GLU A 8 8.82 -20.83 4.76
N PRO A 9 7.53 -20.47 4.70
CA PRO A 9 7.09 -19.15 4.23
C PRO A 9 7.46 -18.03 5.20
N PRO A 10 7.42 -16.78 4.72
CA PRO A 10 7.75 -15.60 5.53
C PRO A 10 6.70 -15.32 6.60
N LYS A 11 7.00 -14.38 7.48
CA LYS A 11 6.08 -14.01 8.54
C LYS A 11 5.05 -12.99 8.06
N LEU A 12 3.80 -13.21 8.41
CA LEU A 12 2.72 -12.31 8.01
C LEU A 12 1.73 -12.10 9.15
N VAL A 13 1.50 -10.84 9.50
CA VAL A 13 0.58 -10.50 10.58
C VAL A 13 -0.75 -10.00 10.02
N ASN A 14 -0.74 -9.60 8.75
CA ASN A 14 -1.94 -9.09 8.10
C ASN A 14 -2.56 -10.15 7.19
N ASP A 15 -3.74 -9.86 6.65
CA ASP A 15 -4.43 -10.78 5.76
C ASP A 15 -4.44 -10.26 4.32
N LYS A 16 -4.95 -9.05 4.15
CA LYS A 16 -5.02 -8.44 2.82
C LYS A 16 -4.33 -7.08 2.81
N PRO A 17 -2.99 -7.10 2.75
CA PRO A 17 -2.18 -5.88 2.74
C PRO A 17 -2.33 -5.09 1.44
N HIS A 18 -2.23 -3.77 1.53
CA HIS A 18 -2.35 -2.91 0.36
C HIS A 18 -1.36 -3.32 -0.73
N LYS A 19 -1.64 -2.92 -1.96
CA LYS A 19 -0.78 -3.26 -3.09
C LYS A 19 -0.48 -2.01 -3.93
N PHE A 20 0.49 -1.22 -3.48
CA PHE A 20 0.87 -0.01 -4.20
C PHE A 20 1.98 -0.29 -5.20
N LYS A 21 2.18 0.64 -6.13
CA LYS A 21 3.21 0.50 -7.15
C LYS A 21 3.85 1.84 -7.47
N ASP A 22 5.16 1.84 -7.68
CA ASP A 22 5.90 3.06 -8.00
C ASP A 22 5.28 3.77 -9.19
N HIS A 23 4.56 4.85 -8.93
CA HIS A 23 3.91 5.62 -9.99
C HIS A 23 4.01 7.12 -9.71
N PHE A 24 3.80 7.92 -10.74
CA PHE A 24 3.87 9.38 -10.61
C PHE A 24 2.47 9.99 -10.74
N PHE A 25 2.00 10.62 -9.67
CA PHE A 25 0.69 11.25 -9.68
C PHE A 25 0.72 12.57 -10.46
N LYS A 26 0.10 12.57 -11.63
CA LYS A 26 0.05 13.77 -12.46
C LYS A 26 -0.24 15.01 -11.63
N LYS A 27 -1.24 14.91 -10.76
CA LYS A 27 -1.63 16.02 -9.91
C LYS A 27 -1.17 15.79 -8.46
N PRO A 28 -1.09 16.88 -7.68
CA PRO A 28 -0.67 16.81 -6.28
C PRO A 28 -1.70 16.12 -5.40
N LYS A 29 -1.30 15.01 -4.79
CA LYS A 29 -2.19 14.25 -3.91
C LYS A 29 -1.73 14.35 -2.46
N PHE A 30 -2.62 13.98 -1.54
CA PHE A 30 -2.31 14.03 -0.12
C PHE A 30 -2.22 12.63 0.47
N CYS A 31 -1.31 12.44 1.42
CA CYS A 31 -1.12 11.15 2.06
C CYS A 31 -2.23 10.88 3.06
N ASP A 32 -2.41 9.60 3.41
CA ASP A 32 -3.43 9.20 4.37
C ASP A 32 -2.82 8.90 5.73
N VAL A 33 -1.52 8.68 5.75
CA VAL A 33 -0.81 8.38 6.99
C VAL A 33 -0.14 9.62 7.56
N CYS A 34 0.64 10.30 6.73
CA CYS A 34 1.34 11.51 7.15
C CYS A 34 0.50 12.75 6.87
N ALA A 35 -0.37 12.65 5.87
CA ALA A 35 -1.24 13.78 5.50
C ALA A 35 -0.42 14.96 5.01
N ARG A 36 0.61 14.68 4.21
CA ARG A 36 1.46 15.73 3.68
C ARG A 36 1.48 15.70 2.15
N MET A 37 1.14 16.83 1.54
CA MET A 37 1.11 16.93 0.08
C MET A 37 2.31 16.21 -0.53
N ILE A 38 2.03 15.22 -1.37
CA ILE A 38 3.09 14.46 -2.03
C ILE A 38 3.59 15.17 -3.28
N VAL A 39 4.59 16.02 -3.11
CA VAL A 39 5.16 16.77 -4.23
C VAL A 39 6.68 16.75 -4.19
N LEU A 40 7.23 16.74 -2.98
CA LEU A 40 8.68 16.73 -2.80
C LEU A 40 9.34 15.81 -3.82
N ASN A 41 8.62 14.78 -4.25
CA ASN A 41 9.14 13.84 -5.24
C ASN A 41 8.33 13.90 -6.53
N ASN A 42 8.42 15.04 -7.22
CA ASN A 42 7.70 15.23 -8.47
C ASN A 42 6.37 14.48 -8.46
N LYS A 43 5.71 14.48 -7.31
CA LYS A 43 4.43 13.80 -7.16
C LYS A 43 4.58 12.30 -7.41
N PHE A 44 5.51 11.68 -6.70
CA PHE A 44 5.76 10.25 -6.84
C PHE A 44 5.84 9.57 -5.47
N GLY A 45 5.33 8.35 -5.40
CA GLY A 45 5.36 7.61 -4.14
C GLY A 45 4.86 6.19 -4.29
N LEU A 46 3.62 5.96 -3.87
CA LEU A 46 3.03 4.62 -3.95
C LEU A 46 1.51 4.71 -4.04
N ARG A 47 0.95 4.24 -5.15
CA ARG A 47 -0.49 4.27 -5.36
C ARG A 47 -1.07 2.85 -5.32
N CYS A 48 -2.06 2.66 -4.46
CA CYS A 48 -2.70 1.35 -4.32
C CYS A 48 -3.58 1.05 -5.53
N LYS A 49 -3.62 -0.22 -5.93
CA LYS A 49 -4.42 -0.64 -7.07
C LYS A 49 -5.79 -1.14 -6.62
N ASN A 50 -6.11 -0.92 -5.35
CA ASN A 50 -7.39 -1.35 -4.78
C ASN A 50 -8.19 -0.15 -4.30
N CYS A 51 -7.66 0.56 -3.31
CA CYS A 51 -8.32 1.73 -2.75
C CYS A 51 -7.91 2.99 -3.48
N LYS A 52 -6.83 2.90 -4.25
CA LYS A 52 -6.33 4.04 -5.02
C LYS A 52 -5.90 5.17 -4.08
N THR A 53 -5.09 4.83 -3.09
CA THR A 53 -4.62 5.81 -2.13
C THR A 53 -3.19 6.25 -2.45
N ASN A 54 -2.80 7.41 -1.95
CA ASN A 54 -1.46 7.95 -2.18
C ASN A 54 -0.66 7.99 -0.88
N ILE A 55 0.55 7.43 -0.91
CA ILE A 55 1.40 7.41 0.26
C ILE A 55 2.87 7.41 -0.15
N HIS A 56 3.70 8.10 0.64
CA HIS A 56 5.13 8.17 0.37
C HIS A 56 5.78 6.80 0.52
N GLU A 57 7.02 6.69 0.05
CA GLU A 57 7.76 5.43 0.12
C GLU A 57 7.94 4.99 1.57
N HIS A 58 7.80 5.94 2.50
CA HIS A 58 7.95 5.65 3.91
C HIS A 58 6.59 5.54 4.59
N CYS A 59 5.58 6.18 4.00
CA CYS A 59 4.23 6.14 4.54
C CYS A 59 3.56 4.80 4.28
N GLN A 60 4.32 3.88 3.70
CA GLN A 60 3.81 2.54 3.39
C GLN A 60 4.15 1.56 4.51
N SER A 61 5.27 1.80 5.18
CA SER A 61 5.70 0.92 6.27
C SER A 61 4.64 0.83 7.35
N TYR A 62 3.88 1.90 7.52
CA TYR A 62 2.83 1.94 8.52
C TYR A 62 1.59 1.19 8.05
N VAL A 63 1.24 1.39 6.78
CA VAL A 63 0.08 0.73 6.19
C VAL A 63 0.42 -0.69 5.75
N GLU A 64 1.70 -1.00 5.71
CA GLU A 64 2.16 -2.32 5.31
C GLU A 64 1.33 -3.41 5.99
N MET A 65 0.92 -3.15 7.23
CA MET A 65 0.12 -4.10 7.99
C MET A 65 -1.29 -3.56 8.24
N GLN A 66 -1.84 -2.88 7.24
CA GLN A 66 -3.17 -2.31 7.36
C GLN A 66 -4.10 -2.86 6.28
N ARG A 67 -5.19 -3.47 6.71
CA ARG A 67 -6.16 -4.05 5.79
C ARG A 67 -6.63 -3.01 4.78
N CYS A 68 -6.64 -3.39 3.50
CA CYS A 68 -7.06 -2.50 2.43
C CYS A 68 -8.57 -2.58 2.22
N SER A 69 -9.29 -1.58 2.72
CA SER A 69 -10.74 -1.53 2.59
C SER A 69 -11.15 -1.40 1.13
N GLY A 70 -10.63 -0.37 0.47
CA GLY A 70 -10.95 -0.14 -0.93
C GLY A 70 -11.88 1.03 -1.12
N PRO A 71 -13.04 0.78 -1.75
CA PRO A 71 -14.05 1.80 -2.02
C PRO A 71 -14.74 2.28 -0.74
N SER A 72 -14.10 3.23 -0.05
CA SER A 72 -14.65 3.76 1.19
C SER A 72 -15.43 5.05 0.92
N SER A 73 -14.86 5.92 0.10
CA SER A 73 -15.50 7.19 -0.23
C SER A 73 -14.90 7.77 -1.50
N GLY A 74 -15.71 7.82 -2.56
CA GLY A 74 -15.24 8.36 -3.83
C GLY A 74 -15.90 9.68 -4.17
ZN ZN B . -5.33 -0.27 -0.68
ZN ZN C . 3.41 10.69 3.17
N GLY A 1 22.21 -34.76 -3.13
CA GLY A 1 21.66 -33.84 -2.15
C GLY A 1 20.84 -32.74 -2.77
N SER A 2 19.56 -32.71 -2.44
CA SER A 2 18.65 -31.69 -2.97
C SER A 2 17.70 -31.19 -1.90
N SER A 3 17.15 -29.99 -2.10
CA SER A 3 16.22 -29.40 -1.15
C SER A 3 15.59 -28.13 -1.72
N GLY A 4 14.50 -27.70 -1.11
CA GLY A 4 13.80 -26.52 -1.57
C GLY A 4 14.11 -25.30 -0.73
N SER A 5 13.30 -24.26 -0.86
CA SER A 5 13.49 -23.02 -0.10
C SER A 5 12.64 -23.02 1.16
N SER A 6 12.89 -22.06 2.04
CA SER A 6 12.14 -21.95 3.30
C SER A 6 11.28 -20.70 3.30
N GLY A 7 11.77 -19.65 2.63
CA GLY A 7 11.02 -18.40 2.57
C GLY A 7 10.27 -18.11 3.85
N GLU A 8 10.92 -17.41 4.77
CA GLU A 8 10.30 -17.07 6.05
C GLU A 8 10.13 -15.56 6.18
N PRO A 9 9.02 -15.05 5.65
CA PRO A 9 8.71 -13.61 5.70
C PRO A 9 8.37 -13.14 7.11
N PRO A 10 8.30 -11.81 7.29
CA PRO A 10 7.98 -11.20 8.59
C PRO A 10 6.53 -11.43 8.99
N LYS A 11 6.32 -11.85 10.24
CA LYS A 11 4.98 -12.10 10.75
C LYS A 11 3.98 -11.13 10.14
N LEU A 12 2.85 -11.65 9.69
CA LEU A 12 1.80 -10.83 9.09
C LEU A 12 0.60 -10.72 10.02
N VAL A 13 0.28 -9.50 10.44
CA VAL A 13 -0.85 -9.26 11.32
C VAL A 13 -2.15 -9.18 10.54
N ASN A 14 -2.23 -8.20 9.64
CA ASN A 14 -3.42 -8.01 8.82
C ASN A 14 -3.70 -9.25 7.98
N ASP A 15 -4.70 -9.14 7.10
CA ASP A 15 -5.08 -10.25 6.24
C ASP A 15 -4.95 -9.87 4.77
N LYS A 16 -5.36 -8.65 4.44
CA LYS A 16 -5.29 -8.16 3.07
C LYS A 16 -4.43 -6.89 3.00
N PRO A 17 -3.13 -7.07 2.77
CA PRO A 17 -2.18 -5.95 2.67
C PRO A 17 -2.39 -5.14 1.40
N HIS A 18 -2.12 -3.84 1.48
CA HIS A 18 -2.27 -2.95 0.33
C HIS A 18 -1.28 -3.32 -0.76
N LYS A 19 -1.71 -3.16 -2.02
CA LYS A 19 -0.86 -3.47 -3.16
C LYS A 19 -0.56 -2.22 -3.98
N PHE A 20 0.45 -1.47 -3.54
CA PHE A 20 0.84 -0.24 -4.23
C PHE A 20 1.86 -0.53 -5.32
N LYS A 21 2.07 0.45 -6.20
CA LYS A 21 3.01 0.29 -7.31
C LYS A 21 3.63 1.63 -7.68
N ASP A 22 4.92 1.61 -8.00
CA ASP A 22 5.63 2.83 -8.39
C ASP A 22 4.90 3.55 -9.52
N HIS A 23 4.21 4.63 -9.17
CA HIS A 23 3.47 5.42 -10.14
C HIS A 23 3.61 6.91 -9.86
N PHE A 24 3.45 7.72 -10.90
CA PHE A 24 3.54 9.17 -10.76
C PHE A 24 2.17 9.81 -10.66
N PHE A 25 2.05 10.83 -9.83
CA PHE A 25 0.78 11.53 -9.63
C PHE A 25 0.74 12.83 -10.44
N LYS A 26 0.00 12.81 -11.55
CA LYS A 26 -0.11 13.98 -12.40
C LYS A 26 -0.45 15.23 -11.59
N LYS A 27 -1.22 15.03 -10.52
CA LYS A 27 -1.61 16.14 -9.65
C LYS A 27 -1.14 15.90 -8.21
N PRO A 28 -0.94 16.99 -7.47
CA PRO A 28 -0.48 16.93 -6.08
C PRO A 28 -1.56 16.38 -5.15
N LYS A 29 -1.36 15.14 -4.70
CA LYS A 29 -2.31 14.49 -3.79
C LYS A 29 -1.83 14.58 -2.35
N PHE A 30 -2.71 14.20 -1.42
CA PHE A 30 -2.37 14.23 0.00
C PHE A 30 -2.34 12.83 0.59
N CYS A 31 -1.25 12.51 1.27
CA CYS A 31 -1.09 11.19 1.88
C CYS A 31 -2.23 10.89 2.84
N ASP A 32 -2.36 9.62 3.23
CA ASP A 32 -3.42 9.21 4.14
C ASP A 32 -2.84 8.93 5.53
N VAL A 33 -1.52 8.80 5.61
CA VAL A 33 -0.86 8.52 6.88
C VAL A 33 -0.20 9.79 7.43
N CYS A 34 0.68 10.39 6.65
CA CYS A 34 1.38 11.60 7.06
C CYS A 34 0.52 12.84 6.79
N ALA A 35 -0.37 12.72 5.81
CA ALA A 35 -1.26 13.83 5.45
C ALA A 35 -0.46 15.02 4.92
N ARG A 36 0.52 14.73 4.08
CA ARG A 36 1.36 15.78 3.50
C ARG A 36 1.36 15.70 1.99
N MET A 37 1.01 16.82 1.35
CA MET A 37 0.96 16.88 -0.12
C MET A 37 2.21 16.26 -0.73
N ILE A 38 2.02 15.18 -1.48
CA ILE A 38 3.14 14.49 -2.12
C ILE A 38 3.65 15.28 -3.32
N VAL A 39 4.67 16.10 -3.10
CA VAL A 39 5.25 16.91 -4.16
C VAL A 39 6.77 16.84 -4.13
N LEU A 40 7.33 16.69 -2.93
CA LEU A 40 8.77 16.61 -2.77
C LEU A 40 9.41 15.78 -3.87
N ASN A 41 8.92 14.54 -4.03
CA ASN A 41 9.43 13.64 -5.05
C ASN A 41 8.67 13.80 -6.36
N ASN A 42 8.81 14.98 -6.97
CA ASN A 42 8.12 15.26 -8.23
C ASN A 42 6.76 14.58 -8.27
N LYS A 43 6.06 14.59 -7.15
CA LYS A 43 4.74 13.98 -7.06
C LYS A 43 4.81 12.47 -7.33
N PHE A 44 5.70 11.80 -6.61
CA PHE A 44 5.87 10.37 -6.77
C PHE A 44 5.86 9.66 -5.40
N GLY A 45 5.17 8.53 -5.34
CA GLY A 45 5.09 7.78 -4.10
C GLY A 45 4.63 6.35 -4.32
N LEU A 46 3.46 6.01 -3.78
CA LEU A 46 2.91 4.67 -3.91
C LEU A 46 1.39 4.71 -4.04
N ARG A 47 0.88 4.20 -5.16
CA ARG A 47 -0.55 4.18 -5.41
C ARG A 47 -1.10 2.76 -5.31
N CYS A 48 -2.11 2.57 -4.48
CA CYS A 48 -2.73 1.26 -4.29
C CYS A 48 -3.67 0.93 -5.44
N LYS A 49 -3.44 -0.20 -6.10
CA LYS A 49 -4.27 -0.62 -7.21
C LYS A 49 -5.58 -1.23 -6.72
N ASN A 50 -5.88 -1.02 -5.44
CA ASN A 50 -7.10 -1.54 -4.86
C ASN A 50 -7.98 -0.41 -4.33
N CYS A 51 -7.44 0.37 -3.40
CA CYS A 51 -8.17 1.49 -2.82
C CYS A 51 -7.82 2.80 -3.52
N LYS A 52 -6.74 2.77 -4.30
CA LYS A 52 -6.30 3.95 -5.03
C LYS A 52 -5.90 5.06 -4.08
N THR A 53 -5.12 4.71 -3.06
CA THR A 53 -4.66 5.69 -2.07
C THR A 53 -3.28 6.23 -2.43
N ASN A 54 -2.86 7.28 -1.73
CA ASN A 54 -1.57 7.89 -1.98
C ASN A 54 -0.73 7.93 -0.71
N ILE A 55 0.51 7.44 -0.79
CA ILE A 55 1.40 7.42 0.35
C ILE A 55 2.86 7.42 -0.10
N HIS A 56 3.70 8.11 0.66
CA HIS A 56 5.12 8.19 0.34
C HIS A 56 5.79 6.83 0.47
N GLU A 57 7.02 6.72 -0.03
CA GLU A 57 7.75 5.47 0.02
C GLU A 57 7.99 5.03 1.48
N HIS A 58 7.78 5.96 2.39
CA HIS A 58 7.96 5.68 3.82
C HIS A 58 6.61 5.59 4.53
N CYS A 59 5.59 6.22 3.95
CA CYS A 59 4.26 6.22 4.53
C CYS A 59 3.58 4.86 4.34
N GLN A 60 4.33 3.92 3.76
CA GLN A 60 3.80 2.57 3.52
C GLN A 60 4.17 1.62 4.65
N SER A 61 5.28 1.92 5.33
CA SER A 61 5.75 1.10 6.43
C SER A 61 4.70 0.99 7.51
N TYR A 62 3.83 1.99 7.61
CA TYR A 62 2.78 2.02 8.61
C TYR A 62 1.56 1.23 8.12
N VAL A 63 1.24 1.38 6.85
CA VAL A 63 0.10 0.69 6.26
C VAL A 63 0.46 -0.75 5.88
N GLU A 64 1.76 -1.04 5.85
CA GLU A 64 2.23 -2.36 5.50
C GLU A 64 1.40 -3.44 6.20
N MET A 65 0.98 -3.15 7.42
CA MET A 65 0.17 -4.09 8.18
C MET A 65 -1.25 -3.56 8.37
N GLN A 66 -1.80 -2.95 7.32
CA GLN A 66 -3.15 -2.40 7.38
C GLN A 66 -4.01 -2.99 6.26
N ARG A 67 -5.21 -3.45 6.63
CA ARG A 67 -6.13 -4.04 5.67
C ARG A 67 -6.58 -3.01 4.64
N CYS A 68 -6.76 -3.45 3.41
CA CYS A 68 -7.18 -2.56 2.33
C CYS A 68 -8.69 -2.64 2.13
N SER A 69 -9.33 -1.48 2.03
CA SER A 69 -10.78 -1.41 1.83
C SER A 69 -11.16 -1.83 0.42
N GLY A 70 -10.22 -1.67 -0.51
CA GLY A 70 -10.49 -2.03 -1.89
C GLY A 70 -11.55 -1.17 -2.53
N PRO A 71 -12.02 -1.59 -3.72
CA PRO A 71 -13.05 -0.86 -4.46
C PRO A 71 -14.41 -0.92 -3.79
N SER A 72 -14.48 -1.62 -2.65
CA SER A 72 -15.72 -1.77 -1.91
C SER A 72 -15.49 -1.53 -0.42
N SER A 73 -15.95 -0.39 0.07
CA SER A 73 -15.80 -0.04 1.48
C SER A 73 -16.84 -0.76 2.33
N GLY A 74 -16.45 -1.13 3.55
CA GLY A 74 -17.36 -1.82 4.45
C GLY A 74 -17.95 -3.07 3.82
ZN ZN B . -5.27 -0.28 -0.61
ZN ZN C . 3.42 10.74 3.09
N GLY A 1 5.12 -26.01 16.74
CA GLY A 1 4.26 -27.10 17.16
C GLY A 1 2.85 -26.98 16.64
N SER A 2 2.55 -27.70 15.56
CA SER A 2 1.23 -27.67 14.96
C SER A 2 1.05 -28.79 13.94
N SER A 3 -0.15 -29.32 13.85
CA SER A 3 -0.45 -30.40 12.92
C SER A 3 -1.37 -29.93 11.80
N GLY A 4 -1.28 -30.59 10.65
CA GLY A 4 -2.10 -30.23 9.52
C GLY A 4 -1.47 -30.60 8.19
N SER A 5 -2.03 -31.60 7.53
CA SER A 5 -1.52 -32.06 6.25
C SER A 5 -1.66 -30.98 5.18
N SER A 6 -2.82 -30.34 5.16
CA SER A 6 -3.10 -29.29 4.19
C SER A 6 -1.84 -28.47 3.89
N GLY A 7 -1.21 -27.97 4.96
CA GLY A 7 -0.01 -27.18 4.80
C GLY A 7 0.34 -26.39 6.05
N GLU A 8 1.35 -25.53 5.95
CA GLU A 8 1.79 -24.72 7.08
C GLU A 8 1.80 -23.24 6.72
N PRO A 9 0.62 -22.61 6.72
CA PRO A 9 0.48 -21.19 6.40
C PRO A 9 1.09 -20.28 7.46
N PRO A 10 1.51 -19.08 7.05
CA PRO A 10 2.11 -18.10 7.96
C PRO A 10 1.09 -17.52 8.92
N LYS A 11 1.55 -17.23 10.15
CA LYS A 11 0.68 -16.66 11.17
C LYS A 11 0.64 -15.15 11.07
N LEU A 12 -0.49 -14.63 10.59
CA LEU A 12 -0.66 -13.18 10.45
C LEU A 12 -2.14 -12.80 10.52
N VAL A 13 -2.41 -11.60 11.03
CA VAL A 13 -3.77 -11.12 11.16
C VAL A 13 -4.24 -10.44 9.88
N ASN A 14 -3.32 -9.71 9.23
CA ASN A 14 -3.64 -9.01 7.99
C ASN A 14 -4.16 -9.98 6.94
N ASP A 15 -5.30 -9.66 6.35
CA ASP A 15 -5.91 -10.50 5.32
C ASP A 15 -5.59 -9.97 3.93
N LYS A 16 -5.96 -8.71 3.68
CA LYS A 16 -5.73 -8.08 2.39
C LYS A 16 -4.83 -6.85 2.55
N PRO A 17 -3.51 -7.08 2.56
CA PRO A 17 -2.53 -6.00 2.70
C PRO A 17 -2.46 -5.11 1.46
N HIS A 18 -2.50 -3.80 1.68
CA HIS A 18 -2.43 -2.84 0.58
C HIS A 18 -1.39 -3.26 -0.45
N LYS A 19 -1.64 -2.91 -1.71
CA LYS A 19 -0.72 -3.25 -2.80
C LYS A 19 -0.36 -2.00 -3.60
N PHE A 20 0.49 -1.15 -3.03
CA PHE A 20 0.91 0.07 -3.71
C PHE A 20 2.00 -0.23 -4.74
N LYS A 21 2.25 0.75 -5.61
CA LYS A 21 3.27 0.59 -6.65
C LYS A 21 3.90 1.94 -6.99
N ASP A 22 5.21 1.94 -7.18
CA ASP A 22 5.94 3.16 -7.51
C ASP A 22 5.34 3.82 -8.75
N HIS A 23 4.58 4.89 -8.54
CA HIS A 23 3.95 5.60 -9.64
C HIS A 23 3.98 7.11 -9.40
N PHE A 24 3.79 7.87 -10.47
CA PHE A 24 3.81 9.34 -10.37
C PHE A 24 2.39 9.90 -10.45
N PHE A 25 2.06 10.80 -9.53
CA PHE A 25 0.75 11.42 -9.50
C PHE A 25 0.76 12.76 -10.21
N LYS A 26 0.32 12.76 -11.48
CA LYS A 26 0.28 13.97 -12.27
C LYS A 26 -0.13 15.17 -11.42
N LYS A 27 -1.12 14.96 -10.55
CA LYS A 27 -1.60 16.02 -9.67
C LYS A 27 -1.15 15.79 -8.24
N PRO A 28 -1.05 16.87 -7.46
CA PRO A 28 -0.62 16.81 -6.06
C PRO A 28 -1.68 16.15 -5.17
N LYS A 29 -1.41 14.93 -4.74
CA LYS A 29 -2.33 14.19 -3.89
C LYS A 29 -1.95 14.33 -2.42
N PHE A 30 -2.83 13.89 -1.53
CA PHE A 30 -2.58 13.97 -0.09
C PHE A 30 -2.47 12.58 0.52
N CYS A 31 -1.53 12.42 1.44
CA CYS A 31 -1.32 11.13 2.10
C CYS A 31 -2.44 10.85 3.11
N ASP A 32 -2.56 9.59 3.49
CA ASP A 32 -3.59 9.19 4.45
C ASP A 32 -2.98 8.95 5.84
N VAL A 33 -1.68 8.71 5.87
CA VAL A 33 -0.98 8.48 7.13
C VAL A 33 -0.36 9.76 7.66
N CYS A 34 0.43 10.43 6.83
CA CYS A 34 1.08 11.68 7.22
C CYS A 34 0.19 12.88 6.91
N ALA A 35 -0.65 12.74 5.88
CA ALA A 35 -1.55 13.81 5.49
C ALA A 35 -0.78 15.03 4.98
N ARG A 36 0.25 14.77 4.17
CA ARG A 36 1.07 15.83 3.62
C ARG A 36 1.10 15.77 2.11
N MET A 37 0.81 16.90 1.46
CA MET A 37 0.81 16.98 0.00
C MET A 37 2.02 16.26 -0.58
N ILE A 38 1.77 15.23 -1.38
CA ILE A 38 2.85 14.47 -2.00
C ILE A 38 3.38 15.18 -3.24
N VAL A 39 4.37 16.05 -3.04
CA VAL A 39 4.97 16.79 -4.15
C VAL A 39 6.48 16.66 -4.13
N LEU A 40 6.97 15.44 -3.93
CA LEU A 40 8.41 15.18 -3.89
C LEU A 40 8.82 14.22 -5.01
N ASN A 41 9.98 14.48 -5.60
CA ASN A 41 10.48 13.64 -6.69
C ASN A 41 9.52 13.63 -7.86
N ASN A 42 8.98 14.81 -8.20
CA ASN A 42 8.05 14.93 -9.30
C ASN A 42 6.72 14.26 -8.98
N LYS A 43 6.21 14.53 -7.78
CA LYS A 43 4.94 13.95 -7.35
C LYS A 43 5.00 12.43 -7.39
N PHE A 44 6.15 11.87 -7.02
CA PHE A 44 6.34 10.42 -7.03
C PHE A 44 6.12 9.85 -5.62
N GLY A 45 5.45 8.70 -5.56
CA GLY A 45 5.20 8.07 -4.28
C GLY A 45 4.70 6.64 -4.43
N LEU A 46 3.60 6.34 -3.76
CA LEU A 46 3.01 5.00 -3.81
C LEU A 46 1.49 5.07 -3.96
N ARG A 47 0.97 4.40 -4.97
CA ARG A 47 -0.47 4.38 -5.22
C ARG A 47 -1.02 2.96 -5.15
N CYS A 48 -2.11 2.80 -4.41
CA CYS A 48 -2.75 1.48 -4.26
C CYS A 48 -3.69 1.20 -5.42
N LYS A 49 -3.64 -0.03 -5.92
CA LYS A 49 -4.49 -0.43 -7.04
C LYS A 49 -5.81 -1.01 -6.52
N ASN A 50 -6.10 -0.77 -5.26
CA ASN A 50 -7.33 -1.26 -4.64
C ASN A 50 -8.14 -0.12 -4.05
N CYS A 51 -7.59 0.50 -3.01
CA CYS A 51 -8.27 1.61 -2.34
C CYS A 51 -7.96 2.94 -3.05
N LYS A 52 -6.98 2.91 -3.94
CA LYS A 52 -6.59 4.10 -4.69
C LYS A 52 -6.11 5.19 -3.75
N THR A 53 -5.18 4.85 -2.86
CA THR A 53 -4.63 5.80 -1.91
C THR A 53 -3.19 6.15 -2.25
N ASN A 54 -2.75 7.31 -1.77
CA ASN A 54 -1.39 7.76 -2.03
C ASN A 54 -0.60 7.90 -0.73
N ILE A 55 0.57 7.29 -0.69
CA ILE A 55 1.43 7.34 0.50
C ILE A 55 2.90 7.41 0.11
N HIS A 56 3.68 8.15 0.90
CA HIS A 56 5.10 8.30 0.65
C HIS A 56 5.83 6.97 0.85
N GLU A 57 7.02 6.85 0.27
CA GLU A 57 7.81 5.64 0.39
C GLU A 57 8.01 5.26 1.85
N HIS A 58 7.73 6.21 2.75
CA HIS A 58 7.87 5.97 4.18
C HIS A 58 6.51 5.81 4.84
N CYS A 59 5.48 6.39 4.22
CA CYS A 59 4.13 6.32 4.75
C CYS A 59 3.51 4.95 4.48
N GLN A 60 4.31 4.04 3.93
CA GLN A 60 3.85 2.70 3.64
C GLN A 60 4.19 1.74 4.77
N SER A 61 5.35 1.94 5.38
CA SER A 61 5.78 1.10 6.49
C SER A 61 4.67 0.91 7.52
N TYR A 62 3.85 1.96 7.68
CA TYR A 62 2.75 1.92 8.63
C TYR A 62 1.54 1.21 8.03
N VAL A 63 1.41 1.29 6.70
CA VAL A 63 0.29 0.67 6.01
C VAL A 63 0.78 -0.42 5.05
N GLU A 64 1.80 -1.15 5.48
CA GLU A 64 2.36 -2.22 4.67
C GLU A 64 1.60 -3.52 4.86
N MET A 65 0.99 -3.67 6.04
CA MET A 65 0.22 -4.86 6.36
C MET A 65 -1.16 -4.49 6.90
N GLN A 66 -1.75 -3.44 6.34
CA GLN A 66 -3.07 -2.99 6.77
C GLN A 66 -4.15 -3.51 5.83
N ARG A 67 -5.37 -3.59 6.34
CA ARG A 67 -6.50 -4.08 5.56
C ARG A 67 -6.94 -3.05 4.53
N CYS A 68 -6.89 -3.43 3.25
CA CYS A 68 -7.29 -2.54 2.17
C CYS A 68 -8.79 -2.36 2.12
N SER A 69 -9.26 -1.43 1.30
CA SER A 69 -10.68 -1.14 1.17
C SER A 69 -11.20 -0.40 2.39
N GLY A 70 -10.50 0.67 2.77
CA GLY A 70 -10.91 1.45 3.92
C GLY A 70 -10.32 0.93 5.22
N PRO A 71 -9.50 1.77 5.87
CA PRO A 71 -8.85 1.41 7.14
C PRO A 71 -9.85 1.31 8.29
N SER A 72 -11.12 1.49 7.99
CA SER A 72 -12.17 1.42 9.00
C SER A 72 -12.51 -0.03 9.33
N SER A 73 -12.72 -0.30 10.61
CA SER A 73 -13.05 -1.65 11.06
C SER A 73 -14.48 -1.72 11.59
N GLY A 74 -15.42 -2.05 10.71
CA GLY A 74 -16.81 -2.14 11.11
C GLY A 74 -17.63 -3.00 10.17
ZN ZN B . -5.12 -0.34 -0.50
ZN ZN C . 3.21 10.82 3.27
N GLY A 1 -9.46 -41.96 2.87
CA GLY A 1 -8.22 -41.29 3.22
C GLY A 1 -7.55 -41.89 4.45
N SER A 2 -6.92 -41.04 5.25
CA SER A 2 -6.25 -41.48 6.46
C SER A 2 -6.19 -40.37 7.49
N SER A 3 -5.74 -40.71 8.70
CA SER A 3 -5.63 -39.74 9.78
C SER A 3 -4.19 -39.31 9.99
N GLY A 4 -4.00 -38.15 10.59
CA GLY A 4 -2.67 -37.65 10.85
C GLY A 4 -2.66 -36.44 11.77
N SER A 5 -1.49 -35.85 11.96
CA SER A 5 -1.35 -34.68 12.83
C SER A 5 -0.47 -33.62 12.18
N SER A 6 -0.98 -32.39 12.11
CA SER A 6 -0.24 -31.29 11.51
C SER A 6 0.08 -30.22 12.56
N GLY A 7 1.32 -29.74 12.53
CA GLY A 7 1.74 -28.72 13.48
C GLY A 7 2.48 -27.58 12.81
N GLU A 8 1.91 -26.38 12.88
CA GLU A 8 2.53 -25.20 12.28
C GLU A 8 2.44 -24.00 13.22
N PRO A 9 3.46 -23.14 13.17
CA PRO A 9 3.51 -21.93 14.01
C PRO A 9 2.49 -20.89 13.59
N PRO A 10 2.33 -19.86 14.42
CA PRO A 10 1.38 -18.77 14.17
C PRO A 10 1.81 -17.89 13.00
N LYS A 11 0.92 -17.71 12.04
CA LYS A 11 1.20 -16.89 10.86
C LYS A 11 1.23 -15.41 11.23
N LEU A 12 2.07 -14.64 10.54
CA LEU A 12 2.19 -13.21 10.80
C LEU A 12 2.17 -12.42 9.49
N VAL A 13 1.36 -12.88 8.54
CA VAL A 13 1.25 -12.21 7.25
C VAL A 13 -0.08 -11.49 7.11
N ASN A 14 -0.01 -10.19 6.84
CA ASN A 14 -1.22 -9.38 6.69
C ASN A 14 -2.25 -10.10 5.84
N ASP A 15 -3.50 -10.09 6.30
CA ASP A 15 -4.59 -10.74 5.58
C ASP A 15 -4.80 -10.10 4.21
N LYS A 16 -4.92 -8.77 4.21
CA LYS A 16 -5.12 -8.03 2.97
C LYS A 16 -4.19 -6.82 2.89
N PRO A 17 -2.90 -7.08 2.65
CA PRO A 17 -1.88 -6.03 2.55
C PRO A 17 -2.05 -5.19 1.29
N HIS A 18 -1.91 -3.87 1.45
CA HIS A 18 -2.04 -2.95 0.32
C HIS A 18 -1.03 -3.27 -0.76
N LYS A 19 -1.41 -3.05 -2.01
CA LYS A 19 -0.53 -3.32 -3.15
C LYS A 19 -0.30 -2.05 -3.96
N PHE A 20 0.70 -1.26 -3.56
CA PHE A 20 1.02 -0.02 -4.25
C PHE A 20 2.07 -0.27 -5.33
N LYS A 21 2.33 0.75 -6.15
CA LYS A 21 3.30 0.65 -7.23
C LYS A 21 3.91 2.01 -7.53
N ASP A 22 5.17 2.02 -7.96
CA ASP A 22 5.87 3.25 -8.29
C ASP A 22 5.19 3.97 -9.45
N HIS A 23 4.44 5.02 -9.15
CA HIS A 23 3.75 5.78 -10.18
C HIS A 23 3.79 7.27 -9.87
N PHE A 24 3.69 8.09 -10.92
CA PHE A 24 3.73 9.53 -10.76
C PHE A 24 2.32 10.13 -10.81
N PHE A 25 1.99 10.93 -9.81
CA PHE A 25 0.68 11.56 -9.73
C PHE A 25 0.67 12.91 -10.44
N LYS A 26 -0.03 13.00 -11.56
CA LYS A 26 -0.11 14.23 -12.33
C LYS A 26 -0.41 15.41 -11.42
N LYS A 27 -1.36 15.23 -10.51
CA LYS A 27 -1.74 16.29 -9.58
C LYS A 27 -1.22 16.00 -8.18
N PRO A 28 -0.99 17.06 -7.39
CA PRO A 28 -0.48 16.94 -6.02
C PRO A 28 -1.52 16.34 -5.07
N LYS A 29 -1.35 15.06 -4.75
CA LYS A 29 -2.27 14.36 -3.86
C LYS A 29 -1.78 14.44 -2.42
N PHE A 30 -2.66 14.09 -1.48
CA PHE A 30 -2.32 14.12 -0.07
C PHE A 30 -2.28 12.71 0.51
N CYS A 31 -1.25 12.41 1.29
CA CYS A 31 -1.10 11.09 1.90
C CYS A 31 -2.25 10.81 2.86
N ASP A 32 -2.35 9.56 3.31
CA ASP A 32 -3.42 9.16 4.22
C ASP A 32 -2.84 8.83 5.60
N VAL A 33 -1.53 8.65 5.66
CA VAL A 33 -0.85 8.33 6.92
C VAL A 33 -0.19 9.57 7.51
N CYS A 34 0.68 10.19 6.72
CA CYS A 34 1.39 11.38 7.17
C CYS A 34 0.53 12.64 6.96
N ALA A 35 -0.29 12.62 5.92
CA ALA A 35 -1.16 13.74 5.62
C ALA A 35 -0.37 14.92 5.05
N ARG A 36 0.59 14.62 4.19
CA ARG A 36 1.43 15.64 3.58
C ARG A 36 1.41 15.54 2.06
N MET A 37 1.05 16.64 1.40
CA MET A 37 0.99 16.67 -0.06
C MET A 37 2.24 16.05 -0.67
N ILE A 38 2.06 15.08 -1.54
CA ILE A 38 3.18 14.41 -2.20
C ILE A 38 3.67 15.21 -3.41
N VAL A 39 4.67 16.04 -3.18
CA VAL A 39 5.23 16.86 -4.25
C VAL A 39 6.76 16.79 -4.26
N LEU A 40 7.33 16.59 -3.08
CA LEU A 40 8.79 16.51 -2.94
C LEU A 40 9.40 15.69 -4.09
N ASN A 41 8.91 14.47 -4.26
CA ASN A 41 9.40 13.59 -5.31
C ASN A 41 8.63 13.80 -6.61
N ASN A 42 8.70 15.02 -7.14
CA ASN A 42 8.00 15.35 -8.38
C ASN A 42 6.65 14.64 -8.45
N LYS A 43 5.95 14.60 -7.33
CA LYS A 43 4.65 13.95 -7.26
C LYS A 43 4.78 12.45 -7.47
N PHE A 44 5.70 11.82 -6.74
CA PHE A 44 5.92 10.39 -6.85
C PHE A 44 5.88 9.73 -5.47
N GLY A 45 5.27 8.54 -5.41
CA GLY A 45 5.18 7.83 -4.15
C GLY A 45 4.74 6.40 -4.34
N LEU A 46 3.54 6.07 -3.88
CA LEU A 46 3.01 4.72 -3.98
C LEU A 46 1.49 4.74 -4.09
N ARG A 47 0.97 4.28 -5.23
CA ARG A 47 -0.47 4.24 -5.45
C ARG A 47 -1.00 2.81 -5.38
N CYS A 48 -1.99 2.60 -4.52
CA CYS A 48 -2.58 1.28 -4.35
C CYS A 48 -3.34 0.86 -5.60
N LYS A 49 -3.81 -0.38 -5.62
CA LYS A 49 -4.56 -0.91 -6.76
C LYS A 49 -6.03 -1.05 -6.41
N ASN A 50 -6.31 -1.54 -5.20
CA ASN A 50 -7.68 -1.74 -4.76
C ASN A 50 -8.30 -0.41 -4.32
N CYS A 51 -7.74 0.18 -3.27
CA CYS A 51 -8.24 1.45 -2.75
C CYS A 51 -7.61 2.62 -3.50
N LYS A 52 -6.53 2.35 -4.21
CA LYS A 52 -5.84 3.38 -4.98
C LYS A 52 -5.52 4.58 -4.11
N THR A 53 -4.87 4.34 -2.98
CA THR A 53 -4.51 5.41 -2.05
C THR A 53 -3.12 5.96 -2.36
N ASN A 54 -2.84 7.16 -1.87
CA ASN A 54 -1.56 7.80 -2.11
C ASN A 54 -0.74 7.85 -0.81
N ILE A 55 0.50 7.36 -0.88
CA ILE A 55 1.38 7.34 0.28
C ILE A 55 2.84 7.36 -0.14
N HIS A 56 3.68 8.03 0.64
CA HIS A 56 5.10 8.12 0.35
C HIS A 56 5.77 6.75 0.46
N GLU A 57 7.01 6.65 -0.01
CA GLU A 57 7.75 5.40 0.04
C GLU A 57 7.94 4.94 1.48
N HIS A 58 7.73 5.86 2.42
CA HIS A 58 7.88 5.54 3.84
C HIS A 58 6.51 5.42 4.52
N CYS A 59 5.51 6.07 3.93
CA CYS A 59 4.16 6.04 4.48
C CYS A 59 3.48 4.71 4.18
N GLN A 60 4.23 3.79 3.59
CA GLN A 60 3.71 2.47 3.25
C GLN A 60 3.99 1.47 4.36
N SER A 61 5.06 1.71 5.11
CA SER A 61 5.43 0.82 6.21
C SER A 61 4.36 0.80 7.28
N TYR A 62 3.73 1.96 7.51
CA TYR A 62 2.69 2.07 8.52
C TYR A 62 1.43 1.33 8.08
N VAL A 63 1.03 1.52 6.83
CA VAL A 63 -0.14 0.87 6.27
C VAL A 63 0.13 -0.61 5.97
N GLU A 64 1.39 -0.92 5.69
CA GLU A 64 1.78 -2.29 5.39
C GLU A 64 0.98 -3.28 6.23
N MET A 65 0.71 -2.92 7.48
CA MET A 65 -0.04 -3.78 8.38
C MET A 65 -1.54 -3.54 8.23
N GLN A 66 -1.92 -2.29 7.99
CA GLN A 66 -3.33 -1.94 7.82
C GLN A 66 -3.97 -2.78 6.73
N ARG A 67 -5.28 -3.01 6.87
CA ARG A 67 -6.01 -3.80 5.89
C ARG A 67 -6.66 -2.91 4.84
N CYS A 68 -6.44 -3.25 3.57
CA CYS A 68 -7.00 -2.47 2.47
C CYS A 68 -8.50 -2.70 2.36
N SER A 69 -9.23 -1.62 2.07
CA SER A 69 -10.69 -1.71 1.93
C SER A 69 -11.07 -2.29 0.57
N GLY A 70 -10.60 -1.66 -0.50
CA GLY A 70 -10.89 -2.13 -1.84
C GLY A 70 -12.30 -1.74 -2.27
N PRO A 71 -12.77 -2.37 -3.37
CA PRO A 71 -14.10 -2.10 -3.92
C PRO A 71 -15.21 -2.63 -3.01
N SER A 72 -14.94 -3.74 -2.34
CA SER A 72 -15.92 -4.35 -1.44
C SER A 72 -15.47 -4.23 0.02
N SER A 73 -16.39 -4.52 0.93
CA SER A 73 -16.09 -4.44 2.36
C SER A 73 -16.93 -5.46 3.14
N GLY A 74 -16.32 -6.04 4.16
CA GLY A 74 -17.03 -7.02 4.97
C GLY A 74 -16.65 -8.45 4.62
ZN ZN B . -5.07 -0.26 -0.55
ZN ZN C . 3.40 10.61 3.14
N GLY A 1 -5.01 -20.75 -19.15
CA GLY A 1 -3.96 -21.62 -18.66
C GLY A 1 -4.00 -21.78 -17.15
N SER A 2 -3.60 -22.96 -16.68
CA SER A 2 -3.60 -23.25 -15.25
C SER A 2 -2.53 -24.28 -14.90
N SER A 3 -1.98 -24.17 -13.69
CA SER A 3 -0.95 -25.08 -13.24
C SER A 3 -1.22 -25.54 -11.81
N GLY A 4 -0.56 -26.62 -11.40
CA GLY A 4 -0.73 -27.14 -10.06
C GLY A 4 0.58 -27.34 -9.33
N SER A 5 1.13 -26.25 -8.81
CA SER A 5 2.40 -26.30 -8.10
C SER A 5 2.25 -25.78 -6.67
N SER A 6 3.09 -26.28 -5.77
CA SER A 6 3.04 -25.86 -4.37
C SER A 6 4.46 -25.73 -3.80
N GLY A 7 4.62 -24.81 -2.85
CA GLY A 7 5.91 -24.61 -2.23
C GLY A 7 5.81 -24.35 -0.75
N GLU A 8 6.96 -24.17 -0.10
CA GLU A 8 6.99 -23.92 1.34
C GLU A 8 5.96 -22.87 1.73
N PRO A 9 5.56 -22.88 3.01
CA PRO A 9 4.57 -21.93 3.55
C PRO A 9 5.12 -20.50 3.61
N PRO A 10 4.55 -19.62 2.78
CA PRO A 10 4.96 -18.21 2.74
C PRO A 10 4.55 -17.44 3.99
N LYS A 11 5.54 -16.87 4.66
CA LYS A 11 5.29 -16.10 5.88
C LYS A 11 4.29 -14.97 5.61
N LEU A 12 3.22 -14.92 6.40
CA LEU A 12 2.21 -13.89 6.24
C LEU A 12 2.36 -12.81 7.31
N VAL A 13 3.23 -11.84 7.03
CA VAL A 13 3.47 -10.75 7.96
C VAL A 13 2.22 -9.91 8.16
N ASN A 14 1.23 -10.10 7.29
CA ASN A 14 -0.02 -9.36 7.37
C ASN A 14 -1.16 -10.16 6.75
N ASP A 15 -2.39 -9.71 6.99
CA ASP A 15 -3.57 -10.39 6.45
C ASP A 15 -3.86 -9.90 5.03
N LYS A 16 -4.16 -8.61 4.90
CA LYS A 16 -4.47 -8.02 3.60
C LYS A 16 -3.57 -6.82 3.33
N PRO A 17 -2.29 -7.09 3.05
CA PRO A 17 -1.29 -6.06 2.76
C PRO A 17 -1.54 -5.38 1.42
N HIS A 18 -1.58 -4.05 1.43
CA HIS A 18 -1.80 -3.28 0.20
C HIS A 18 -0.80 -3.67 -0.88
N LYS A 19 -1.11 -3.30 -2.11
CA LYS A 19 -0.23 -3.60 -3.24
C LYS A 19 0.06 -2.35 -4.06
N PHE A 20 0.64 -1.34 -3.40
CA PHE A 20 0.97 -0.09 -4.07
C PHE A 20 1.98 -0.33 -5.19
N LYS A 21 2.24 0.71 -5.97
CA LYS A 21 3.19 0.63 -7.07
C LYS A 21 3.79 1.99 -7.39
N ASP A 22 4.90 2.00 -8.12
CA ASP A 22 5.57 3.23 -8.49
C ASP A 22 4.81 3.96 -9.58
N HIS A 23 4.25 5.12 -9.25
CA HIS A 23 3.49 5.91 -10.21
C HIS A 23 3.77 7.40 -10.03
N PHE A 24 3.58 8.17 -11.09
CA PHE A 24 3.82 9.61 -11.06
C PHE A 24 2.50 10.38 -11.07
N PHE A 25 2.21 11.04 -9.95
CA PHE A 25 0.98 11.83 -9.83
C PHE A 25 1.10 13.15 -10.58
N LYS A 26 0.27 13.32 -11.59
CA LYS A 26 0.28 14.54 -12.39
C LYS A 26 -0.20 15.73 -11.56
N LYS A 27 -0.85 15.45 -10.44
CA LYS A 27 -1.36 16.50 -9.56
C LYS A 27 -0.94 16.23 -8.12
N PRO A 28 -0.86 17.31 -7.32
CA PRO A 28 -0.47 17.22 -5.91
C PRO A 28 -1.54 16.55 -5.05
N LYS A 29 -1.26 15.32 -4.64
CA LYS A 29 -2.21 14.55 -3.82
C LYS A 29 -1.79 14.60 -2.35
N PHE A 30 -2.70 14.18 -1.47
CA PHE A 30 -2.43 14.17 -0.04
C PHE A 30 -2.37 12.74 0.48
N CYS A 31 -1.47 12.48 1.42
CA CYS A 31 -1.32 11.16 2.01
C CYS A 31 -2.48 10.84 2.94
N ASP A 32 -2.59 9.57 3.33
CA ASP A 32 -3.66 9.14 4.22
C ASP A 32 -3.11 8.79 5.60
N VAL A 33 -1.79 8.71 5.70
CA VAL A 33 -1.14 8.37 6.97
C VAL A 33 -0.49 9.61 7.58
N CYS A 34 0.39 10.24 6.82
CA CYS A 34 1.09 11.44 7.29
C CYS A 34 0.24 12.69 7.08
N ALA A 35 -0.54 12.69 5.99
CA ALA A 35 -1.40 13.82 5.67
C ALA A 35 -0.59 15.00 5.16
N ARG A 36 0.37 14.71 4.27
CA ARG A 36 1.21 15.75 3.70
C ARG A 36 1.23 15.67 2.18
N MET A 37 0.92 16.79 1.53
CA MET A 37 0.90 16.84 0.07
C MET A 37 2.16 16.20 -0.52
N ILE A 38 1.95 15.18 -1.33
CA ILE A 38 3.07 14.48 -1.97
C ILE A 38 3.59 15.25 -3.18
N VAL A 39 4.59 16.10 -2.96
CA VAL A 39 5.17 16.88 -4.04
C VAL A 39 6.68 16.77 -4.04
N LEU A 40 7.18 15.54 -3.89
CA LEU A 40 8.62 15.29 -3.87
C LEU A 40 9.02 14.41 -5.05
N ASN A 41 10.19 14.71 -5.63
CA ASN A 41 10.68 13.94 -6.76
C ASN A 41 9.64 13.85 -7.87
N ASN A 42 9.08 15.00 -8.24
CA ASN A 42 8.06 15.06 -9.29
C ASN A 42 6.78 14.36 -8.84
N LYS A 43 6.39 14.62 -7.60
CA LYS A 43 5.18 14.03 -7.04
C LYS A 43 5.24 12.51 -7.09
N PHE A 44 6.40 11.96 -6.74
CA PHE A 44 6.60 10.51 -6.73
C PHE A 44 6.14 9.90 -5.42
N GLY A 45 5.20 8.98 -5.50
CA GLY A 45 4.68 8.33 -4.30
C GLY A 45 4.25 6.91 -4.56
N LEU A 46 3.33 6.40 -3.73
CA LEU A 46 2.84 5.04 -3.87
C LEU A 46 1.33 5.03 -4.05
N ARG A 47 0.87 4.37 -5.11
CA ARG A 47 -0.57 4.28 -5.39
C ARG A 47 -1.04 2.83 -5.34
N CYS A 48 -2.16 2.60 -4.68
CA CYS A 48 -2.73 1.26 -4.57
C CYS A 48 -3.57 0.92 -5.78
N LYS A 49 -3.98 -0.35 -5.87
CA LYS A 49 -4.79 -0.80 -6.99
C LYS A 49 -6.24 -1.03 -6.55
N ASN A 50 -6.42 -1.46 -5.31
CA ASN A 50 -7.75 -1.72 -4.77
C ASN A 50 -8.34 -0.44 -4.16
N CYS A 51 -7.64 0.11 -3.17
CA CYS A 51 -8.08 1.33 -2.50
C CYS A 51 -7.50 2.56 -3.18
N LYS A 52 -6.63 2.34 -4.16
CA LYS A 52 -6.00 3.43 -4.88
C LYS A 52 -5.64 4.58 -3.93
N THR A 53 -5.02 4.25 -2.81
CA THR A 53 -4.62 5.25 -1.82
C THR A 53 -3.25 5.82 -2.14
N ASN A 54 -3.02 7.05 -1.70
CA ASN A 54 -1.74 7.72 -1.94
C ASN A 54 -0.92 7.82 -0.65
N ILE A 55 0.32 7.35 -0.70
CA ILE A 55 1.19 7.39 0.46
C ILE A 55 2.66 7.41 0.04
N HIS A 56 3.48 8.10 0.84
CA HIS A 56 4.91 8.20 0.56
C HIS A 56 5.59 6.84 0.66
N GLU A 57 6.82 6.75 0.18
CA GLU A 57 7.57 5.51 0.23
C GLU A 57 7.78 5.04 1.67
N HIS A 58 7.61 5.96 2.61
CA HIS A 58 7.77 5.64 4.03
C HIS A 58 6.42 5.52 4.71
N CYS A 59 5.41 6.17 4.14
CA CYS A 59 4.06 6.15 4.70
C CYS A 59 3.41 4.79 4.49
N GLN A 60 4.17 3.86 3.90
CA GLN A 60 3.66 2.52 3.63
C GLN A 60 4.08 1.56 4.73
N SER A 61 5.16 1.89 5.43
CA SER A 61 5.65 1.05 6.52
C SER A 61 4.63 0.95 7.64
N TYR A 62 3.69 1.89 7.65
CA TYR A 62 2.65 1.91 8.69
C TYR A 62 1.41 1.15 8.22
N VAL A 63 1.07 1.30 6.94
CA VAL A 63 -0.09 0.63 6.37
C VAL A 63 0.22 -0.83 6.07
N GLU A 64 1.49 -1.13 5.83
CA GLU A 64 1.91 -2.49 5.52
C GLU A 64 1.10 -3.50 6.32
N MET A 65 0.83 -3.17 7.58
CA MET A 65 0.06 -4.06 8.46
C MET A 65 -1.43 -3.87 8.23
N GLN A 66 -1.84 -2.64 7.97
CA GLN A 66 -3.25 -2.31 7.74
C GLN A 66 -3.84 -3.22 6.67
N ARG A 67 -5.14 -3.45 6.75
CA ARG A 67 -5.83 -4.30 5.78
C ARG A 67 -6.46 -3.45 4.67
N CYS A 68 -6.11 -3.76 3.42
CA CYS A 68 -6.63 -3.03 2.28
C CYS A 68 -8.10 -3.40 2.03
N SER A 69 -8.99 -2.46 2.31
CA SER A 69 -10.42 -2.68 2.13
C SER A 69 -10.92 -1.97 0.87
N GLY A 70 -10.56 -0.69 0.74
CA GLY A 70 -10.98 0.09 -0.41
C GLY A 70 -11.66 1.38 -0.03
N PRO A 71 -12.36 2.00 -0.98
CA PRO A 71 -13.07 3.27 -0.76
C PRO A 71 -14.28 3.09 0.15
N SER A 72 -14.49 1.87 0.63
CA SER A 72 -15.63 1.56 1.49
C SER A 72 -15.29 1.89 2.95
N SER A 73 -15.85 2.99 3.45
CA SER A 73 -15.61 3.41 4.82
C SER A 73 -16.74 2.97 5.74
N GLY A 74 -16.54 3.10 7.04
CA GLY A 74 -17.56 2.72 8.00
C GLY A 74 -18.21 1.39 7.65
ZN ZN B . -4.88 -0.55 -0.69
ZN ZN C . 3.17 10.68 3.31
N GLY A 1 29.55 -37.24 7.28
CA GLY A 1 28.55 -36.70 8.18
C GLY A 1 28.28 -35.23 7.93
N SER A 2 27.02 -34.87 7.77
CA SER A 2 26.65 -33.48 7.53
C SER A 2 25.33 -33.15 8.22
N SER A 3 25.19 -31.89 8.64
CA SER A 3 23.97 -31.44 9.31
C SER A 3 23.77 -29.94 9.12
N GLY A 4 22.53 -29.48 9.30
CA GLY A 4 22.23 -28.07 9.15
C GLY A 4 21.22 -27.59 10.16
N SER A 5 21.18 -26.28 10.37
CA SER A 5 20.26 -25.68 11.33
C SER A 5 20.04 -24.20 11.03
N SER A 6 18.78 -23.77 11.11
CA SER A 6 18.44 -22.37 10.85
C SER A 6 17.06 -22.03 11.41
N GLY A 7 16.93 -20.83 11.94
CA GLY A 7 15.66 -20.40 12.51
C GLY A 7 14.89 -19.48 11.59
N GLU A 8 13.77 -19.98 11.07
CA GLU A 8 12.94 -19.18 10.17
C GLU A 8 11.98 -18.28 10.95
N PRO A 9 11.93 -17.00 10.55
CA PRO A 9 11.06 -16.01 11.20
C PRO A 9 9.58 -16.27 10.92
N PRO A 10 8.73 -15.92 11.91
CA PRO A 10 7.28 -16.11 11.79
C PRO A 10 6.65 -15.15 10.77
N LYS A 11 5.77 -15.68 9.94
CA LYS A 11 5.09 -14.88 8.93
C LYS A 11 3.86 -14.19 9.50
N LEU A 12 4.03 -12.95 9.94
CA LEU A 12 2.93 -12.18 10.51
C LEU A 12 2.44 -11.12 9.54
N VAL A 13 1.46 -11.47 8.73
CA VAL A 13 0.90 -10.54 7.75
C VAL A 13 -0.60 -10.34 7.97
N ASN A 14 -1.07 -9.13 7.70
CA ASN A 14 -2.49 -8.81 7.87
C ASN A 14 -3.35 -9.62 6.90
N ASP A 15 -4.64 -9.36 6.91
CA ASP A 15 -5.58 -10.05 6.03
C ASP A 15 -5.57 -9.44 4.63
N LYS A 16 -5.93 -8.16 4.55
CA LYS A 16 -5.96 -7.47 3.27
C LYS A 16 -4.83 -6.44 3.19
N PRO A 17 -3.62 -6.92 2.86
CA PRO A 17 -2.43 -6.07 2.74
C PRO A 17 -2.50 -5.16 1.51
N HIS A 18 -2.28 -3.87 1.73
CA HIS A 18 -2.31 -2.89 0.65
C HIS A 18 -1.29 -3.23 -0.43
N LYS A 19 -1.59 -2.82 -1.66
CA LYS A 19 -0.69 -3.09 -2.78
C LYS A 19 -0.51 -1.84 -3.64
N PHE A 20 0.60 -1.13 -3.42
CA PHE A 20 0.88 0.08 -4.18
C PHE A 20 1.95 -0.18 -5.24
N LYS A 21 2.16 0.81 -6.10
CA LYS A 21 3.16 0.69 -7.17
C LYS A 21 3.75 2.05 -7.51
N ASP A 22 5.06 2.08 -7.75
CA ASP A 22 5.75 3.32 -8.10
C ASP A 22 5.07 4.01 -9.28
N HIS A 23 4.31 5.06 -8.99
CA HIS A 23 3.62 5.81 -10.03
C HIS A 23 3.65 7.30 -9.75
N PHE A 24 3.84 8.10 -10.79
CA PHE A 24 3.89 9.55 -10.65
C PHE A 24 2.50 10.16 -10.82
N PHE A 25 1.95 10.68 -9.73
CA PHE A 25 0.63 11.30 -9.76
C PHE A 25 0.67 12.64 -10.51
N LYS A 26 -0.03 12.70 -11.64
CA LYS A 26 -0.08 13.91 -12.44
C LYS A 26 -0.34 15.13 -11.57
N LYS A 27 -1.20 14.97 -10.56
CA LYS A 27 -1.52 16.06 -9.65
C LYS A 27 -1.09 15.73 -8.23
N PRO A 28 -0.89 16.77 -7.42
CA PRO A 28 -0.48 16.62 -6.02
C PRO A 28 -1.58 16.02 -5.14
N LYS A 29 -1.34 14.79 -4.68
CA LYS A 29 -2.32 14.10 -3.83
C LYS A 29 -1.88 14.13 -2.37
N PHE A 30 -2.84 14.03 -1.46
CA PHE A 30 -2.55 14.03 -0.04
C PHE A 30 -2.45 12.61 0.50
N CYS A 31 -1.43 12.37 1.34
CA CYS A 31 -1.22 11.06 1.92
C CYS A 31 -2.37 10.67 2.85
N ASP A 32 -2.46 9.40 3.20
CA ASP A 32 -3.51 8.91 4.08
C ASP A 32 -2.95 8.59 5.47
N VAL A 33 -1.63 8.52 5.56
CA VAL A 33 -0.97 8.22 6.83
C VAL A 33 -0.36 9.48 7.44
N CYS A 34 0.51 10.14 6.69
CA CYS A 34 1.16 11.36 7.16
C CYS A 34 0.28 12.58 6.91
N ALA A 35 -0.57 12.49 5.89
CA ALA A 35 -1.45 13.59 5.53
C ALA A 35 -0.67 14.81 5.09
N ARG A 36 0.32 14.61 4.24
CA ARG A 36 1.16 15.70 3.74
C ARG A 36 1.17 15.73 2.22
N MET A 37 0.86 16.89 1.66
CA MET A 37 0.84 17.05 0.21
C MET A 37 2.05 16.36 -0.44
N ILE A 38 1.78 15.41 -1.32
CA ILE A 38 2.84 14.68 -2.01
C ILE A 38 3.26 15.39 -3.29
N VAL A 39 4.34 16.17 -3.21
CA VAL A 39 4.84 16.90 -4.35
C VAL A 39 6.35 16.73 -4.49
N LEU A 40 7.03 16.64 -3.37
CA LEU A 40 8.48 16.48 -3.36
C LEU A 40 8.88 15.20 -4.10
N ASN A 41 9.99 15.27 -4.84
CA ASN A 41 10.48 14.11 -5.58
C ASN A 41 9.62 13.86 -6.81
N ASN A 42 9.23 14.93 -7.50
CA ASN A 42 8.40 14.82 -8.69
C ASN A 42 7.14 14.02 -8.40
N LYS A 43 6.49 14.34 -7.28
CA LYS A 43 5.26 13.66 -6.89
C LYS A 43 5.40 12.14 -7.05
N PHE A 44 6.53 11.61 -6.61
CA PHE A 44 6.79 10.18 -6.70
C PHE A 44 6.52 9.50 -5.36
N GLY A 45 5.43 8.72 -5.32
CA GLY A 45 5.08 8.03 -4.09
C GLY A 45 4.63 6.60 -4.36
N LEU A 46 3.44 6.25 -3.87
CA LEU A 46 2.91 4.91 -4.06
C LEU A 46 1.38 4.94 -4.10
N ARG A 47 0.82 4.39 -5.17
CA ARG A 47 -0.63 4.34 -5.34
C ARG A 47 -1.14 2.90 -5.28
N CYS A 48 -2.13 2.67 -4.43
CA CYS A 48 -2.71 1.34 -4.26
C CYS A 48 -3.48 0.94 -5.52
N LYS A 49 -3.94 -0.31 -5.55
CA LYS A 49 -4.70 -0.83 -6.68
C LYS A 49 -6.18 -0.91 -6.37
N ASN A 50 -6.49 -1.28 -5.13
CA ASN A 50 -7.88 -1.41 -4.69
C ASN A 50 -8.42 -0.07 -4.22
N CYS A 51 -7.85 0.45 -3.13
CA CYS A 51 -8.27 1.74 -2.58
C CYS A 51 -7.61 2.89 -3.32
N LYS A 52 -6.60 2.58 -4.11
CA LYS A 52 -5.88 3.58 -4.88
C LYS A 52 -5.57 4.81 -4.02
N THR A 53 -4.90 4.57 -2.89
CA THR A 53 -4.55 5.65 -1.98
C THR A 53 -3.13 6.14 -2.24
N ASN A 54 -2.87 7.40 -1.91
CA ASN A 54 -1.56 7.99 -2.11
C ASN A 54 -0.75 7.98 -0.82
N ILE A 55 0.49 7.52 -0.91
CA ILE A 55 1.37 7.45 0.25
C ILE A 55 2.84 7.48 -0.16
N HIS A 56 3.65 8.17 0.64
CA HIS A 56 5.08 8.28 0.37
C HIS A 56 5.77 6.91 0.46
N GLU A 57 6.97 6.83 -0.07
CA GLU A 57 7.74 5.58 -0.04
C GLU A 57 7.95 5.10 1.39
N HIS A 58 7.72 5.99 2.34
CA HIS A 58 7.89 5.66 3.75
C HIS A 58 6.54 5.52 4.44
N CYS A 59 5.52 6.17 3.89
CA CYS A 59 4.17 6.13 4.44
C CYS A 59 3.52 4.77 4.16
N GLN A 60 4.28 3.86 3.57
CA GLN A 60 3.78 2.53 3.23
C GLN A 60 4.09 1.55 4.35
N SER A 61 5.19 1.79 5.07
CA SER A 61 5.60 0.92 6.16
C SER A 61 4.50 0.81 7.21
N TYR A 62 3.75 1.90 7.39
CA TYR A 62 2.68 1.93 8.37
C TYR A 62 1.46 1.16 7.87
N VAL A 63 1.13 1.37 6.60
CA VAL A 63 -0.02 0.70 5.99
C VAL A 63 0.33 -0.72 5.57
N GLU A 64 1.63 -1.03 5.60
CA GLU A 64 2.11 -2.36 5.22
C GLU A 64 1.33 -3.44 5.96
N MET A 65 1.04 -3.20 7.23
CA MET A 65 0.32 -4.15 8.05
C MET A 65 -1.11 -3.66 8.31
N GLN A 66 -1.66 -2.91 7.36
CA GLN A 66 -3.01 -2.38 7.49
C GLN A 66 -3.93 -3.00 6.44
N ARG A 67 -5.16 -3.29 6.85
CA ARG A 67 -6.15 -3.89 5.96
C ARG A 67 -6.54 -2.89 4.86
N CYS A 68 -6.72 -3.41 3.65
CA CYS A 68 -7.10 -2.58 2.51
C CYS A 68 -8.61 -2.67 2.25
N SER A 69 -9.35 -1.71 2.81
CA SER A 69 -10.79 -1.69 2.65
C SER A 69 -11.18 -1.03 1.31
N GLY A 70 -10.54 -1.47 0.24
CA GLY A 70 -10.83 -0.92 -1.07
C GLY A 70 -12.11 -1.46 -1.66
N PRO A 71 -12.72 -0.68 -2.56
CA PRO A 71 -13.98 -1.07 -3.22
C PRO A 71 -13.78 -2.21 -4.21
N SER A 72 -12.65 -2.88 -4.10
CA SER A 72 -12.34 -4.01 -4.99
C SER A 72 -13.62 -4.70 -5.44
N SER A 73 -13.91 -4.60 -6.73
CA SER A 73 -15.10 -5.21 -7.29
C SER A 73 -14.82 -6.65 -7.72
N GLY A 74 -15.87 -7.47 -7.75
CA GLY A 74 -15.71 -8.86 -8.15
C GLY A 74 -15.91 -9.06 -9.63
ZN ZN B . -5.23 -0.28 -0.49
ZN ZN C . 3.29 10.69 3.21
N GLY A 1 -3.11 -39.51 -16.82
CA GLY A 1 -3.20 -38.17 -16.25
C GLY A 1 -2.26 -37.98 -15.07
N SER A 2 -2.28 -36.78 -14.50
CA SER A 2 -1.43 -36.47 -13.36
C SER A 2 -1.73 -35.07 -12.82
N SER A 3 -2.00 -34.99 -11.52
CA SER A 3 -2.30 -33.72 -10.88
C SER A 3 -2.14 -33.82 -9.36
N GLY A 4 -2.12 -32.66 -8.70
CA GLY A 4 -1.98 -32.65 -7.25
C GLY A 4 -2.28 -31.29 -6.67
N SER A 5 -2.38 -31.23 -5.34
CA SER A 5 -2.67 -29.97 -4.65
C SER A 5 -2.03 -29.96 -3.27
N SER A 6 -1.67 -28.77 -2.80
CA SER A 6 -1.05 -28.60 -1.49
C SER A 6 -1.43 -27.26 -0.87
N GLY A 7 -1.07 -27.08 0.40
CA GLY A 7 -1.39 -25.85 1.10
C GLY A 7 -0.16 -24.99 1.32
N GLU A 8 0.32 -24.95 2.56
CA GLU A 8 1.49 -24.16 2.90
C GLU A 8 1.32 -22.71 2.45
N PRO A 9 0.22 -22.07 2.88
CA PRO A 9 -0.08 -20.69 2.53
C PRO A 9 0.88 -19.69 3.19
N PRO A 10 0.81 -18.43 2.75
CA PRO A 10 1.66 -17.36 3.30
C PRO A 10 1.29 -16.99 4.73
N LYS A 11 2.23 -16.39 5.45
CA LYS A 11 2.01 -15.98 6.82
C LYS A 11 2.04 -14.46 6.96
N LEU A 12 0.87 -13.84 6.91
CA LEU A 12 0.78 -12.39 7.03
C LEU A 12 -0.31 -12.00 8.03
N VAL A 13 0.06 -11.18 9.01
CA VAL A 13 -0.88 -10.72 10.01
C VAL A 13 -2.25 -10.42 9.41
N ASN A 14 -2.31 -9.41 8.56
CA ASN A 14 -3.55 -9.03 7.90
C ASN A 14 -3.96 -10.06 6.86
N ASP A 15 -5.03 -9.76 6.12
CA ASP A 15 -5.52 -10.67 5.10
C ASP A 15 -5.26 -10.09 3.70
N LYS A 16 -5.68 -8.85 3.50
CA LYS A 16 -5.50 -8.19 2.21
C LYS A 16 -4.53 -7.00 2.34
N PRO A 17 -3.22 -7.30 2.24
CA PRO A 17 -2.19 -6.28 2.34
C PRO A 17 -2.17 -5.34 1.13
N HIS A 18 -2.14 -4.04 1.40
CA HIS A 18 -2.11 -3.04 0.34
C HIS A 18 -1.12 -3.43 -0.75
N LYS A 19 -1.37 -2.98 -1.97
CA LYS A 19 -0.48 -3.27 -3.09
C LYS A 19 -0.21 -2.01 -3.91
N PHE A 20 0.71 -1.18 -3.43
CA PHE A 20 1.06 0.05 -4.12
C PHE A 20 2.11 -0.20 -5.19
N LYS A 21 2.32 0.78 -6.06
CA LYS A 21 3.29 0.66 -7.14
C LYS A 21 3.82 2.03 -7.55
N ASP A 22 5.07 2.07 -8.00
CA ASP A 22 5.69 3.32 -8.42
C ASP A 22 4.87 4.00 -9.50
N HIS A 23 4.22 5.10 -9.14
CA HIS A 23 3.40 5.85 -10.09
C HIS A 23 3.56 7.35 -9.88
N PHE A 24 3.17 8.12 -10.89
CA PHE A 24 3.28 9.58 -10.82
C PHE A 24 1.89 10.23 -10.72
N PHE A 25 1.78 11.24 -9.86
CA PHE A 25 0.51 11.93 -9.68
C PHE A 25 0.53 13.28 -10.39
N LYS A 26 -0.17 13.35 -11.53
CA LYS A 26 -0.25 14.58 -12.31
C LYS A 26 -0.53 15.78 -11.41
N LYS A 27 -1.34 15.56 -10.38
CA LYS A 27 -1.68 16.63 -9.44
C LYS A 27 -1.22 16.28 -8.03
N PRO A 28 -0.97 17.32 -7.22
CA PRO A 28 -0.52 17.15 -5.83
C PRO A 28 -1.61 16.59 -4.93
N LYS A 29 -1.43 15.34 -4.50
CA LYS A 29 -2.40 14.68 -3.63
C LYS A 29 -1.91 14.66 -2.19
N PHE A 30 -2.81 14.32 -1.27
CA PHE A 30 -2.46 14.26 0.15
C PHE A 30 -2.43 12.82 0.63
N CYS A 31 -1.36 12.46 1.34
CA CYS A 31 -1.20 11.11 1.87
C CYS A 31 -2.42 10.71 2.72
N ASP A 32 -2.51 9.42 3.02
CA ASP A 32 -3.62 8.91 3.82
C ASP A 32 -3.15 8.58 5.23
N VAL A 33 -1.84 8.61 5.44
CA VAL A 33 -1.27 8.32 6.75
C VAL A 33 -0.69 9.57 7.39
N CYS A 34 0.25 10.20 6.70
CA CYS A 34 0.89 11.42 7.21
C CYS A 34 0.03 12.64 6.89
N ALA A 35 -0.67 12.60 5.76
CA ALA A 35 -1.53 13.70 5.35
C ALA A 35 -0.70 14.90 4.91
N ARG A 36 0.32 14.64 4.10
CA ARG A 36 1.20 15.69 3.61
C ARG A 36 1.25 15.68 2.08
N MET A 37 1.04 16.85 1.48
CA MET A 37 1.08 16.98 0.03
C MET A 37 2.29 16.26 -0.56
N ILE A 38 2.03 15.25 -1.39
CA ILE A 38 3.11 14.50 -2.01
C ILE A 38 3.71 15.25 -3.20
N VAL A 39 4.70 16.09 -2.92
CA VAL A 39 5.36 16.87 -3.95
C VAL A 39 6.87 16.70 -3.89
N LEU A 40 7.32 15.47 -3.75
CA LEU A 40 8.75 15.17 -3.68
C LEU A 40 9.17 14.20 -4.78
N ASN A 41 10.17 14.59 -5.56
CA ASN A 41 10.67 13.75 -6.64
C ASN A 41 9.64 13.66 -7.77
N ASN A 42 9.16 14.81 -8.21
CA ASN A 42 8.17 14.87 -9.28
C ASN A 42 6.88 14.17 -8.86
N LYS A 43 6.47 14.40 -7.62
CA LYS A 43 5.24 13.79 -7.10
C LYS A 43 5.28 12.27 -7.24
N PHE A 44 6.41 11.68 -6.88
CA PHE A 44 6.58 10.24 -6.97
C PHE A 44 6.35 9.58 -5.61
N GLY A 45 5.30 8.77 -5.52
CA GLY A 45 4.99 8.10 -4.26
C GLY A 45 4.55 6.66 -4.48
N LEU A 46 3.50 6.26 -3.78
CA LEU A 46 2.98 4.90 -3.89
C LEU A 46 1.46 4.91 -4.00
N ARG A 47 0.94 4.34 -5.09
CA ARG A 47 -0.49 4.29 -5.31
C ARG A 47 -0.98 2.84 -5.29
N CYS A 48 -1.99 2.58 -4.45
CA CYS A 48 -2.55 1.24 -4.32
C CYS A 48 -3.32 0.86 -5.58
N LYS A 49 -3.65 -0.42 -5.69
CA LYS A 49 -4.39 -0.93 -6.85
C LYS A 49 -5.85 -1.19 -6.48
N ASN A 50 -6.10 -1.43 -5.20
CA ASN A 50 -7.45 -1.70 -4.72
C ASN A 50 -8.12 -0.42 -4.23
N CYS A 51 -7.52 0.20 -3.22
CA CYS A 51 -8.06 1.44 -2.66
C CYS A 51 -7.48 2.65 -3.38
N LYS A 52 -6.43 2.43 -4.16
CA LYS A 52 -5.79 3.51 -4.91
C LYS A 52 -5.49 4.70 -3.99
N THR A 53 -4.77 4.43 -2.91
CA THR A 53 -4.42 5.48 -1.96
C THR A 53 -3.01 6.00 -2.21
N ASN A 54 -2.77 7.26 -1.86
CA ASN A 54 -1.46 7.87 -2.06
C ASN A 54 -0.69 7.92 -0.74
N ILE A 55 0.55 7.45 -0.77
CA ILE A 55 1.40 7.45 0.42
C ILE A 55 2.87 7.48 0.04
N HIS A 56 3.67 8.16 0.87
CA HIS A 56 5.11 8.28 0.62
C HIS A 56 5.78 6.91 0.73
N GLU A 57 7.03 6.85 0.29
CA GLU A 57 7.80 5.60 0.34
C GLU A 57 7.95 5.12 1.77
N HIS A 58 7.63 5.99 2.73
CA HIS A 58 7.73 5.65 4.14
C HIS A 58 6.35 5.52 4.77
N CYS A 59 5.37 6.18 4.17
CA CYS A 59 4.00 6.14 4.69
C CYS A 59 3.34 4.80 4.38
N GLN A 60 4.12 3.88 3.81
CA GLN A 60 3.62 2.56 3.47
C GLN A 60 3.94 1.56 4.57
N SER A 61 5.00 1.82 5.33
CA SER A 61 5.40 0.94 6.41
C SER A 61 4.32 0.87 7.49
N TYR A 62 3.59 1.96 7.66
CA TYR A 62 2.53 2.02 8.66
C TYR A 62 1.31 1.22 8.20
N VAL A 63 0.93 1.40 6.93
CA VAL A 63 -0.21 0.69 6.37
C VAL A 63 0.18 -0.70 5.89
N GLU A 64 1.49 -0.96 5.85
CA GLU A 64 1.99 -2.25 5.41
C GLU A 64 1.27 -3.39 6.13
N MET A 65 0.90 -3.16 7.38
CA MET A 65 0.21 -4.17 8.18
C MET A 65 -1.21 -3.70 8.51
N GLN A 66 -1.84 -3.02 7.56
CA GLN A 66 -3.20 -2.53 7.75
C GLN A 66 -4.11 -2.99 6.62
N ARG A 67 -5.04 -3.88 6.94
CA ARG A 67 -5.98 -4.40 5.95
C ARG A 67 -6.36 -3.32 4.94
N CYS A 68 -6.30 -3.66 3.66
CA CYS A 68 -6.65 -2.72 2.60
C CYS A 68 -8.15 -2.62 2.43
N SER A 69 -8.65 -1.39 2.36
CA SER A 69 -10.09 -1.16 2.20
C SER A 69 -10.37 0.31 1.89
N GLY A 70 -10.84 0.57 0.68
CA GLY A 70 -11.15 1.93 0.28
C GLY A 70 -11.69 2.77 1.43
N PRO A 71 -13.02 2.79 1.55
CA PRO A 71 -13.70 3.56 2.61
C PRO A 71 -13.48 2.95 3.99
N SER A 72 -12.43 3.39 4.67
CA SER A 72 -12.10 2.89 6.00
C SER A 72 -12.61 3.85 7.08
N SER A 73 -12.94 3.29 8.23
CA SER A 73 -13.44 4.09 9.35
C SER A 73 -12.28 4.75 10.11
N GLY A 74 -12.39 6.05 10.32
CA GLY A 74 -11.35 6.77 11.03
C GLY A 74 -11.86 8.04 11.68
ZN ZN B . -5.04 -0.44 -0.62
ZN ZN C . 3.22 10.71 3.38
N GLY A 1 4.73 -39.14 -16.32
CA GLY A 1 5.24 -38.24 -15.30
C GLY A 1 4.13 -37.62 -14.47
N SER A 2 4.51 -36.77 -13.53
CA SER A 2 3.54 -36.10 -12.66
C SER A 2 4.11 -34.81 -12.09
N SER A 3 3.28 -33.77 -12.01
CA SER A 3 3.71 -32.49 -11.49
C SER A 3 4.33 -32.65 -10.09
N GLY A 4 3.54 -33.20 -9.17
CA GLY A 4 4.03 -33.39 -7.83
C GLY A 4 4.78 -32.19 -7.29
N SER A 5 4.10 -31.04 -7.25
CA SER A 5 4.72 -29.82 -6.77
C SER A 5 4.28 -29.52 -5.32
N SER A 6 5.25 -29.51 -4.41
CA SER A 6 4.96 -29.25 -3.01
C SER A 6 4.36 -27.86 -2.83
N GLY A 7 3.97 -27.55 -1.60
CA GLY A 7 3.38 -26.25 -1.31
C GLY A 7 3.28 -25.97 0.17
N GLU A 8 3.34 -24.69 0.54
CA GLU A 8 3.26 -24.29 1.94
C GLU A 8 2.63 -22.92 2.08
N PRO A 9 1.62 -22.83 2.97
CA PRO A 9 0.90 -21.57 3.22
C PRO A 9 1.77 -20.53 3.93
N PRO A 10 1.58 -19.25 3.58
CA PRO A 10 2.33 -18.15 4.18
C PRO A 10 1.94 -17.91 5.64
N LYS A 11 2.77 -17.14 6.34
CA LYS A 11 2.51 -16.83 7.74
C LYS A 11 2.55 -15.33 7.98
N LEU A 12 1.41 -14.76 8.38
CA LEU A 12 1.31 -13.34 8.63
C LEU A 12 0.06 -13.01 9.44
N VAL A 13 -0.04 -11.77 9.91
CA VAL A 13 -1.19 -11.34 10.69
C VAL A 13 -2.33 -10.87 9.78
N ASN A 14 -1.99 -10.02 8.81
CA ASN A 14 -2.98 -9.50 7.88
C ASN A 14 -3.30 -10.52 6.80
N ASP A 15 -4.21 -10.16 5.90
CA ASP A 15 -4.61 -11.05 4.80
C ASP A 15 -4.44 -10.36 3.45
N LYS A 16 -5.08 -9.20 3.30
CA LYS A 16 -5.00 -8.45 2.06
C LYS A 16 -4.28 -7.12 2.27
N PRO A 17 -2.94 -7.16 2.26
CA PRO A 17 -2.10 -5.98 2.44
C PRO A 17 -2.19 -5.02 1.25
N HIS A 18 -2.24 -3.73 1.55
CA HIS A 18 -2.32 -2.70 0.51
C HIS A 18 -1.21 -2.89 -0.52
N LYS A 19 -1.60 -3.06 -1.78
CA LYS A 19 -0.63 -3.25 -2.86
C LYS A 19 -0.40 -1.94 -3.61
N PHE A 20 0.72 -1.30 -3.34
CA PHE A 20 1.06 -0.04 -3.99
C PHE A 20 2.02 -0.27 -5.17
N LYS A 21 2.15 0.73 -6.02
CA LYS A 21 3.02 0.64 -7.19
C LYS A 21 3.65 1.99 -7.50
N ASP A 22 4.95 1.98 -7.77
CA ASP A 22 5.68 3.20 -8.10
C ASP A 22 5.01 3.95 -9.25
N HIS A 23 4.27 5.00 -8.93
CA HIS A 23 3.58 5.79 -9.93
C HIS A 23 3.64 7.28 -9.59
N PHE A 24 3.72 8.11 -10.62
CA PHE A 24 3.79 9.56 -10.43
C PHE A 24 2.41 10.18 -10.56
N PHE A 25 1.97 10.83 -9.48
CA PHE A 25 0.65 11.48 -9.47
C PHE A 25 0.68 12.77 -10.27
N LYS A 26 -0.02 12.78 -11.40
CA LYS A 26 -0.07 13.95 -12.26
C LYS A 26 -0.45 15.19 -11.46
N LYS A 27 -0.99 14.98 -10.27
CA LYS A 27 -1.40 16.07 -9.40
C LYS A 27 -0.95 15.83 -7.96
N PRO A 28 -0.77 16.91 -7.20
CA PRO A 28 -0.36 16.84 -5.80
C PRO A 28 -1.45 16.26 -4.90
N LYS A 29 -1.33 14.97 -4.59
CA LYS A 29 -2.30 14.30 -3.74
C LYS A 29 -1.90 14.41 -2.27
N PHE A 30 -2.85 14.10 -1.39
CA PHE A 30 -2.59 14.17 0.05
C PHE A 30 -2.52 12.77 0.66
N CYS A 31 -1.52 12.54 1.50
CA CYS A 31 -1.33 11.25 2.15
C CYS A 31 -2.47 10.95 3.11
N ASP A 32 -2.65 9.68 3.43
CA ASP A 32 -3.71 9.26 4.35
C ASP A 32 -3.15 8.98 5.74
N VAL A 33 -1.82 8.87 5.83
CA VAL A 33 -1.16 8.60 7.10
C VAL A 33 -0.53 9.86 7.66
N CYS A 34 0.38 10.46 6.91
CA CYS A 34 1.06 11.68 7.34
C CYS A 34 0.19 12.90 7.06
N ALA A 35 -0.60 12.84 6.00
CA ALA A 35 -1.48 13.95 5.62
C ALA A 35 -0.67 15.15 5.13
N ARG A 36 0.33 14.88 4.29
CA ARG A 36 1.17 15.94 3.74
C ARG A 36 1.17 15.90 2.23
N MET A 37 0.80 17.03 1.61
CA MET A 37 0.77 17.12 0.15
C MET A 37 2.02 16.50 -0.46
N ILE A 38 1.81 15.44 -1.24
CA ILE A 38 2.92 14.75 -1.89
C ILE A 38 3.44 15.55 -3.10
N VAL A 39 4.52 16.29 -2.88
CA VAL A 39 5.12 17.09 -3.94
C VAL A 39 6.62 16.90 -4.00
N LEU A 40 7.05 15.65 -4.15
CA LEU A 40 8.47 15.33 -4.22
C LEU A 40 8.92 15.13 -5.67
N ASN A 41 10.20 14.82 -5.85
CA ASN A 41 10.75 14.60 -7.19
C ASN A 41 9.73 13.92 -8.09
N ASN A 42 9.18 14.67 -9.04
CA ASN A 42 8.19 14.13 -9.96
C ASN A 42 7.04 13.48 -9.22
N LYS A 43 6.56 14.15 -8.18
CA LYS A 43 5.46 13.64 -7.37
C LYS A 43 5.50 12.12 -7.29
N PHE A 44 6.63 11.59 -6.86
CA PHE A 44 6.81 10.15 -6.73
C PHE A 44 6.34 9.65 -5.37
N GLY A 45 5.57 8.57 -5.37
CA GLY A 45 5.07 8.02 -4.13
C GLY A 45 4.64 6.57 -4.26
N LEU A 46 3.48 6.24 -3.68
CA LEU A 46 2.97 4.88 -3.74
C LEU A 46 1.45 4.88 -3.80
N ARG A 47 0.89 4.33 -4.87
CA ARG A 47 -0.55 4.26 -5.04
C ARG A 47 -1.04 2.81 -5.00
N CYS A 48 -2.00 2.56 -4.12
CA CYS A 48 -2.56 1.21 -3.97
C CYS A 48 -3.20 0.74 -5.28
N LYS A 49 -3.68 -0.49 -5.29
CA LYS A 49 -4.31 -1.06 -6.47
C LYS A 49 -5.83 -1.14 -6.28
N ASN A 50 -6.26 -1.27 -5.03
CA ASN A 50 -7.68 -1.36 -4.72
C ASN A 50 -8.22 -0.01 -4.26
N CYS A 51 -7.74 0.44 -3.10
CA CYS A 51 -8.17 1.72 -2.55
C CYS A 51 -7.44 2.88 -3.21
N LYS A 52 -6.49 2.55 -4.09
CA LYS A 52 -5.71 3.57 -4.79
C LYS A 52 -5.35 4.72 -3.86
N THR A 53 -4.84 4.38 -2.68
CA THR A 53 -4.44 5.39 -1.69
C THR A 53 -3.05 5.91 -1.99
N ASN A 54 -2.86 7.21 -1.76
CA ASN A 54 -1.56 7.85 -2.00
C ASN A 54 -0.78 7.98 -0.70
N ILE A 55 0.44 7.45 -0.68
CA ILE A 55 1.28 7.52 0.50
C ILE A 55 2.76 7.57 0.12
N HIS A 56 3.56 8.26 0.92
CA HIS A 56 4.99 8.38 0.66
C HIS A 56 5.68 7.03 0.80
N GLU A 57 6.92 6.95 0.33
CA GLU A 57 7.68 5.71 0.40
C GLU A 57 7.90 5.29 1.85
N HIS A 58 7.58 6.18 2.77
CA HIS A 58 7.73 5.90 4.20
C HIS A 58 6.37 5.79 4.88
N CYS A 59 5.36 6.40 4.28
CA CYS A 59 4.01 6.37 4.83
C CYS A 59 3.35 5.02 4.58
N GLN A 60 4.11 4.09 4.02
CA GLN A 60 3.59 2.76 3.72
C GLN A 60 3.94 1.78 4.85
N SER A 61 5.09 2.01 5.49
CA SER A 61 5.53 1.14 6.58
C SER A 61 4.44 0.99 7.63
N TYR A 62 3.56 2.00 7.72
CA TYR A 62 2.47 1.97 8.68
C TYR A 62 1.26 1.24 8.11
N VAL A 63 1.14 1.26 6.79
CA VAL A 63 0.03 0.59 6.11
C VAL A 63 0.53 -0.43 5.11
N GLU A 64 1.61 -1.13 5.47
CA GLU A 64 2.19 -2.14 4.59
C GLU A 64 1.50 -3.49 4.81
N MET A 65 0.87 -3.65 5.96
CA MET A 65 0.18 -4.89 6.28
C MET A 65 -1.23 -4.61 6.79
N GLN A 66 -1.76 -3.45 6.43
CA GLN A 66 -3.11 -3.05 6.85
C GLN A 66 -4.15 -3.56 5.86
N ARG A 67 -5.29 -4.01 6.39
CA ARG A 67 -6.36 -4.52 5.56
C ARG A 67 -6.90 -3.44 4.62
N CYS A 68 -6.91 -3.74 3.33
CA CYS A 68 -7.39 -2.78 2.33
C CYS A 68 -8.91 -2.86 2.20
N SER A 69 -9.57 -1.72 2.40
CA SER A 69 -11.02 -1.66 2.31
C SER A 69 -11.46 -1.31 0.89
N GLY A 70 -11.06 -0.13 0.41
CA GLY A 70 -11.43 0.29 -0.92
C GLY A 70 -12.60 1.25 -0.93
N PRO A 71 -12.87 1.85 -2.10
CA PRO A 71 -13.97 2.80 -2.26
C PRO A 71 -15.34 2.13 -2.18
N SER A 72 -16.32 2.84 -1.63
CA SER A 72 -17.68 2.31 -1.49
C SER A 72 -17.63 0.81 -1.19
N SER A 73 -16.77 0.43 -0.25
CA SER A 73 -16.64 -0.97 0.13
C SER A 73 -17.78 -1.40 1.05
N GLY A 74 -17.87 -2.70 1.31
CA GLY A 74 -18.91 -3.21 2.18
C GLY A 74 -18.70 -2.84 3.63
ZN ZN B . -5.27 -0.35 -0.33
ZN ZN C . 3.18 10.90 3.39
N GLY A 1 -15.10 -8.57 -20.06
CA GLY A 1 -14.27 -9.18 -19.03
C GLY A 1 -14.75 -10.58 -18.66
N SER A 2 -14.16 -11.58 -19.28
CA SER A 2 -14.53 -12.98 -19.03
C SER A 2 -13.83 -13.49 -17.77
N SER A 3 -14.64 -13.90 -16.79
CA SER A 3 -14.10 -14.41 -15.53
C SER A 3 -13.26 -15.67 -15.77
N GLY A 4 -12.64 -16.16 -14.71
CA GLY A 4 -11.80 -17.34 -14.82
C GLY A 4 -10.37 -17.09 -14.37
N SER A 5 -10.04 -17.60 -13.18
CA SER A 5 -8.70 -17.42 -12.64
C SER A 5 -8.45 -18.39 -11.48
N SER A 6 -7.19 -18.53 -11.10
CA SER A 6 -6.82 -19.43 -10.01
C SER A 6 -6.22 -18.65 -8.84
N GLY A 7 -6.29 -19.23 -7.65
CA GLY A 7 -5.76 -18.57 -6.47
C GLY A 7 -4.24 -18.65 -6.40
N GLU A 8 -3.73 -19.36 -5.40
CA GLU A 8 -2.29 -19.49 -5.22
C GLU A 8 -1.62 -18.14 -5.07
N PRO A 9 -2.10 -17.34 -4.10
CA PRO A 9 -1.56 -16.01 -3.83
C PRO A 9 -0.15 -16.06 -3.24
N PRO A 10 0.50 -14.89 -3.16
CA PRO A 10 1.85 -14.77 -2.61
C PRO A 10 1.88 -15.00 -1.10
N LYS A 11 3.07 -14.87 -0.51
CA LYS A 11 3.24 -15.07 0.93
C LYS A 11 2.81 -13.83 1.69
N LEU A 12 1.51 -13.52 1.65
CA LEU A 12 0.97 -12.36 2.34
C LEU A 12 -0.06 -12.78 3.39
N VAL A 13 0.41 -13.14 4.57
CA VAL A 13 -0.47 -13.56 5.65
C VAL A 13 -1.64 -12.60 5.80
N ASN A 14 -1.33 -11.32 5.99
CA ASN A 14 -2.36 -10.30 6.15
C ASN A 14 -3.60 -10.63 5.32
N ASP A 15 -4.77 -10.32 5.85
CA ASP A 15 -6.02 -10.58 5.16
C ASP A 15 -6.08 -9.81 3.85
N LYS A 16 -6.00 -8.49 3.93
CA LYS A 16 -6.05 -7.64 2.75
C LYS A 16 -4.95 -6.57 2.81
N PRO A 17 -3.70 -6.99 2.61
CA PRO A 17 -2.54 -6.08 2.63
C PRO A 17 -2.52 -5.15 1.44
N HIS A 18 -2.38 -3.85 1.70
CA HIS A 18 -2.34 -2.85 0.64
C HIS A 18 -1.31 -3.22 -0.41
N LYS A 19 -1.63 -2.97 -1.67
CA LYS A 19 -0.73 -3.27 -2.79
C LYS A 19 -0.51 -2.04 -3.66
N PHE A 20 0.49 -1.25 -3.31
CA PHE A 20 0.81 -0.04 -4.07
C PHE A 20 1.83 -0.34 -5.17
N LYS A 21 2.03 0.63 -6.06
CA LYS A 21 2.97 0.47 -7.16
C LYS A 21 3.62 1.80 -7.51
N ASP A 22 4.88 1.76 -7.92
CA ASP A 22 5.62 2.95 -8.29
C ASP A 22 4.94 3.67 -9.45
N HIS A 23 4.24 4.76 -9.14
CA HIS A 23 3.55 5.54 -10.17
C HIS A 23 3.68 7.04 -9.89
N PHE A 24 3.57 7.83 -10.95
CA PHE A 24 3.66 9.29 -10.82
C PHE A 24 2.28 9.93 -10.82
N PHE A 25 2.11 10.95 -9.99
CA PHE A 25 0.84 11.65 -9.89
C PHE A 25 0.90 12.99 -10.63
N LYS A 26 0.22 13.05 -11.77
CA LYS A 26 0.19 14.27 -12.58
C LYS A 26 -0.26 15.46 -11.74
N LYS A 27 -0.97 15.19 -10.66
CA LYS A 27 -1.46 16.23 -9.77
C LYS A 27 -0.99 16.00 -8.34
N PRO A 28 -0.90 17.08 -7.55
CA PRO A 28 -0.48 17.01 -6.15
C PRO A 28 -1.51 16.32 -5.26
N LYS A 29 -1.26 15.06 -4.94
CA LYS A 29 -2.17 14.29 -4.09
C LYS A 29 -1.80 14.44 -2.63
N PHE A 30 -2.66 13.94 -1.75
CA PHE A 30 -2.43 14.00 -0.31
C PHE A 30 -2.35 12.61 0.30
N CYS A 31 -1.40 12.42 1.22
CA CYS A 31 -1.22 11.14 1.88
C CYS A 31 -2.36 10.86 2.85
N ASP A 32 -2.47 9.60 3.28
CA ASP A 32 -3.51 9.20 4.21
C ASP A 32 -2.94 8.94 5.60
N VAL A 33 -1.64 8.71 5.66
CA VAL A 33 -0.96 8.46 6.92
C VAL A 33 -0.32 9.72 7.48
N CYS A 34 0.50 10.37 6.66
CA CYS A 34 1.17 11.59 7.06
C CYS A 34 0.31 12.82 6.76
N ALA A 35 -0.47 12.74 5.69
CA ALA A 35 -1.34 13.83 5.29
C ALA A 35 -0.54 15.03 4.79
N ARG A 36 0.47 14.74 3.97
CA ARG A 36 1.32 15.79 3.42
C ARG A 36 1.34 15.74 1.89
N MET A 37 0.99 16.85 1.26
CA MET A 37 0.96 16.93 -0.20
C MET A 37 2.21 16.27 -0.80
N ILE A 38 2.00 15.21 -1.56
CA ILE A 38 3.10 14.49 -2.19
C ILE A 38 3.60 15.23 -3.43
N VAL A 39 4.61 16.07 -3.24
CA VAL A 39 5.18 16.83 -4.35
C VAL A 39 6.70 16.80 -4.31
N LEU A 40 7.26 16.77 -3.11
CA LEU A 40 8.70 16.73 -2.93
C LEU A 40 9.36 15.81 -3.96
N ASN A 41 8.93 14.56 -3.99
CA ASN A 41 9.47 13.59 -4.93
C ASN A 41 8.80 13.72 -6.29
N ASN A 42 8.88 14.92 -6.86
CA ASN A 42 8.28 15.19 -8.16
C ASN A 42 6.91 14.52 -8.29
N LYS A 43 6.16 14.52 -7.19
CA LYS A 43 4.83 13.92 -7.17
C LYS A 43 4.91 12.42 -7.46
N PHE A 44 5.81 11.74 -6.74
CA PHE A 44 5.97 10.30 -6.91
C PHE A 44 5.98 9.60 -5.56
N GLY A 45 5.17 8.54 -5.43
CA GLY A 45 5.11 7.80 -4.19
C GLY A 45 4.64 6.38 -4.40
N LEU A 46 3.46 6.06 -3.85
CA LEU A 46 2.89 4.72 -3.97
C LEU A 46 1.37 4.78 -4.06
N ARG A 47 0.83 4.24 -5.15
CA ARG A 47 -0.61 4.24 -5.35
C ARG A 47 -1.17 2.82 -5.21
N CYS A 48 -2.15 2.66 -4.34
CA CYS A 48 -2.79 1.37 -4.11
C CYS A 48 -3.73 1.01 -5.25
N LYS A 49 -3.50 -0.14 -5.87
CA LYS A 49 -4.33 -0.60 -6.98
C LYS A 49 -5.61 -1.25 -6.46
N ASN A 50 -5.93 -0.98 -5.20
CA ASN A 50 -7.14 -1.53 -4.59
C ASN A 50 -8.04 -0.42 -4.05
N CYS A 51 -7.50 0.40 -3.15
CA CYS A 51 -8.25 1.49 -2.57
C CYS A 51 -7.87 2.82 -3.21
N LYS A 52 -6.77 2.81 -3.96
CA LYS A 52 -6.29 4.01 -4.64
C LYS A 52 -5.89 5.08 -3.64
N THR A 53 -5.03 4.72 -2.70
CA THR A 53 -4.56 5.64 -1.68
C THR A 53 -3.12 6.08 -1.95
N ASN A 54 -2.86 7.37 -1.76
CA ASN A 54 -1.53 7.92 -1.99
C ASN A 54 -0.71 7.91 -0.69
N ILE A 55 0.53 7.45 -0.77
CA ILE A 55 1.40 7.39 0.39
C ILE A 55 2.87 7.42 -0.03
N HIS A 56 3.68 8.13 0.74
CA HIS A 56 5.11 8.24 0.46
C HIS A 56 5.80 6.88 0.62
N GLU A 57 7.00 6.78 0.07
CA GLU A 57 7.77 5.54 0.16
C GLU A 57 7.96 5.11 1.62
N HIS A 58 7.69 6.03 2.53
CA HIS A 58 7.84 5.76 3.96
C HIS A 58 6.47 5.64 4.63
N CYS A 59 5.46 6.27 4.03
CA CYS A 59 4.11 6.23 4.57
C CYS A 59 3.46 4.87 4.32
N GLN A 60 4.24 3.95 3.76
CA GLN A 60 3.73 2.61 3.47
C GLN A 60 4.04 1.65 4.61
N SER A 61 5.22 1.79 5.19
CA SER A 61 5.64 0.93 6.30
C SER A 61 4.57 0.89 7.38
N TYR A 62 3.89 2.03 7.58
CA TYR A 62 2.85 2.12 8.59
C TYR A 62 1.59 1.36 8.16
N VAL A 63 1.37 1.30 6.86
CA VAL A 63 0.21 0.60 6.31
C VAL A 63 0.64 -0.60 5.47
N GLU A 64 1.75 -1.22 5.86
CA GLU A 64 2.27 -2.38 5.15
C GLU A 64 1.47 -3.64 5.49
N MET A 65 1.05 -3.73 6.75
CA MET A 65 0.27 -4.88 7.22
C MET A 65 -1.12 -4.45 7.66
N GLN A 66 -1.63 -3.39 7.04
CA GLN A 66 -2.96 -2.88 7.37
C GLN A 66 -4.00 -3.40 6.39
N ARG A 67 -5.23 -3.55 6.87
CA ARG A 67 -6.33 -4.03 6.02
C ARG A 67 -6.76 -2.97 5.03
N CYS A 68 -6.78 -3.33 3.75
CA CYS A 68 -7.17 -2.41 2.69
C CYS A 68 -8.69 -2.30 2.61
N SER A 69 -9.17 -1.09 2.33
CA SER A 69 -10.61 -0.85 2.22
C SER A 69 -11.08 -0.96 0.78
N GLY A 70 -10.50 -1.90 0.04
CA GLY A 70 -10.87 -2.10 -1.35
C GLY A 70 -12.22 -2.77 -1.51
N PRO A 71 -13.00 -2.31 -2.50
CA PRO A 71 -14.33 -2.86 -2.77
C PRO A 71 -14.28 -4.28 -3.33
N SER A 72 -13.07 -4.81 -3.44
CA SER A 72 -12.88 -6.16 -3.96
C SER A 72 -12.51 -7.13 -2.84
N SER A 73 -13.22 -8.25 -2.77
CA SER A 73 -12.97 -9.26 -1.75
C SER A 73 -11.66 -10.00 -2.03
N GLY A 74 -11.22 -10.80 -1.06
CA GLY A 74 -9.99 -11.56 -1.22
C GLY A 74 -9.40 -11.99 0.11
ZN ZN B . -5.14 -0.17 -0.24
ZN ZN C . 3.30 10.76 3.12
N GLY A 1 3.56 -45.91 14.60
CA GLY A 1 3.33 -45.55 15.98
C GLY A 1 4.35 -44.57 16.50
N SER A 2 4.06 -43.28 16.38
CA SER A 2 4.97 -42.24 16.85
C SER A 2 4.20 -41.06 17.44
N SER A 3 4.91 -40.17 18.12
CA SER A 3 4.29 -39.00 18.73
C SER A 3 5.20 -37.78 18.62
N GLY A 4 4.66 -36.61 18.93
CA GLY A 4 5.44 -35.39 18.86
C GLY A 4 4.79 -34.25 19.61
N SER A 5 5.56 -33.60 20.48
CA SER A 5 5.05 -32.48 21.27
C SER A 5 4.28 -31.50 20.38
N SER A 6 3.02 -31.25 20.73
CA SER A 6 2.19 -30.33 19.96
C SER A 6 2.05 -28.99 20.69
N GLY A 7 1.63 -27.97 19.96
CA GLY A 7 1.46 -26.65 20.55
C GLY A 7 2.20 -25.57 19.78
N GLU A 8 1.55 -25.02 18.76
CA GLU A 8 2.16 -23.97 17.95
C GLU A 8 1.42 -22.64 18.13
N PRO A 9 2.20 -21.56 18.25
CA PRO A 9 1.64 -20.21 18.43
C PRO A 9 0.93 -19.71 17.18
N PRO A 10 -0.16 -18.96 17.37
CA PRO A 10 -0.95 -18.39 16.27
C PRO A 10 -0.21 -17.28 15.53
N LYS A 11 -0.03 -17.46 14.23
CA LYS A 11 0.67 -16.47 13.41
C LYS A 11 -0.15 -15.19 13.29
N LEU A 12 0.54 -14.06 13.19
CA LEU A 12 -0.13 -12.76 13.07
C LEU A 12 -0.05 -12.24 11.64
N VAL A 13 -1.18 -12.26 10.95
CA VAL A 13 -1.24 -11.79 9.57
C VAL A 13 -2.55 -11.07 9.28
N ASN A 14 -2.49 -10.01 8.49
CA ASN A 14 -3.67 -9.24 8.14
C ASN A 14 -4.39 -9.85 6.94
N ASP A 15 -5.70 -9.63 6.87
CA ASP A 15 -6.51 -10.16 5.77
C ASP A 15 -5.77 -10.00 4.44
N LYS A 16 -5.59 -8.76 4.01
CA LYS A 16 -4.92 -8.47 2.75
C LYS A 16 -4.20 -7.13 2.82
N PRO A 17 -2.87 -7.16 2.77
CA PRO A 17 -2.03 -5.96 2.82
C PRO A 17 -2.15 -5.12 1.55
N HIS A 18 -2.14 -3.81 1.72
CA HIS A 18 -2.24 -2.89 0.58
C HIS A 18 -1.20 -3.23 -0.48
N LYS A 19 -1.59 -3.11 -1.74
CA LYS A 19 -0.69 -3.40 -2.86
C LYS A 19 -0.41 -2.14 -3.67
N PHE A 20 0.56 -1.35 -3.23
CA PHE A 20 0.92 -0.12 -3.92
C PHE A 20 1.95 -0.39 -5.01
N LYS A 21 2.16 0.60 -5.87
CA LYS A 21 3.11 0.47 -6.98
C LYS A 21 3.72 1.82 -7.33
N ASP A 22 4.94 1.79 -7.87
CA ASP A 22 5.63 3.01 -8.25
C ASP A 22 4.90 3.71 -9.39
N HIS A 23 4.19 4.79 -9.07
CA HIS A 23 3.45 5.55 -10.07
C HIS A 23 3.55 7.05 -9.79
N PHE A 24 3.51 7.85 -10.85
CA PHE A 24 3.60 9.30 -10.73
C PHE A 24 2.20 9.92 -10.67
N PHE A 25 2.06 10.95 -9.84
CA PHE A 25 0.79 11.64 -9.68
C PHE A 25 0.80 12.97 -10.42
N LYS A 26 0.32 12.96 -11.66
CA LYS A 26 0.28 14.17 -12.47
C LYS A 26 -0.09 15.38 -11.62
N LYS A 27 -1.03 15.19 -10.70
CA LYS A 27 -1.48 16.26 -9.82
C LYS A 27 -1.00 16.02 -8.39
N PRO A 28 -0.85 17.12 -7.62
CA PRO A 28 -0.40 17.05 -6.23
C PRO A 28 -1.45 16.43 -5.31
N LYS A 29 -1.24 15.17 -4.95
CA LYS A 29 -2.18 14.47 -4.08
C LYS A 29 -1.71 14.55 -2.62
N PHE A 30 -2.62 14.24 -1.70
CA PHE A 30 -2.32 14.27 -0.27
C PHE A 30 -2.30 12.86 0.31
N CYS A 31 -1.32 12.60 1.18
CA CYS A 31 -1.21 11.30 1.81
C CYS A 31 -2.36 11.03 2.76
N ASP A 32 -2.50 9.78 3.20
CA ASP A 32 -3.57 9.41 4.11
C ASP A 32 -3.01 9.11 5.51
N VAL A 33 -1.70 8.91 5.58
CA VAL A 33 -1.05 8.61 6.85
C VAL A 33 -0.38 9.87 7.43
N CYS A 34 0.52 10.45 6.65
CA CYS A 34 1.23 11.66 7.08
C CYS A 34 0.39 12.90 6.84
N ALA A 35 -0.42 12.86 5.79
CA ALA A 35 -1.30 14.00 5.45
C ALA A 35 -0.49 15.16 4.92
N ARG A 36 0.49 14.86 4.07
CA ARG A 36 1.34 15.90 3.48
C ARG A 36 1.35 15.79 1.96
N MET A 37 1.02 16.89 1.29
CA MET A 37 0.99 16.91 -0.17
C MET A 37 2.25 16.27 -0.74
N ILE A 38 2.06 15.29 -1.62
CA ILE A 38 3.19 14.59 -2.24
C ILE A 38 3.71 15.38 -3.44
N VAL A 39 4.76 16.17 -3.21
CA VAL A 39 5.36 16.96 -4.27
C VAL A 39 6.88 16.82 -4.27
N LEU A 40 7.46 16.74 -3.07
CA LEU A 40 8.90 16.61 -2.93
C LEU A 40 9.48 15.74 -4.04
N ASN A 41 9.01 14.49 -4.12
CA ASN A 41 9.47 13.56 -5.13
C ASN A 41 8.72 13.75 -6.44
N ASN A 42 8.89 14.93 -7.06
CA ASN A 42 8.21 15.24 -8.31
C ASN A 42 6.86 14.55 -8.38
N LYS A 43 6.12 14.59 -7.27
CA LYS A 43 4.80 13.97 -7.21
C LYS A 43 4.89 12.47 -7.46
N PHE A 44 5.75 11.80 -6.71
CA PHE A 44 5.94 10.36 -6.85
C PHE A 44 5.93 9.68 -5.47
N GLY A 45 5.25 8.53 -5.40
CA GLY A 45 5.19 7.80 -4.14
C GLY A 45 4.70 6.38 -4.33
N LEU A 46 3.59 6.05 -3.66
CA LEU A 46 3.02 4.71 -3.75
C LEU A 46 1.50 4.77 -3.82
N ARG A 47 0.94 4.26 -4.92
CA ARG A 47 -0.50 4.26 -5.11
C ARG A 47 -1.05 2.83 -5.06
N CYS A 48 -2.07 2.62 -4.23
CA CYS A 48 -2.68 1.31 -4.09
C CYS A 48 -3.47 0.94 -5.35
N LYS A 49 -3.97 -0.29 -5.38
CA LYS A 49 -4.74 -0.77 -6.52
C LYS A 49 -6.22 -0.89 -6.17
N ASN A 50 -6.50 -1.44 -4.99
CA ASN A 50 -7.88 -1.60 -4.53
C ASN A 50 -8.47 -0.27 -4.07
N CYS A 51 -7.90 0.28 -3.01
CA CYS A 51 -8.36 1.55 -2.46
C CYS A 51 -7.75 2.73 -3.22
N LYS A 52 -6.65 2.46 -3.93
CA LYS A 52 -5.97 3.49 -4.70
C LYS A 52 -5.59 4.67 -3.81
N THR A 53 -4.90 4.39 -2.71
CA THR A 53 -4.48 5.43 -1.78
C THR A 53 -3.07 5.92 -2.09
N ASN A 54 -2.83 7.21 -1.87
CA ASN A 54 -1.53 7.80 -2.14
C ASN A 54 -0.73 7.94 -0.85
N ILE A 55 0.46 7.35 -0.84
CA ILE A 55 1.33 7.40 0.33
C ILE A 55 2.80 7.43 -0.09
N HIS A 56 3.61 8.14 0.69
CA HIS A 56 5.04 8.24 0.40
C HIS A 56 5.73 6.89 0.56
N GLU A 57 6.95 6.79 0.05
CA GLU A 57 7.71 5.54 0.13
C GLU A 57 7.90 5.12 1.57
N HIS A 58 7.65 6.05 2.50
CA HIS A 58 7.79 5.77 3.92
C HIS A 58 6.43 5.66 4.60
N CYS A 59 5.44 6.29 4.01
CA CYS A 59 4.08 6.27 4.55
C CYS A 59 3.42 4.93 4.30
N GLN A 60 4.17 3.99 3.74
CA GLN A 60 3.66 2.66 3.44
C GLN A 60 3.96 1.70 4.58
N SER A 61 5.09 1.90 5.25
CA SER A 61 5.50 1.05 6.35
C SER A 61 4.39 0.95 7.40
N TYR A 62 3.71 2.07 7.64
CA TYR A 62 2.63 2.11 8.62
C TYR A 62 1.41 1.35 8.11
N VAL A 63 1.26 1.30 6.80
CA VAL A 63 0.14 0.60 6.17
C VAL A 63 0.62 -0.56 5.31
N GLU A 64 1.70 -1.20 5.73
CA GLU A 64 2.27 -2.32 5.00
C GLU A 64 1.49 -3.60 5.29
N MET A 65 1.09 -3.78 6.54
CA MET A 65 0.34 -4.95 6.95
C MET A 65 -1.07 -4.58 7.40
N GLN A 66 -1.58 -3.48 6.85
CA GLN A 66 -2.92 -3.01 7.20
C GLN A 66 -3.94 -3.43 6.14
N ARG A 67 -5.03 -4.05 6.58
CA ARG A 67 -6.07 -4.50 5.68
C ARG A 67 -6.55 -3.36 4.79
N CYS A 68 -6.78 -3.67 3.51
CA CYS A 68 -7.24 -2.67 2.56
C CYS A 68 -8.76 -2.74 2.39
N SER A 69 -9.44 -1.69 2.83
CA SER A 69 -10.89 -1.63 2.73
C SER A 69 -11.36 -2.07 1.34
N GLY A 70 -10.79 -1.45 0.31
CA GLY A 70 -11.17 -1.78 -1.05
C GLY A 70 -12.43 -1.08 -1.50
N PRO A 71 -13.29 -1.81 -2.22
CA PRO A 71 -14.56 -1.26 -2.72
C PRO A 71 -15.56 -0.99 -1.61
N SER A 72 -15.49 0.21 -1.03
CA SER A 72 -16.39 0.59 0.04
C SER A 72 -17.78 0.94 -0.50
N SER A 73 -18.72 1.16 0.40
CA SER A 73 -20.09 1.50 0.02
C SER A 73 -20.14 2.90 -0.60
N GLY A 74 -20.84 3.00 -1.73
CA GLY A 74 -20.95 4.27 -2.41
C GLY A 74 -21.42 4.13 -3.85
ZN ZN B . -5.19 -0.15 -0.33
ZN ZN C . 3.28 10.80 3.09
N GLY A 1 8.11 -50.60 6.80
CA GLY A 1 8.52 -49.26 6.45
C GLY A 1 7.72 -48.68 5.30
N SER A 2 7.12 -47.51 5.53
CA SER A 2 6.30 -46.86 4.52
C SER A 2 6.57 -45.35 4.49
N SER A 3 7.18 -44.89 3.40
CA SER A 3 7.49 -43.47 3.25
C SER A 3 6.24 -42.62 3.47
N GLY A 4 6.39 -41.58 4.28
CA GLY A 4 5.27 -40.69 4.55
C GLY A 4 5.54 -39.26 4.14
N SER A 5 4.67 -38.34 4.56
CA SER A 5 4.82 -36.94 4.22
C SER A 5 3.80 -36.09 4.96
N SER A 6 4.19 -34.89 5.35
CA SER A 6 3.31 -33.98 6.07
C SER A 6 3.67 -32.53 5.78
N GLY A 7 2.65 -31.72 5.46
CA GLY A 7 2.88 -30.32 5.16
C GLY A 7 1.77 -29.43 5.66
N GLU A 8 2.08 -28.16 5.91
CA GLU A 8 1.09 -27.21 6.40
C GLU A 8 1.18 -25.89 5.64
N PRO A 9 0.07 -25.14 5.62
CA PRO A 9 0.00 -23.85 4.93
C PRO A 9 0.83 -22.78 5.62
N PRO A 10 1.53 -21.96 4.81
CA PRO A 10 2.38 -20.88 5.32
C PRO A 10 1.57 -19.74 5.93
N LYS A 11 2.05 -19.22 7.06
CA LYS A 11 1.37 -18.13 7.75
C LYS A 11 1.36 -16.86 6.89
N LEU A 12 0.35 -16.03 7.07
CA LEU A 12 0.23 -14.79 6.32
C LEU A 12 0.51 -13.59 7.21
N VAL A 13 1.62 -12.90 6.95
CA VAL A 13 2.00 -11.72 7.72
C VAL A 13 0.84 -10.74 7.84
N ASN A 14 0.02 -10.67 6.79
CA ASN A 14 -1.13 -9.78 6.78
C ASN A 14 -2.29 -10.39 5.99
N ASP A 15 -3.50 -10.23 6.51
CA ASP A 15 -4.69 -10.75 5.85
C ASP A 15 -4.92 -10.07 4.50
N LYS A 16 -5.19 -8.77 4.54
CA LYS A 16 -5.42 -7.99 3.33
C LYS A 16 -4.39 -6.88 3.19
N PRO A 17 -3.15 -7.25 2.81
CA PRO A 17 -2.06 -6.29 2.64
C PRO A 17 -2.26 -5.41 1.42
N HIS A 18 -1.78 -4.17 1.50
CA HIS A 18 -1.90 -3.22 0.41
C HIS A 18 -0.87 -3.50 -0.68
N LYS A 19 -1.24 -3.20 -1.92
CA LYS A 19 -0.34 -3.43 -3.05
C LYS A 19 -0.15 -2.14 -3.86
N PHE A 20 0.77 -1.30 -3.40
CA PHE A 20 1.05 -0.04 -4.09
C PHE A 20 2.11 -0.23 -5.17
N LYS A 21 2.26 0.77 -6.03
CA LYS A 21 3.23 0.71 -7.11
C LYS A 21 3.68 2.12 -7.52
N ASP A 22 4.84 2.21 -8.15
CA ASP A 22 5.37 3.49 -8.59
C ASP A 22 4.38 4.20 -9.53
N HIS A 23 3.76 5.26 -9.01
CA HIS A 23 2.79 6.02 -9.79
C HIS A 23 3.05 7.52 -9.66
N PHE A 24 3.15 8.21 -10.80
CA PHE A 24 3.39 9.64 -10.81
C PHE A 24 2.08 10.41 -10.92
N PHE A 25 1.74 11.14 -9.86
CA PHE A 25 0.52 11.93 -9.84
C PHE A 25 0.75 13.31 -10.43
N LYS A 26 0.28 13.50 -11.66
CA LYS A 26 0.44 14.78 -12.35
C LYS A 26 0.21 15.95 -11.39
N LYS A 27 -0.79 15.81 -10.52
CA LYS A 27 -1.12 16.84 -9.55
C LYS A 27 -0.70 16.43 -8.15
N PRO A 28 -0.54 17.41 -7.25
CA PRO A 28 -0.15 17.17 -5.86
C PRO A 28 -1.25 16.49 -5.06
N LYS A 29 -1.03 15.23 -4.69
CA LYS A 29 -2.00 14.47 -3.92
C LYS A 29 -1.68 14.53 -2.42
N PHE A 30 -2.62 14.07 -1.60
CA PHE A 30 -2.44 14.09 -0.15
C PHE A 30 -2.39 12.66 0.39
N CYS A 31 -1.48 12.42 1.32
CA CYS A 31 -1.33 11.10 1.92
C CYS A 31 -2.50 10.80 2.86
N ASP A 32 -2.63 9.53 3.24
CA ASP A 32 -3.70 9.12 4.14
C ASP A 32 -3.16 8.77 5.52
N VAL A 33 -1.84 8.57 5.59
CA VAL A 33 -1.19 8.24 6.86
C VAL A 33 -0.54 9.48 7.48
N CYS A 34 0.29 10.15 6.71
CA CYS A 34 0.97 11.36 7.18
C CYS A 34 0.12 12.60 6.94
N ALA A 35 -0.61 12.59 5.83
CA ALA A 35 -1.47 13.72 5.49
C ALA A 35 -0.65 14.90 4.97
N ARG A 36 0.34 14.61 4.14
CA ARG A 36 1.20 15.65 3.59
C ARG A 36 1.19 15.60 2.05
N MET A 37 0.95 16.75 1.44
CA MET A 37 0.92 16.84 -0.02
C MET A 37 2.19 16.24 -0.63
N ILE A 38 2.02 15.20 -1.43
CA ILE A 38 3.14 14.54 -2.08
C ILE A 38 3.62 15.32 -3.30
N VAL A 39 4.66 16.13 -3.12
CA VAL A 39 5.20 16.92 -4.20
C VAL A 39 6.66 16.57 -4.47
N LEU A 40 7.33 16.05 -3.44
CA LEU A 40 8.74 15.67 -3.56
C LEU A 40 8.90 14.51 -4.54
N ASN A 41 9.97 14.55 -5.32
CA ASN A 41 10.24 13.51 -6.30
C ASN A 41 9.24 13.56 -7.46
N ASN A 42 8.91 14.77 -7.89
CA ASN A 42 7.96 14.96 -8.98
C ASN A 42 6.64 14.27 -8.68
N LYS A 43 6.19 14.38 -7.43
CA LYS A 43 4.93 13.77 -7.03
C LYS A 43 5.00 12.25 -7.16
N PHE A 44 6.13 11.67 -6.79
CA PHE A 44 6.32 10.23 -6.87
C PHE A 44 6.14 9.58 -5.51
N GLY A 45 5.13 8.71 -5.40
CA GLY A 45 4.86 8.04 -4.15
C GLY A 45 4.48 6.58 -4.34
N LEU A 46 3.34 6.19 -3.79
CA LEU A 46 2.87 4.82 -3.90
C LEU A 46 1.34 4.77 -3.97
N ARG A 47 0.81 4.28 -5.08
CA ARG A 47 -0.63 4.19 -5.27
C ARG A 47 -1.08 2.73 -5.22
N CYS A 48 -2.10 2.46 -4.41
CA CYS A 48 -2.64 1.11 -4.26
C CYS A 48 -3.57 0.77 -5.41
N LYS A 49 -3.35 -0.37 -6.04
CA LYS A 49 -4.17 -0.82 -7.16
C LYS A 49 -5.47 -1.45 -6.66
N ASN A 50 -5.78 -1.24 -5.38
CA ASN A 50 -6.98 -1.79 -4.78
C ASN A 50 -7.86 -0.68 -4.19
N CYS A 51 -7.28 0.10 -3.29
CA CYS A 51 -8.00 1.20 -2.65
C CYS A 51 -7.69 2.52 -3.32
N LYS A 52 -6.60 2.55 -4.08
CA LYS A 52 -6.18 3.76 -4.79
C LYS A 52 -5.81 4.86 -3.81
N THR A 53 -4.92 4.53 -2.86
CA THR A 53 -4.48 5.50 -1.87
C THR A 53 -3.06 5.95 -2.14
N ASN A 54 -2.80 7.24 -1.95
CA ASN A 54 -1.48 7.81 -2.18
C ASN A 54 -0.70 7.91 -0.88
N ILE A 55 0.46 7.26 -0.84
CA ILE A 55 1.31 7.28 0.35
C ILE A 55 2.78 7.33 -0.03
N HIS A 56 3.57 8.04 0.77
CA HIS A 56 5.01 8.16 0.53
C HIS A 56 5.70 6.81 0.68
N GLU A 57 6.90 6.70 0.14
CA GLU A 57 7.68 5.47 0.21
C GLU A 57 7.83 5.02 1.66
N HIS A 58 7.62 5.93 2.59
CA HIS A 58 7.73 5.63 4.01
C HIS A 58 6.36 5.48 4.65
N CYS A 59 5.36 6.12 4.05
CA CYS A 59 3.99 6.06 4.56
C CYS A 59 3.36 4.71 4.26
N GLN A 60 4.15 3.81 3.69
CA GLN A 60 3.67 2.47 3.35
C GLN A 60 3.99 1.47 4.46
N SER A 61 5.08 1.73 5.18
CA SER A 61 5.49 0.85 6.27
C SER A 61 4.44 0.80 7.36
N TYR A 62 3.76 1.92 7.57
CA TYR A 62 2.72 2.00 8.60
C TYR A 62 1.47 1.23 8.17
N VAL A 63 1.06 1.42 6.92
CA VAL A 63 -0.11 0.74 6.39
C VAL A 63 0.20 -0.71 6.07
N GLU A 64 1.46 -1.00 5.81
CA GLU A 64 1.89 -2.36 5.48
C GLU A 64 1.12 -3.38 6.32
N MET A 65 0.88 -3.05 7.58
CA MET A 65 0.15 -3.93 8.48
C MET A 65 -1.35 -3.74 8.34
N GLN A 66 -1.76 -2.51 8.05
CA GLN A 66 -3.17 -2.20 7.88
C GLN A 66 -3.79 -3.05 6.77
N ARG A 67 -5.10 -3.25 6.85
CA ARG A 67 -5.81 -4.04 5.85
C ARG A 67 -6.34 -3.15 4.73
N CYS A 68 -6.41 -3.70 3.53
CA CYS A 68 -6.90 -2.96 2.37
C CYS A 68 -8.39 -3.22 2.13
N SER A 69 -9.17 -2.15 2.08
CA SER A 69 -10.61 -2.26 1.87
C SER A 69 -11.07 -1.33 0.74
N GLY A 70 -10.71 -1.70 -0.49
CA GLY A 70 -11.10 -0.89 -1.64
C GLY A 70 -12.60 -0.87 -1.84
N PRO A 71 -13.06 0.02 -2.73
CA PRO A 71 -14.48 0.17 -3.05
C PRO A 71 -15.03 -1.03 -3.82
N SER A 72 -14.13 -1.89 -4.29
CA SER A 72 -14.52 -3.07 -5.05
C SER A 72 -15.00 -4.18 -4.12
N SER A 73 -15.81 -3.81 -3.14
CA SER A 73 -16.33 -4.77 -2.17
C SER A 73 -17.83 -5.02 -2.41
N GLY A 74 -18.17 -6.28 -2.66
CA GLY A 74 -19.57 -6.62 -2.90
C GLY A 74 -20.28 -7.04 -1.64
ZN ZN B . -4.97 -0.69 -0.57
ZN ZN C . 3.15 10.62 3.23
N GLY A 1 5.33 -23.16 -12.30
CA GLY A 1 6.15 -23.81 -11.28
C GLY A 1 5.50 -23.74 -9.91
N SER A 2 5.08 -24.90 -9.40
CA SER A 2 4.44 -24.98 -8.10
C SER A 2 4.35 -26.42 -7.62
N SER A 3 4.36 -26.60 -6.30
CA SER A 3 4.28 -27.94 -5.71
C SER A 3 4.00 -27.85 -4.21
N GLY A 4 3.05 -28.65 -3.75
CA GLY A 4 2.70 -28.65 -2.34
C GLY A 4 2.95 -30.00 -1.69
N SER A 5 3.16 -29.99 -0.38
CA SER A 5 3.42 -31.21 0.37
C SER A 5 3.05 -31.04 1.84
N SER A 6 2.47 -32.07 2.42
CA SER A 6 2.07 -32.04 3.82
C SER A 6 3.18 -31.51 4.69
N GLY A 7 2.90 -30.44 5.45
CA GLY A 7 3.90 -29.85 6.32
C GLY A 7 4.05 -28.36 6.09
N GLU A 8 3.03 -27.60 6.48
CA GLU A 8 3.07 -26.14 6.33
C GLU A 8 1.94 -25.48 7.11
N PRO A 9 2.31 -24.52 7.97
CA PRO A 9 1.34 -23.79 8.80
C PRO A 9 0.44 -22.87 7.98
N PRO A 10 -0.71 -22.48 8.55
CA PRO A 10 -1.66 -21.59 7.89
C PRO A 10 -1.14 -20.17 7.75
N LYS A 11 -1.66 -19.45 6.76
CA LYS A 11 -1.25 -18.08 6.51
C LYS A 11 -2.36 -17.09 6.86
N LEU A 12 -2.51 -16.82 8.15
CA LEU A 12 -3.54 -15.90 8.61
C LEU A 12 -2.93 -14.71 9.34
N VAL A 13 -2.06 -13.98 8.64
CA VAL A 13 -1.40 -12.82 9.21
C VAL A 13 -2.17 -11.54 8.91
N ASN A 14 -3.00 -11.59 7.87
CA ASN A 14 -3.80 -10.44 7.48
C ASN A 14 -4.80 -10.82 6.40
N ASP A 15 -5.84 -10.00 6.24
CA ASP A 15 -6.86 -10.24 5.23
C ASP A 15 -6.32 -10.01 3.82
N LYS A 16 -5.87 -8.78 3.57
CA LYS A 16 -5.33 -8.42 2.27
C LYS A 16 -4.49 -7.14 2.36
N PRO A 17 -3.16 -7.30 2.28
CA PRO A 17 -2.22 -6.17 2.36
C PRO A 17 -2.29 -5.29 1.12
N HIS A 18 -2.25 -3.97 1.33
CA HIS A 18 -2.30 -3.02 0.23
C HIS A 18 -1.29 -3.38 -0.85
N LYS A 19 -1.61 -3.04 -2.10
CA LYS A 19 -0.72 -3.33 -3.23
C LYS A 19 -0.43 -2.06 -4.02
N PHE A 20 0.53 -1.28 -3.55
CA PHE A 20 0.91 -0.04 -4.22
C PHE A 20 1.99 -0.30 -5.27
N LYS A 21 2.14 0.65 -6.20
CA LYS A 21 3.14 0.52 -7.25
C LYS A 21 3.72 1.89 -7.60
N ASP A 22 5.02 1.90 -7.93
CA ASP A 22 5.69 3.14 -8.30
C ASP A 22 4.99 3.83 -9.45
N HIS A 23 4.26 4.90 -9.14
CA HIS A 23 3.53 5.65 -10.16
C HIS A 23 3.60 7.14 -9.88
N PHE A 24 3.56 7.94 -10.94
CA PHE A 24 3.62 9.39 -10.82
C PHE A 24 2.22 10.01 -10.83
N PHE A 25 1.99 10.96 -9.93
CA PHE A 25 0.69 11.62 -9.83
C PHE A 25 0.71 12.96 -10.55
N LYS A 26 0.11 13.00 -11.73
CA LYS A 26 0.06 14.23 -12.52
C LYS A 26 -0.31 15.43 -11.65
N LYS A 27 -0.99 15.15 -10.54
CA LYS A 27 -1.39 16.21 -9.62
C LYS A 27 -0.99 15.87 -8.19
N PRO A 28 -0.80 16.90 -7.36
CA PRO A 28 -0.40 16.74 -5.96
C PRO A 28 -1.52 16.14 -5.11
N LYS A 29 -1.31 14.91 -4.65
CA LYS A 29 -2.30 14.23 -3.83
C LYS A 29 -1.93 14.31 -2.36
N PHE A 30 -2.88 14.00 -1.48
CA PHE A 30 -2.65 14.04 -0.04
C PHE A 30 -2.55 12.62 0.53
N CYS A 31 -1.58 12.42 1.41
CA CYS A 31 -1.36 11.12 2.04
C CYS A 31 -2.49 10.79 3.02
N ASP A 32 -2.59 9.53 3.40
CA ASP A 32 -3.61 9.09 4.34
C ASP A 32 -3.00 8.77 5.70
N VAL A 33 -1.69 8.60 5.73
CA VAL A 33 -0.98 8.29 6.97
C VAL A 33 -0.33 9.54 7.56
N CYS A 34 0.40 10.28 6.74
CA CYS A 34 1.06 11.49 7.18
C CYS A 34 0.19 12.71 6.93
N ALA A 35 -0.55 12.69 5.83
CA ALA A 35 -1.44 13.80 5.48
C ALA A 35 -0.65 15.00 4.97
N ARG A 36 0.33 14.72 4.12
CA ARG A 36 1.17 15.78 3.55
C ARG A 36 1.16 15.72 2.03
N MET A 37 0.90 16.86 1.39
CA MET A 37 0.86 16.94 -0.06
C MET A 37 2.10 16.30 -0.67
N ILE A 38 1.90 15.29 -1.49
CA ILE A 38 3.01 14.60 -2.14
C ILE A 38 3.49 15.35 -3.37
N VAL A 39 4.49 16.20 -3.18
CA VAL A 39 5.04 16.98 -4.29
C VAL A 39 6.53 16.68 -4.49
N LEU A 40 7.19 16.27 -3.42
CA LEU A 40 8.61 15.94 -3.48
C LEU A 40 8.89 14.90 -4.54
N ASN A 41 10.16 14.73 -4.88
CA ASN A 41 10.56 13.75 -5.89
C ASN A 41 9.58 13.74 -7.05
N ASN A 42 9.21 14.92 -7.52
CA ASN A 42 8.28 15.04 -8.63
C ASN A 42 7.00 14.25 -8.37
N LYS A 43 6.37 14.51 -7.23
CA LYS A 43 5.15 13.82 -6.85
C LYS A 43 5.29 12.31 -7.04
N PHE A 44 6.36 11.76 -6.50
CA PHE A 44 6.63 10.33 -6.59
C PHE A 44 6.30 9.63 -5.28
N GLY A 45 5.29 8.77 -5.31
CA GLY A 45 4.90 8.04 -4.12
C GLY A 45 4.46 6.61 -4.42
N LEU A 46 3.44 6.15 -3.71
CA LEU A 46 2.92 4.80 -3.90
C LEU A 46 1.40 4.81 -3.98
N ARG A 47 0.87 4.37 -5.12
CA ARG A 47 -0.57 4.32 -5.32
C ARG A 47 -1.09 2.88 -5.26
N CYS A 48 -2.06 2.65 -4.39
CA CYS A 48 -2.64 1.31 -4.23
C CYS A 48 -3.34 0.87 -5.52
N LYS A 49 -3.83 -0.36 -5.52
CA LYS A 49 -4.54 -0.90 -6.68
C LYS A 49 -6.04 -0.97 -6.43
N ASN A 50 -6.41 -1.16 -5.17
CA ASN A 50 -7.82 -1.25 -4.79
C ASN A 50 -8.32 0.09 -4.25
N CYS A 51 -7.85 0.45 -3.06
CA CYS A 51 -8.24 1.71 -2.43
C CYS A 51 -7.55 2.89 -3.10
N LYS A 52 -6.73 2.61 -4.11
CA LYS A 52 -6.02 3.64 -4.83
C LYS A 52 -5.63 4.80 -3.90
N THR A 53 -5.01 4.46 -2.78
CA THR A 53 -4.58 5.45 -1.81
C THR A 53 -3.18 5.97 -2.11
N ASN A 54 -2.93 7.22 -1.79
CA ASN A 54 -1.64 7.84 -2.03
C ASN A 54 -0.81 7.91 -0.75
N ILE A 55 0.41 7.41 -0.80
CA ILE A 55 1.29 7.41 0.36
C ILE A 55 2.76 7.48 -0.06
N HIS A 56 3.56 8.18 0.74
CA HIS A 56 4.98 8.34 0.45
C HIS A 56 5.70 6.99 0.55
N GLU A 57 6.94 6.94 0.06
CA GLU A 57 7.72 5.72 0.10
C GLU A 57 7.98 5.28 1.53
N HIS A 58 7.66 6.15 2.48
CA HIS A 58 7.86 5.86 3.89
C HIS A 58 6.52 5.75 4.62
N CYS A 59 5.48 6.30 4.00
CA CYS A 59 4.15 6.27 4.59
C CYS A 59 3.51 4.90 4.40
N GLN A 60 4.25 3.97 3.80
CA GLN A 60 3.75 2.63 3.56
C GLN A 60 4.19 1.68 4.67
N SER A 61 5.26 2.05 5.36
CA SER A 61 5.80 1.23 6.44
C SER A 61 4.76 1.03 7.54
N TYR A 62 3.78 1.92 7.57
CA TYR A 62 2.71 1.85 8.57
C TYR A 62 1.52 1.06 8.04
N VAL A 63 1.25 1.20 6.75
CA VAL A 63 0.14 0.51 6.12
C VAL A 63 0.53 -0.91 5.73
N GLU A 64 1.83 -1.18 5.72
CA GLU A 64 2.34 -2.50 5.37
C GLU A 64 1.60 -3.59 6.12
N MET A 65 1.06 -3.23 7.29
CA MET A 65 0.32 -4.18 8.11
C MET A 65 -1.12 -3.73 8.30
N GLN A 66 -1.68 -3.11 7.27
CA GLN A 66 -3.06 -2.62 7.33
C GLN A 66 -3.95 -3.44 6.40
N ARG A 67 -5.25 -3.15 6.44
CA ARG A 67 -6.22 -3.86 5.60
C ARG A 67 -6.70 -2.97 4.46
N CYS A 68 -6.58 -3.47 3.24
CA CYS A 68 -7.00 -2.72 2.06
C CYS A 68 -8.52 -2.71 1.94
N SER A 69 -9.04 -1.88 1.03
CA SER A 69 -10.47 -1.77 0.82
C SER A 69 -11.16 -1.13 2.03
N GLY A 70 -10.67 0.04 2.43
CA GLY A 70 -11.25 0.73 3.56
C GLY A 70 -12.76 0.82 3.49
N PRO A 71 -13.26 1.75 2.66
CA PRO A 71 -14.70 1.96 2.48
C PRO A 71 -15.37 0.81 1.74
N SER A 72 -16.51 0.35 2.25
CA SER A 72 -17.24 -0.75 1.65
C SER A 72 -18.75 -0.54 1.78
N SER A 73 -19.42 -0.38 0.65
CA SER A 73 -20.86 -0.16 0.65
C SER A 73 -21.55 -1.06 -0.38
N GLY A 74 -22.46 -1.90 0.08
CA GLY A 74 -23.17 -2.79 -0.82
C GLY A 74 -24.04 -3.80 -0.08
ZN ZN B . -5.14 -0.32 -0.41
ZN ZN C . 3.16 10.78 3.20
N GLY A 1 11.20 -38.98 -18.86
CA GLY A 1 11.70 -38.73 -17.53
C GLY A 1 10.59 -38.48 -16.52
N SER A 2 10.91 -37.80 -15.44
CA SER A 2 9.93 -37.50 -14.40
C SER A 2 10.11 -36.08 -13.87
N SER A 3 9.03 -35.51 -13.35
CA SER A 3 9.08 -34.15 -12.82
C SER A 3 7.80 -33.84 -12.03
N GLY A 4 7.91 -32.89 -11.11
CA GLY A 4 6.76 -32.51 -10.30
C GLY A 4 7.06 -32.57 -8.81
N SER A 5 6.90 -31.44 -8.13
CA SER A 5 7.16 -31.38 -6.69
C SER A 5 6.00 -30.68 -5.97
N SER A 6 5.96 -30.86 -4.65
CA SER A 6 4.91 -30.25 -3.84
C SER A 6 5.51 -29.46 -2.68
N GLY A 7 4.79 -28.42 -2.26
CA GLY A 7 5.27 -27.59 -1.16
C GLY A 7 4.28 -26.50 -0.78
N GLU A 8 4.09 -26.30 0.51
CA GLU A 8 3.17 -25.28 1.01
C GLU A 8 3.72 -23.88 0.77
N PRO A 9 2.81 -22.90 0.62
CA PRO A 9 3.19 -21.51 0.37
C PRO A 9 3.82 -20.87 1.60
N PRO A 10 4.46 -19.70 1.39
CA PRO A 10 5.12 -18.96 2.46
C PRO A 10 4.14 -18.34 3.45
N LYS A 11 4.64 -17.90 4.59
CA LYS A 11 3.80 -17.30 5.62
C LYS A 11 3.58 -15.82 5.33
N LEU A 12 2.32 -15.38 5.40
CA LEU A 12 1.98 -13.99 5.16
C LEU A 12 1.85 -13.22 6.47
N VAL A 13 2.91 -12.50 6.82
CA VAL A 13 2.90 -11.71 8.06
C VAL A 13 1.55 -11.07 8.30
N ASN A 14 0.97 -10.51 7.25
CA ASN A 14 -0.33 -9.85 7.35
C ASN A 14 -1.39 -10.62 6.54
N ASP A 15 -2.66 -10.30 6.79
CA ASP A 15 -3.76 -10.95 6.09
C ASP A 15 -3.91 -10.40 4.68
N LYS A 16 -4.35 -9.16 4.57
CA LYS A 16 -4.55 -8.51 3.28
C LYS A 16 -3.87 -7.15 3.25
N PRO A 17 -2.54 -7.14 3.10
CA PRO A 17 -1.75 -5.90 3.06
C PRO A 17 -1.99 -5.11 1.77
N HIS A 18 -1.77 -3.80 1.84
CA HIS A 18 -1.96 -2.93 0.68
C HIS A 18 -0.89 -3.19 -0.38
N LYS A 19 -1.29 -3.12 -1.63
CA LYS A 19 -0.37 -3.35 -2.74
C LYS A 19 -0.20 -2.08 -3.58
N PHE A 20 0.79 -1.27 -3.24
CA PHE A 20 1.04 -0.02 -3.96
C PHE A 20 2.11 -0.23 -5.03
N LYS A 21 2.20 0.71 -5.97
CA LYS A 21 3.18 0.63 -7.04
C LYS A 21 3.62 2.02 -7.48
N ASP A 22 4.73 2.08 -8.20
CA ASP A 22 5.26 3.36 -8.68
C ASP A 22 4.23 4.10 -9.53
N HIS A 23 3.87 5.30 -9.11
CA HIS A 23 2.89 6.10 -9.82
C HIS A 23 3.30 7.58 -9.82
N PHE A 24 2.78 8.32 -10.80
CA PHE A 24 3.08 9.75 -10.91
C PHE A 24 1.80 10.57 -11.01
N PHE A 25 1.48 11.28 -9.93
CA PHE A 25 0.28 12.10 -9.88
C PHE A 25 0.58 13.51 -10.39
N LYS A 26 0.15 13.81 -11.60
CA LYS A 26 0.36 15.12 -12.20
C LYS A 26 0.03 16.23 -11.21
N LYS A 27 -1.01 16.00 -10.39
CA LYS A 27 -1.43 16.98 -9.41
C LYS A 27 -0.93 16.60 -8.02
N PRO A 28 -0.82 17.60 -7.13
CA PRO A 28 -0.36 17.38 -5.75
C PRO A 28 -1.37 16.61 -4.92
N LYS A 29 -1.08 15.34 -4.67
CA LYS A 29 -1.96 14.48 -3.88
C LYS A 29 -1.60 14.56 -2.40
N PHE A 30 -2.49 14.04 -1.55
CA PHE A 30 -2.26 14.04 -0.11
C PHE A 30 -2.23 12.62 0.44
N CYS A 31 -1.20 12.31 1.21
CA CYS A 31 -1.05 10.99 1.80
C CYS A 31 -2.25 10.65 2.69
N ASP A 32 -2.55 9.37 2.79
CA ASP A 32 -3.67 8.91 3.61
C ASP A 32 -3.20 8.56 5.02
N VAL A 33 -1.89 8.59 5.23
CA VAL A 33 -1.32 8.28 6.53
C VAL A 33 -0.72 9.53 7.18
N CYS A 34 0.27 10.12 6.53
CA CYS A 34 0.93 11.31 7.04
C CYS A 34 0.12 12.57 6.69
N ALA A 35 -0.64 12.49 5.59
CA ALA A 35 -1.45 13.61 5.16
C ALA A 35 -0.59 14.79 4.75
N ARG A 36 0.48 14.51 4.02
CA ARG A 36 1.39 15.56 3.56
C ARG A 36 1.49 15.56 2.03
N MET A 37 1.23 16.71 1.43
CA MET A 37 1.29 16.85 -0.02
C MET A 37 2.53 16.15 -0.58
N ILE A 38 2.31 15.20 -1.49
CA ILE A 38 3.40 14.47 -2.10
C ILE A 38 3.98 15.22 -3.30
N VAL A 39 4.96 16.09 -3.03
CA VAL A 39 5.59 16.86 -4.08
C VAL A 39 7.11 16.79 -3.98
N LEU A 40 7.59 16.19 -2.90
CA LEU A 40 9.03 16.05 -2.67
C LEU A 40 9.77 15.91 -4.00
N ASN A 41 9.45 14.87 -4.74
CA ASN A 41 10.09 14.61 -6.04
C ASN A 41 9.05 14.21 -7.08
N ASN A 42 8.82 15.08 -8.05
CA ASN A 42 7.85 14.81 -9.12
C ASN A 42 6.67 14.01 -8.59
N LYS A 43 6.08 14.50 -7.49
CA LYS A 43 4.94 13.83 -6.89
C LYS A 43 5.03 12.32 -7.06
N PHE A 44 6.21 11.76 -6.81
CA PHE A 44 6.42 10.33 -6.94
C PHE A 44 6.17 9.61 -5.63
N GLY A 45 5.15 8.77 -5.61
CA GLY A 45 4.82 8.02 -4.39
C GLY A 45 4.40 6.60 -4.68
N LEU A 46 3.33 6.16 -4.05
CA LEU A 46 2.83 4.80 -4.23
C LEU A 46 1.30 4.79 -4.31
N ARG A 47 0.77 4.08 -5.30
CA ARG A 47 -0.67 3.98 -5.48
C ARG A 47 -1.15 2.53 -5.34
N CYS A 48 -2.11 2.31 -4.47
CA CYS A 48 -2.65 0.99 -4.24
C CYS A 48 -3.60 0.58 -5.37
N LYS A 49 -3.35 -0.59 -5.95
CA LYS A 49 -4.17 -1.09 -7.05
C LYS A 49 -5.45 -1.73 -6.51
N ASN A 50 -5.76 -1.45 -5.25
CA ASN A 50 -6.96 -2.01 -4.62
C ASN A 50 -7.88 -0.90 -4.12
N CYS A 51 -7.29 0.11 -3.49
CA CYS A 51 -8.04 1.24 -2.96
C CYS A 51 -7.64 2.55 -3.65
N LYS A 52 -6.52 2.51 -4.36
CA LYS A 52 -6.02 3.68 -5.06
C LYS A 52 -5.67 4.80 -4.09
N THR A 53 -4.84 4.47 -3.10
CA THR A 53 -4.43 5.44 -2.09
C THR A 53 -3.00 5.91 -2.33
N ASN A 54 -2.78 7.21 -2.23
CA ASN A 54 -1.45 7.78 -2.43
C ASN A 54 -0.70 7.89 -1.11
N ILE A 55 0.54 7.39 -1.11
CA ILE A 55 1.37 7.42 0.08
C ILE A 55 2.86 7.46 -0.28
N HIS A 56 3.66 8.05 0.60
CA HIS A 56 5.10 8.15 0.37
C HIS A 56 5.76 6.78 0.42
N GLU A 57 6.96 6.67 -0.12
CA GLU A 57 7.70 5.42 -0.14
C GLU A 57 7.94 4.91 1.28
N HIS A 58 7.65 5.76 2.27
CA HIS A 58 7.84 5.41 3.66
C HIS A 58 6.49 5.26 4.37
N CYS A 59 5.50 6.00 3.90
CA CYS A 59 4.17 5.96 4.48
C CYS A 59 3.50 4.62 4.20
N GLN A 60 4.19 3.76 3.48
CA GLN A 60 3.66 2.44 3.14
C GLN A 60 3.80 1.48 4.32
N SER A 61 4.98 1.46 4.92
CA SER A 61 5.25 0.57 6.06
C SER A 61 4.34 0.93 7.24
N TYR A 62 3.61 2.03 7.10
CA TYR A 62 2.72 2.49 8.16
C TYR A 62 1.43 1.67 8.17
N VAL A 63 0.90 1.39 6.98
CA VAL A 63 -0.33 0.61 6.86
C VAL A 63 -0.02 -0.86 6.62
N GLU A 64 1.26 -1.18 6.53
CA GLU A 64 1.69 -2.56 6.31
C GLU A 64 1.01 -3.51 7.31
N MET A 65 0.73 -2.99 8.50
CA MET A 65 0.07 -3.79 9.55
C MET A 65 -1.43 -3.56 9.54
N GLN A 66 -1.96 -3.18 8.38
CA GLN A 66 -3.39 -2.92 8.24
C GLN A 66 -3.97 -3.69 7.06
N ARG A 67 -5.29 -3.68 6.94
CA ARG A 67 -5.97 -4.38 5.86
C ARG A 67 -6.43 -3.39 4.78
N CYS A 68 -6.40 -3.84 3.53
CA CYS A 68 -6.82 -3.00 2.41
C CYS A 68 -8.25 -3.31 1.99
N SER A 69 -9.17 -2.41 2.30
CA SER A 69 -10.57 -2.59 1.97
C SER A 69 -10.80 -2.44 0.46
N GLY A 70 -10.45 -1.26 -0.06
CA GLY A 70 -10.62 -1.01 -1.49
C GLY A 70 -12.07 -0.92 -1.89
N PRO A 71 -12.73 0.19 -1.51
CA PRO A 71 -14.14 0.42 -1.83
C PRO A 71 -14.37 0.68 -3.32
N SER A 72 -14.80 -0.37 -4.02
CA SER A 72 -15.05 -0.27 -5.46
C SER A 72 -16.34 0.51 -5.73
N SER A 73 -17.42 0.09 -5.09
CA SER A 73 -18.72 0.74 -5.25
C SER A 73 -19.52 0.70 -3.96
N GLY A 74 -20.59 1.49 -3.91
CA GLY A 74 -21.42 1.53 -2.73
C GLY A 74 -22.83 2.02 -3.02
ZN ZN B . -5.10 -0.54 -0.51
ZN ZN C . 3.38 10.55 3.28
N GLY A 1 -6.08 -34.76 14.05
CA GLY A 1 -6.93 -33.88 14.82
C GLY A 1 -7.73 -34.63 15.86
N SER A 2 -7.38 -34.44 17.12
CA SER A 2 -8.08 -35.11 18.23
C SER A 2 -8.14 -34.20 19.46
N SER A 3 -9.36 -33.88 19.89
CA SER A 3 -9.55 -33.02 21.05
C SER A 3 -8.70 -31.76 20.95
N GLY A 4 -8.67 -31.16 19.76
CA GLY A 4 -7.89 -29.96 19.55
C GLY A 4 -8.33 -28.83 20.45
N SER A 5 -7.49 -28.49 21.43
CA SER A 5 -7.80 -27.41 22.36
C SER A 5 -7.66 -26.05 21.69
N SER A 6 -8.73 -25.59 21.06
CA SER A 6 -8.73 -24.31 20.38
C SER A 6 -9.64 -23.30 21.09
N GLY A 7 -9.08 -22.62 22.09
CA GLY A 7 -9.85 -21.66 22.85
C GLY A 7 -9.19 -20.29 22.87
N GLU A 8 -9.04 -19.69 21.69
CA GLU A 8 -8.41 -18.38 21.58
C GLU A 8 -8.66 -17.77 20.19
N PRO A 9 -8.66 -16.44 20.12
CA PRO A 9 -8.89 -15.71 18.87
C PRO A 9 -7.72 -15.86 17.90
N PRO A 10 -8.06 -16.16 16.63
CA PRO A 10 -7.05 -16.34 15.57
C PRO A 10 -6.38 -15.04 15.19
N LYS A 11 -5.43 -15.11 14.25
CA LYS A 11 -4.71 -13.92 13.79
C LYS A 11 -5.40 -13.31 12.58
N LEU A 12 -6.64 -12.90 12.76
CA LEU A 12 -7.41 -12.29 11.68
C LEU A 12 -7.05 -10.81 11.51
N VAL A 13 -5.79 -10.56 11.15
CA VAL A 13 -5.32 -9.20 10.95
C VAL A 13 -4.44 -9.09 9.71
N ASN A 14 -4.55 -7.95 9.01
CA ASN A 14 -3.76 -7.74 7.80
C ASN A 14 -3.97 -8.87 6.80
N ASP A 15 -5.23 -9.21 6.55
CA ASP A 15 -5.56 -10.28 5.62
C ASP A 15 -5.14 -9.91 4.20
N LYS A 16 -5.43 -8.68 3.81
CA LYS A 16 -5.08 -8.19 2.47
C LYS A 16 -4.29 -6.89 2.56
N PRO A 17 -2.95 -7.02 2.48
CA PRO A 17 -2.05 -5.86 2.55
C PRO A 17 -2.14 -4.99 1.29
N HIS A 18 -2.10 -3.67 1.50
CA HIS A 18 -2.18 -2.73 0.38
C HIS A 18 -1.13 -3.05 -0.67
N LYS A 19 -1.53 -2.98 -1.93
CA LYS A 19 -0.61 -3.27 -3.04
C LYS A 19 -0.38 -2.02 -3.88
N PHE A 20 0.50 -1.14 -3.40
CA PHE A 20 0.82 0.10 -4.11
C PHE A 20 1.83 -0.16 -5.23
N LYS A 21 2.04 0.85 -6.07
CA LYS A 21 2.98 0.74 -7.17
C LYS A 21 3.59 2.09 -7.50
N ASP A 22 4.91 2.11 -7.69
CA ASP A 22 5.61 3.34 -8.02
C ASP A 22 4.99 4.02 -9.24
N HIS A 23 4.25 5.10 -9.00
CA HIS A 23 3.59 5.83 -10.08
C HIS A 23 3.67 7.33 -9.85
N PHE A 24 3.59 8.11 -10.93
CA PHE A 24 3.65 9.56 -10.83
C PHE A 24 2.26 10.18 -10.91
N PHE A 25 1.92 11.00 -9.92
CA PHE A 25 0.62 11.65 -9.88
C PHE A 25 0.69 13.04 -10.52
N LYS A 26 0.26 13.11 -11.77
CA LYS A 26 0.27 14.38 -12.50
C LYS A 26 -0.07 15.55 -11.58
N LYS A 27 -1.01 15.32 -10.67
CA LYS A 27 -1.42 16.35 -9.72
C LYS A 27 -0.91 16.02 -8.32
N PRO A 28 -0.71 17.07 -7.50
CA PRO A 28 -0.23 16.91 -6.12
C PRO A 28 -1.28 16.29 -5.21
N LYS A 29 -1.09 15.01 -4.91
CA LYS A 29 -2.02 14.28 -4.05
C LYS A 29 -1.61 14.42 -2.58
N PHE A 30 -2.48 13.94 -1.69
CA PHE A 30 -2.21 14.01 -0.26
C PHE A 30 -2.18 12.60 0.35
N CYS A 31 -1.20 12.36 1.22
CA CYS A 31 -1.08 11.07 1.86
C CYS A 31 -2.26 10.80 2.80
N ASP A 32 -2.58 9.52 2.97
CA ASP A 32 -3.70 9.13 3.83
C ASP A 32 -3.19 8.78 5.23
N VAL A 33 -1.88 8.65 5.37
CA VAL A 33 -1.28 8.31 6.65
C VAL A 33 -0.65 9.54 7.30
N CYS A 34 0.37 10.10 6.66
CA CYS A 34 1.05 11.28 7.17
C CYS A 34 0.23 12.54 6.92
N ALA A 35 -0.51 12.54 5.81
CA ALA A 35 -1.34 13.68 5.45
C ALA A 35 -0.49 14.85 4.98
N ARG A 36 0.54 14.56 4.19
CA ARG A 36 1.43 15.59 3.68
C ARG A 36 1.46 15.56 2.15
N MET A 37 1.16 16.71 1.54
CA MET A 37 1.16 16.81 0.08
C MET A 37 2.40 16.16 -0.51
N ILE A 38 2.18 15.18 -1.39
CA ILE A 38 3.27 14.47 -2.03
C ILE A 38 3.73 15.20 -3.29
N VAL A 39 4.69 16.10 -3.13
CA VAL A 39 5.24 16.86 -4.26
C VAL A 39 6.75 16.83 -4.28
N LEU A 40 7.35 16.65 -3.10
CA LEU A 40 8.80 16.60 -2.98
C LEU A 40 9.42 15.89 -4.17
N ASN A 41 9.19 14.58 -4.28
CA ASN A 41 9.72 13.79 -5.38
C ASN A 41 8.88 14.00 -6.65
N ASN A 42 8.76 15.24 -7.08
CA ASN A 42 8.00 15.56 -8.27
C ASN A 42 6.68 14.79 -8.30
N LYS A 43 6.04 14.69 -7.14
CA LYS A 43 4.77 13.98 -7.03
C LYS A 43 4.95 12.49 -7.33
N PHE A 44 5.92 11.87 -6.68
CA PHE A 44 6.20 10.45 -6.88
C PHE A 44 6.12 9.69 -5.56
N GLY A 45 5.17 8.76 -5.48
CA GLY A 45 5.01 7.98 -4.27
C GLY A 45 4.55 6.56 -4.55
N LEU A 46 3.38 6.21 -4.04
CA LEU A 46 2.82 4.87 -4.23
C LEU A 46 1.30 4.92 -4.24
N ARG A 47 0.69 4.27 -5.23
CA ARG A 47 -0.76 4.23 -5.35
C ARG A 47 -1.27 2.80 -5.26
N CYS A 48 -2.20 2.56 -4.34
CA CYS A 48 -2.77 1.23 -4.15
C CYS A 48 -3.48 0.77 -5.42
N LYS A 49 -3.87 -0.51 -5.44
CA LYS A 49 -4.56 -1.08 -6.60
C LYS A 49 -6.05 -1.22 -6.32
N ASN A 50 -6.41 -1.37 -5.05
CA ASN A 50 -7.80 -1.51 -4.65
C ASN A 50 -8.40 -0.16 -4.27
N CYS A 51 -7.85 0.44 -3.21
CA CYS A 51 -8.33 1.73 -2.73
C CYS A 51 -7.65 2.87 -3.49
N LYS A 52 -6.62 2.53 -4.26
CA LYS A 52 -5.88 3.53 -5.03
C LYS A 52 -5.54 4.73 -4.17
N THR A 53 -4.89 4.49 -3.04
CA THR A 53 -4.50 5.56 -2.13
C THR A 53 -3.05 5.98 -2.36
N ASN A 54 -2.80 7.28 -2.26
CA ASN A 54 -1.45 7.82 -2.46
C ASN A 54 -0.70 7.91 -1.14
N ILE A 55 0.53 7.44 -1.13
CA ILE A 55 1.36 7.47 0.07
C ILE A 55 2.84 7.50 -0.28
N HIS A 56 3.64 8.13 0.57
CA HIS A 56 5.08 8.25 0.36
C HIS A 56 5.73 6.86 0.42
N GLU A 57 6.93 6.76 -0.14
CA GLU A 57 7.67 5.50 -0.15
C GLU A 57 7.94 5.02 1.27
N HIS A 58 7.67 5.89 2.25
CA HIS A 58 7.89 5.55 3.65
C HIS A 58 6.55 5.36 4.37
N CYS A 59 5.53 6.08 3.92
CA CYS A 59 4.21 6.00 4.52
C CYS A 59 3.56 4.66 4.22
N GLN A 60 4.28 3.82 3.47
CA GLN A 60 3.76 2.50 3.12
C GLN A 60 3.94 1.52 4.27
N SER A 61 5.13 1.50 4.86
CA SER A 61 5.41 0.61 5.98
C SER A 61 4.51 0.92 7.17
N TYR A 62 3.76 2.01 7.07
CA TYR A 62 2.86 2.41 8.14
C TYR A 62 1.59 1.57 8.12
N VAL A 63 1.08 1.29 6.93
CA VAL A 63 -0.13 0.49 6.77
C VAL A 63 0.21 -0.96 6.47
N GLU A 64 1.49 -1.25 6.30
CA GLU A 64 1.95 -2.60 6.01
C GLU A 64 1.29 -3.61 6.93
N MET A 65 1.01 -3.19 8.16
CA MET A 65 0.38 -4.05 9.15
C MET A 65 -1.12 -3.77 9.24
N GLN A 66 -1.71 -3.35 8.13
CA GLN A 66 -3.13 -3.05 8.09
C GLN A 66 -3.78 -3.65 6.84
N ARG A 67 -5.09 -3.86 6.90
CA ARG A 67 -5.84 -4.43 5.79
C ARG A 67 -6.38 -3.33 4.88
N CYS A 68 -6.36 -3.58 3.57
CA CYS A 68 -6.85 -2.62 2.60
C CYS A 68 -8.36 -2.75 2.41
N SER A 69 -9.06 -1.62 2.45
CA SER A 69 -10.50 -1.61 2.29
C SER A 69 -10.93 -0.51 1.33
N GLY A 70 -11.00 -0.84 0.05
CA GLY A 70 -11.40 0.12 -0.96
C GLY A 70 -12.69 -0.25 -1.65
N PRO A 71 -13.11 0.57 -2.62
CA PRO A 71 -14.35 0.34 -3.38
C PRO A 71 -14.24 -0.87 -4.31
N SER A 72 -13.15 -1.63 -4.16
CA SER A 72 -12.93 -2.80 -4.99
C SER A 72 -12.71 -4.04 -4.12
N SER A 73 -13.25 -5.17 -4.55
CA SER A 73 -13.10 -6.43 -3.82
C SER A 73 -12.74 -7.57 -4.76
N GLY A 74 -12.18 -8.64 -4.19
CA GLY A 74 -11.80 -9.78 -5.00
C GLY A 74 -10.88 -10.72 -4.26
ZN ZN B . -5.34 -0.09 -0.40
ZN ZN C . 3.37 10.58 3.29
N GLY A 1 4.40 -11.34 -4.46
CA GLY A 1 4.43 -11.99 -5.77
C GLY A 1 5.77 -11.84 -6.45
N SER A 2 6.44 -12.96 -6.69
CA SER A 2 7.74 -12.96 -7.34
C SER A 2 7.82 -14.04 -8.41
N SER A 3 7.82 -13.62 -9.68
CA SER A 3 7.88 -14.56 -10.80
C SER A 3 9.23 -15.26 -10.84
N GLY A 4 9.34 -16.37 -10.12
CA GLY A 4 10.58 -17.12 -10.09
C GLY A 4 11.80 -16.22 -9.99
N SER A 5 11.97 -15.59 -8.84
CA SER A 5 13.10 -14.69 -8.61
C SER A 5 13.54 -14.72 -7.16
N SER A 6 14.75 -15.24 -6.92
CA SER A 6 15.29 -15.33 -5.56
C SER A 6 15.16 -13.99 -4.84
N GLY A 7 14.35 -13.97 -3.79
CA GLY A 7 14.15 -12.75 -3.03
C GLY A 7 13.54 -13.02 -1.66
N GLU A 8 14.23 -13.81 -0.85
CA GLU A 8 13.74 -14.15 0.48
C GLU A 8 13.01 -12.96 1.10
N PRO A 9 11.67 -12.98 1.01
CA PRO A 9 10.83 -11.92 1.56
C PRO A 9 10.82 -11.91 3.09
N PRO A 10 10.43 -10.77 3.67
CA PRO A 10 10.36 -10.61 5.12
C PRO A 10 9.25 -11.43 5.76
N LYS A 11 9.15 -11.37 7.08
CA LYS A 11 8.12 -12.11 7.80
C LYS A 11 6.95 -11.21 8.15
N LEU A 12 5.78 -11.50 7.57
CA LEU A 12 4.58 -10.72 7.81
C LEU A 12 3.37 -11.35 7.13
N VAL A 13 2.26 -11.40 7.84
CA VAL A 13 1.03 -11.97 7.31
C VAL A 13 -0.13 -10.98 7.40
N ASN A 14 -1.10 -11.12 6.49
CA ASN A 14 -2.26 -10.24 6.48
C ASN A 14 -3.32 -10.77 5.52
N ASP A 15 -4.51 -10.19 5.59
CA ASP A 15 -5.62 -10.59 4.74
C ASP A 15 -5.70 -9.72 3.49
N LYS A 16 -5.96 -8.44 3.70
CA LYS A 16 -6.06 -7.48 2.60
C LYS A 16 -4.94 -6.46 2.65
N PRO A 17 -3.70 -6.91 2.38
CA PRO A 17 -2.51 -6.05 2.39
C PRO A 17 -2.51 -5.06 1.24
N HIS A 18 -2.33 -3.78 1.56
CA HIS A 18 -2.30 -2.72 0.55
C HIS A 18 -1.22 -3.00 -0.49
N LYS A 19 -1.58 -2.91 -1.76
CA LYS A 19 -0.64 -3.14 -2.85
C LYS A 19 -0.46 -1.88 -3.69
N PHE A 20 0.64 -1.17 -3.46
CA PHE A 20 0.91 0.06 -4.20
C PHE A 20 1.93 -0.21 -5.33
N LYS A 21 2.17 0.80 -6.15
CA LYS A 21 3.10 0.68 -7.26
C LYS A 21 3.73 2.03 -7.59
N ASP A 22 5.01 2.02 -7.95
CA ASP A 22 5.72 3.24 -8.29
C ASP A 22 5.05 3.94 -9.48
N HIS A 23 4.32 5.01 -9.19
CA HIS A 23 3.64 5.77 -10.23
C HIS A 23 3.71 7.27 -9.95
N PHE A 24 3.55 8.07 -11.00
CA PHE A 24 3.61 9.52 -10.86
C PHE A 24 2.20 10.13 -10.89
N PHE A 25 1.86 10.85 -9.83
CA PHE A 25 0.54 11.47 -9.73
C PHE A 25 0.53 12.82 -10.45
N LYS A 26 -0.18 12.88 -11.57
CA LYS A 26 -0.27 14.11 -12.35
C LYS A 26 -0.53 15.31 -11.45
N LYS A 27 -1.45 15.14 -10.51
CA LYS A 27 -1.80 16.21 -9.57
C LYS A 27 -1.27 15.90 -8.18
N PRO A 28 -1.02 16.95 -7.39
CA PRO A 28 -0.52 16.82 -6.02
C PRO A 28 -1.56 16.24 -5.07
N LYS A 29 -1.43 14.95 -4.77
CA LYS A 29 -2.36 14.29 -3.87
C LYS A 29 -1.89 14.40 -2.42
N PHE A 30 -2.76 14.02 -1.49
CA PHE A 30 -2.44 14.08 -0.07
C PHE A 30 -2.39 12.68 0.54
N CYS A 31 -1.39 12.45 1.38
CA CYS A 31 -1.22 11.15 2.02
C CYS A 31 -2.38 10.86 2.98
N ASP A 32 -2.48 9.61 3.42
CA ASP A 32 -3.54 9.20 4.33
C ASP A 32 -2.99 8.92 5.73
N VAL A 33 -1.68 8.67 5.79
CA VAL A 33 -1.02 8.39 7.07
C VAL A 33 -0.39 9.64 7.65
N CYS A 34 0.47 10.28 6.87
CA CYS A 34 1.15 11.49 7.31
C CYS A 34 0.28 12.72 7.06
N ALA A 35 -0.49 12.69 5.98
CA ALA A 35 -1.37 13.79 5.63
C ALA A 35 -0.58 14.97 5.09
N ARG A 36 0.41 14.69 4.25
CA ARG A 36 1.24 15.73 3.67
C ARG A 36 1.23 15.65 2.14
N MET A 37 0.86 16.76 1.49
CA MET A 37 0.81 16.81 0.04
C MET A 37 2.06 16.19 -0.57
N ILE A 38 1.85 15.21 -1.45
CA ILE A 38 2.96 14.53 -2.11
C ILE A 38 3.37 15.25 -3.38
N VAL A 39 4.45 16.01 -3.31
CA VAL A 39 4.94 16.75 -4.46
C VAL A 39 6.43 16.49 -4.69
N LEU A 40 7.14 16.18 -3.62
CA LEU A 40 8.57 15.90 -3.70
C LEU A 40 8.85 14.74 -4.65
N ASN A 41 10.02 14.77 -5.28
CA ASN A 41 10.40 13.71 -6.22
C ASN A 41 9.44 13.66 -7.40
N ASN A 42 9.07 14.83 -7.92
CA ASN A 42 8.16 14.92 -9.04
C ASN A 42 6.86 14.17 -8.76
N LYS A 43 6.32 14.37 -7.56
CA LYS A 43 5.08 13.72 -7.15
C LYS A 43 5.21 12.20 -7.28
N PHE A 44 6.33 11.66 -6.82
CA PHE A 44 6.56 10.22 -6.87
C PHE A 44 6.29 9.57 -5.51
N GLY A 45 5.35 8.64 -5.49
CA GLY A 45 5.02 7.96 -4.24
C GLY A 45 4.53 6.55 -4.48
N LEU A 46 3.50 6.15 -3.74
CA LEU A 46 2.95 4.80 -3.86
C LEU A 46 1.43 4.85 -3.96
N ARG A 47 0.89 4.37 -5.08
CA ARG A 47 -0.55 4.36 -5.29
C ARG A 47 -1.10 2.93 -5.22
N CYS A 48 -2.08 2.73 -4.36
CA CYS A 48 -2.69 1.42 -4.21
C CYS A 48 -3.60 1.09 -5.38
N LYS A 49 -3.33 -0.04 -6.03
CA LYS A 49 -4.12 -0.48 -7.18
C LYS A 49 -5.43 -1.12 -6.73
N ASN A 50 -5.78 -0.91 -5.46
CA ASN A 50 -7.01 -1.47 -4.91
C ASN A 50 -7.91 -0.35 -4.38
N CYS A 51 -7.37 0.46 -3.48
CA CYS A 51 -8.13 1.57 -2.90
C CYS A 51 -7.74 2.90 -3.54
N LYS A 52 -6.65 2.88 -4.29
CA LYS A 52 -6.17 4.09 -4.96
C LYS A 52 -5.78 5.15 -3.95
N THR A 53 -4.97 4.78 -2.98
CA THR A 53 -4.52 5.71 -1.95
C THR A 53 -3.09 6.18 -2.21
N ASN A 54 -2.78 7.40 -1.75
CA ASN A 54 -1.45 7.96 -1.94
C ASN A 54 -0.68 7.96 -0.63
N ILE A 55 0.57 7.49 -0.68
CA ILE A 55 1.41 7.44 0.52
C ILE A 55 2.89 7.46 0.13
N HIS A 56 3.69 8.16 0.93
CA HIS A 56 5.12 8.26 0.68
C HIS A 56 5.80 6.89 0.85
N GLU A 57 6.98 6.76 0.28
CA GLU A 57 7.73 5.51 0.36
C GLU A 57 7.91 5.08 1.82
N HIS A 58 7.68 6.00 2.74
CA HIS A 58 7.81 5.72 4.16
C HIS A 58 6.44 5.60 4.82
N CYS A 59 5.43 6.23 4.23
CA CYS A 59 4.08 6.19 4.75
C CYS A 59 3.43 4.83 4.49
N GLN A 60 4.21 3.92 3.92
CA GLN A 60 3.72 2.57 3.61
C GLN A 60 4.03 1.61 4.75
N SER A 61 5.16 1.82 5.40
CA SER A 61 5.58 0.95 6.50
C SER A 61 4.51 0.91 7.59
N TYR A 62 3.87 2.04 7.84
CA TYR A 62 2.83 2.13 8.85
C TYR A 62 1.58 1.40 8.40
N VAL A 63 1.39 1.29 7.09
CA VAL A 63 0.23 0.61 6.52
C VAL A 63 0.66 -0.65 5.76
N GLU A 64 1.72 -1.30 6.24
CA GLU A 64 2.22 -2.50 5.60
C GLU A 64 1.35 -3.71 5.95
N MET A 65 0.87 -3.74 7.20
CA MET A 65 0.03 -4.84 7.66
C MET A 65 -1.41 -4.36 7.87
N GLN A 66 -1.79 -3.31 7.15
CA GLN A 66 -3.14 -2.76 7.25
C GLN A 66 -4.07 -3.40 6.23
N ARG A 67 -5.37 -3.37 6.52
CA ARG A 67 -6.36 -3.95 5.63
C ARG A 67 -6.79 -2.95 4.56
N CYS A 68 -6.88 -3.42 3.32
CA CYS A 68 -7.28 -2.56 2.21
C CYS A 68 -8.76 -2.72 1.90
N SER A 69 -9.57 -1.79 2.41
CA SER A 69 -11.01 -1.83 2.19
C SER A 69 -11.34 -1.73 0.69
N GLY A 70 -10.60 -0.87 0.00
CA GLY A 70 -10.83 -0.69 -1.43
C GLY A 70 -11.61 0.57 -1.74
N PRO A 71 -12.66 0.43 -2.55
CA PRO A 71 -13.52 1.55 -2.95
C PRO A 71 -14.37 2.06 -1.79
N SER A 72 -14.96 3.25 -1.97
CA SER A 72 -15.79 3.85 -0.94
C SER A 72 -17.25 3.90 -1.38
N SER A 73 -18.15 3.96 -0.41
CA SER A 73 -19.58 4.01 -0.70
C SER A 73 -20.07 5.45 -0.80
N GLY A 74 -20.34 5.89 -2.03
CA GLY A 74 -20.80 7.24 -2.26
C GLY A 74 -19.82 8.06 -3.08
ZN ZN B . -5.14 -0.22 -0.44
ZN ZN C . 3.26 10.73 3.34
N GLY A 1 3.06 -41.48 -3.70
CA GLY A 1 2.69 -41.37 -2.31
C GLY A 1 3.49 -40.31 -1.57
N SER A 2 3.06 -39.05 -1.71
CA SER A 2 3.75 -37.94 -1.06
C SER A 2 2.82 -37.22 -0.09
N SER A 3 3.38 -36.69 0.99
CA SER A 3 2.61 -35.98 2.00
C SER A 3 3.53 -35.35 3.04
N GLY A 4 2.97 -34.42 3.81
CA GLY A 4 3.76 -33.75 4.84
C GLY A 4 3.21 -32.38 5.17
N SER A 5 3.58 -31.86 6.34
CA SER A 5 3.13 -30.56 6.79
C SER A 5 4.18 -29.49 6.49
N SER A 6 3.75 -28.23 6.41
CA SER A 6 4.64 -27.12 6.14
C SER A 6 4.68 -26.14 7.30
N GLY A 7 5.71 -25.30 7.33
CA GLY A 7 5.83 -24.33 8.40
C GLY A 7 4.62 -23.43 8.53
N GLU A 8 4.36 -22.95 9.74
CA GLU A 8 3.22 -22.08 9.99
C GLU A 8 3.66 -20.64 10.20
N PRO A 9 2.95 -19.70 9.55
CA PRO A 9 3.26 -18.27 9.65
C PRO A 9 2.94 -17.70 11.03
N PRO A 10 3.84 -16.86 11.55
CA PRO A 10 3.67 -16.23 12.87
C PRO A 10 2.56 -15.19 12.88
N LYS A 11 1.67 -15.28 11.89
CA LYS A 11 0.55 -14.35 11.79
C LYS A 11 1.04 -12.93 11.54
N LEU A 12 1.92 -12.78 10.56
CA LEU A 12 2.48 -11.46 10.22
C LEU A 12 1.75 -10.86 9.02
N VAL A 13 0.95 -11.68 8.35
CA VAL A 13 0.20 -11.23 7.19
C VAL A 13 -1.15 -10.64 7.60
N ASN A 14 -1.75 -9.87 6.70
CA ASN A 14 -3.05 -9.25 6.97
C ASN A 14 -4.10 -9.73 5.97
N ASP A 15 -5.36 -9.55 6.35
CA ASP A 15 -6.47 -9.97 5.49
C ASP A 15 -6.25 -9.52 4.05
N LYS A 16 -6.12 -8.21 3.86
CA LYS A 16 -5.90 -7.65 2.54
C LYS A 16 -4.80 -6.59 2.57
N PRO A 17 -3.56 -7.01 2.28
CA PRO A 17 -2.39 -6.12 2.27
C PRO A 17 -2.43 -5.14 1.11
N HIS A 18 -2.27 -3.86 1.42
CA HIS A 18 -2.28 -2.81 0.40
C HIS A 18 -1.25 -3.10 -0.69
N LYS A 19 -1.63 -2.86 -1.94
CA LYS A 19 -0.75 -3.08 -3.08
C LYS A 19 -0.48 -1.79 -3.84
N PHE A 20 0.64 -1.15 -3.51
CA PHE A 20 1.01 0.10 -4.17
C PHE A 20 2.00 -0.16 -5.30
N LYS A 21 2.30 0.90 -6.07
CA LYS A 21 3.22 0.79 -7.18
C LYS A 21 3.85 2.14 -7.49
N ASP A 22 5.16 2.13 -7.78
CA ASP A 22 5.88 3.36 -8.09
C ASP A 22 5.27 4.06 -9.30
N HIS A 23 4.50 5.12 -9.03
CA HIS A 23 3.85 5.87 -10.10
C HIS A 23 3.93 7.37 -9.83
N PHE A 24 3.90 8.17 -10.89
CA PHE A 24 3.96 9.62 -10.76
C PHE A 24 2.56 10.22 -10.71
N PHE A 25 2.17 10.68 -9.54
CA PHE A 25 0.85 11.29 -9.36
C PHE A 25 0.71 12.55 -10.19
N LYS A 26 0.06 12.43 -11.34
CA LYS A 26 -0.14 13.57 -12.23
C LYS A 26 -0.33 14.86 -11.43
N LYS A 27 -1.07 14.76 -10.34
CA LYS A 27 -1.31 15.92 -9.48
C LYS A 27 -0.90 15.63 -8.04
N PRO A 28 -0.56 16.70 -7.30
CA PRO A 28 -0.14 16.60 -5.91
C PRO A 28 -1.29 16.20 -4.98
N LYS A 29 -1.31 14.94 -4.57
CA LYS A 29 -2.36 14.44 -3.68
C LYS A 29 -1.91 14.51 -2.23
N PHE A 30 -2.85 14.25 -1.32
CA PHE A 30 -2.55 14.28 0.11
C PHE A 30 -2.51 12.87 0.69
N CYS A 31 -1.44 12.57 1.41
CA CYS A 31 -1.27 11.25 2.02
C CYS A 31 -2.40 10.96 3.01
N ASP A 32 -2.54 9.70 3.39
CA ASP A 32 -3.58 9.29 4.32
C ASP A 32 -2.99 9.00 5.70
N VAL A 33 -1.67 8.83 5.75
CA VAL A 33 -0.99 8.55 7.01
C VAL A 33 -0.33 9.80 7.56
N CYS A 34 0.53 10.43 6.76
CA CYS A 34 1.23 11.63 7.16
C CYS A 34 0.38 12.87 6.89
N ALA A 35 -0.40 12.82 5.82
CA ALA A 35 -1.26 13.94 5.44
C ALA A 35 -0.43 15.12 4.93
N ARG A 36 0.55 14.83 4.09
CA ARG A 36 1.40 15.87 3.53
C ARG A 36 1.39 15.82 2.01
N MET A 37 1.09 16.96 1.39
CA MET A 37 1.04 17.05 -0.07
C MET A 37 2.23 16.33 -0.70
N ILE A 38 1.93 15.30 -1.48
CA ILE A 38 2.98 14.52 -2.14
C ILE A 38 3.49 15.23 -3.39
N VAL A 39 4.49 16.09 -3.21
CA VAL A 39 5.07 16.83 -4.32
C VAL A 39 6.53 16.46 -4.52
N LEU A 40 7.20 16.10 -3.43
CA LEU A 40 8.61 15.72 -3.49
C LEU A 40 8.85 14.67 -4.56
N ASN A 41 9.95 14.80 -5.29
CA ASN A 41 10.30 13.86 -6.35
C ASN A 41 9.24 13.86 -7.44
N ASN A 42 8.87 15.05 -7.90
CA ASN A 42 7.86 15.19 -8.94
C ASN A 42 6.62 14.37 -8.61
N LYS A 43 6.12 14.54 -7.39
CA LYS A 43 4.93 13.81 -6.95
C LYS A 43 5.12 12.30 -7.09
N PHE A 44 6.30 11.83 -6.67
CA PHE A 44 6.61 10.40 -6.76
C PHE A 44 6.38 9.72 -5.41
N GLY A 45 5.28 8.96 -5.31
CA GLY A 45 4.96 8.28 -4.07
C GLY A 45 4.54 6.84 -4.31
N LEU A 46 3.44 6.44 -3.68
CA LEU A 46 2.94 5.08 -3.83
C LEU A 46 1.42 5.08 -3.96
N ARG A 47 0.93 4.52 -5.07
CA ARG A 47 -0.51 4.44 -5.31
C ARG A 47 -1.01 3.01 -5.26
N CYS A 48 -2.01 2.77 -4.42
CA CYS A 48 -2.58 1.43 -4.27
C CYS A 48 -3.28 0.99 -5.55
N LYS A 49 -3.75 -0.25 -5.56
CA LYS A 49 -4.45 -0.80 -6.72
C LYS A 49 -5.93 -0.98 -6.44
N ASN A 50 -6.24 -1.43 -5.24
CA ASN A 50 -7.63 -1.65 -4.83
C ASN A 50 -8.28 -0.34 -4.38
N CYS A 51 -7.84 0.16 -3.23
CA CYS A 51 -8.38 1.39 -2.69
C CYS A 51 -7.80 2.61 -3.41
N LYS A 52 -6.68 2.39 -4.11
CA LYS A 52 -6.02 3.46 -4.84
C LYS A 52 -5.70 4.64 -3.93
N THR A 53 -5.01 4.35 -2.83
CA THR A 53 -4.64 5.38 -1.87
C THR A 53 -3.30 6.00 -2.23
N ASN A 54 -3.02 7.16 -1.64
CA ASN A 54 -1.76 7.86 -1.91
C ASN A 54 -0.91 7.96 -0.65
N ILE A 55 0.30 7.42 -0.72
CA ILE A 55 1.21 7.45 0.42
C ILE A 55 2.67 7.48 -0.04
N HIS A 56 3.50 8.16 0.72
CA HIS A 56 4.93 8.27 0.39
C HIS A 56 5.60 6.91 0.49
N GLU A 57 6.83 6.83 -0.02
CA GLU A 57 7.60 5.58 0.01
C GLU A 57 7.81 5.11 1.44
N HIS A 58 7.57 6.01 2.40
CA HIS A 58 7.74 5.68 3.80
C HIS A 58 6.39 5.57 4.50
N CYS A 59 5.39 6.26 3.97
CA CYS A 59 4.05 6.24 4.55
C CYS A 59 3.37 4.90 4.27
N GLN A 60 4.10 3.98 3.65
CA GLN A 60 3.56 2.66 3.34
C GLN A 60 3.86 1.68 4.46
N SER A 61 5.05 1.79 5.04
CA SER A 61 5.47 0.90 6.12
C SER A 61 4.42 0.89 7.23
N TYR A 62 3.87 2.06 7.53
CA TYR A 62 2.86 2.18 8.58
C TYR A 62 1.59 1.43 8.21
N VAL A 63 1.39 1.23 6.91
CA VAL A 63 0.21 0.52 6.42
C VAL A 63 0.60 -0.76 5.70
N GLU A 64 1.73 -1.34 6.10
CA GLU A 64 2.21 -2.58 5.50
C GLU A 64 1.34 -3.76 5.92
N MET A 65 0.86 -3.73 7.15
CA MET A 65 0.01 -4.80 7.67
C MET A 65 -1.39 -4.29 7.97
N GLN A 66 -1.87 -3.34 7.16
CA GLN A 66 -3.19 -2.77 7.35
C GLN A 66 -4.15 -3.23 6.26
N ARG A 67 -5.30 -3.75 6.67
CA ARG A 67 -6.30 -4.24 5.73
C ARG A 67 -6.69 -3.15 4.73
N CYS A 68 -6.71 -3.51 3.45
CA CYS A 68 -7.07 -2.57 2.41
C CYS A 68 -8.58 -2.52 2.21
N SER A 69 -9.07 -1.38 1.74
CA SER A 69 -10.50 -1.20 1.51
C SER A 69 -10.76 -0.70 0.09
N GLY A 70 -10.59 -1.59 -0.88
CA GLY A 70 -10.81 -1.22 -2.27
C GLY A 70 -11.47 -2.34 -3.07
N PRO A 71 -12.37 -1.96 -3.99
CA PRO A 71 -13.09 -2.93 -4.83
C PRO A 71 -12.18 -3.57 -5.86
N SER A 72 -11.70 -4.78 -5.55
CA SER A 72 -10.82 -5.51 -6.44
C SER A 72 -11.32 -6.94 -6.67
N SER A 73 -11.90 -7.17 -7.85
CA SER A 73 -12.42 -8.49 -8.18
C SER A 73 -11.46 -9.25 -9.08
N GLY A 74 -11.21 -10.51 -8.73
CA GLY A 74 -10.30 -11.33 -9.51
C GLY A 74 -10.63 -11.31 -11.00
ZN ZN B . -5.14 -0.21 -0.51
ZN ZN C . 3.26 10.80 3.17
#